data_4BNL
#
_entry.id   4BNL
#
_cell.length_a   89.810
_cell.length_b   94.510
_cell.length_c   94.930
_cell.angle_alpha   97.92
_cell.angle_beta   112.85
_cell.angle_gamma   97.02
#
_symmetry.space_group_name_H-M   'P 1'
#
loop_
_entity.id
_entity.type
_entity.pdbx_description
1 polymer 'ENOYL-[ACYL-CARRIER-PROTEIN] REDUCTASE [NADPH]'
2 non-polymer 'NADP NICOTINAMIDE-ADENINE-DINUCLEOTIDE PHOSPHATE'
3 non-polymer 2-PHENOXY-5-(2-PROPENYL)PHENOL
4 non-polymer 'GLUTAMIC ACID'
5 water water
#
_entity_poly.entity_id   1
_entity_poly.type   'polypeptide(L)'
_entity_poly.pdbx_seq_one_letter_code
;MKHHHHHHPMSDYDIPTTENLYFQGAMVNLENKTYVIMGIANKRSIAFGVAKVLDQLGAKLVFTYRKERSRKELEKLLEQ
LNQPEAHLYQIDVQSDEEVINGFEQIGKDVGNIDGVYHSIAFANMEDLRGRFSETSREGFLLAQDISSYSLTIVAHEAKK
LMPEGGSIVATTYLGGEFAVQNYNVMGVAKASLEANVKYLALDLGPDNIRVNAISAGPIRTLSAKGVGGFNTILKEIEER
APLKRNVDQVEVGKTAAYLLSDLSSGVTGENIHVDSGFHAIK
;
_entity_poly.pdbx_strand_id   A,B,C,D,E,F,G,H
#
# COMPACT_ATOMS: atom_id res chain seq x y z
N ASN A 29 -6.74 -6.81 -37.34
CA ASN A 29 -6.32 -5.39 -37.53
C ASN A 29 -7.45 -4.38 -37.27
N LEU A 30 -7.16 -3.36 -36.46
CA LEU A 30 -8.15 -2.45 -35.91
C LEU A 30 -8.11 -1.03 -36.49
N GLU A 31 -7.49 -0.88 -37.65
CA GLU A 31 -7.43 0.40 -38.32
C GLU A 31 -8.85 0.81 -38.63
N ASN A 32 -9.14 2.11 -38.56
CA ASN A 32 -10.51 2.62 -38.61
C ASN A 32 -11.47 2.16 -37.50
N LYS A 33 -10.96 1.52 -36.45
CA LYS A 33 -11.69 1.44 -35.18
C LYS A 33 -11.25 2.49 -34.15
N THR A 34 -12.17 2.82 -33.23
CA THR A 34 -11.93 3.79 -32.19
C THR A 34 -12.39 3.19 -30.84
N TYR A 35 -11.50 3.17 -29.84
CA TYR A 35 -11.85 2.62 -28.55
C TYR A 35 -11.58 3.68 -27.48
N VAL A 36 -12.40 3.68 -26.43
CA VAL A 36 -12.14 4.49 -25.26
C VAL A 36 -11.60 3.56 -24.17
N ILE A 37 -10.44 3.96 -23.64
CA ILE A 37 -9.80 3.28 -22.55
C ILE A 37 -9.83 4.16 -21.31
N MET A 38 -10.48 3.61 -20.29
CA MET A 38 -10.74 4.24 -19.01
C MET A 38 -9.93 3.61 -17.86
N GLY A 39 -9.07 4.40 -17.22
CA GLY A 39 -8.35 3.92 -16.05
C GLY A 39 -6.86 3.67 -16.21
N ILE A 40 -6.18 4.39 -17.10
CA ILE A 40 -4.72 4.45 -16.96
C ILE A 40 -4.25 5.48 -15.90
N ALA A 41 -3.43 5.03 -14.95
CA ALA A 41 -2.81 5.89 -13.92
C ALA A 41 -1.33 6.03 -14.20
N ASN A 42 -0.71 4.95 -14.70
CA ASN A 42 0.72 4.98 -14.94
C ASN A 42 1.12 3.83 -15.85
N LYS A 43 2.42 3.66 -16.07
CA LYS A 43 2.91 2.67 -17.07
C LYS A 43 2.56 1.24 -16.69
N ARG A 44 2.28 0.99 -15.41
CA ARG A 44 1.98 -0.35 -14.93
CA ARG A 44 1.99 -0.36 -14.99
C ARG A 44 0.49 -0.67 -14.99
N SER A 45 -0.36 0.34 -15.21
CA SER A 45 -1.81 0.10 -15.25
C SER A 45 -2.14 -1.01 -16.24
N ILE A 46 -3.07 -1.89 -15.87
CA ILE A 46 -3.56 -2.88 -16.83
C ILE A 46 -4.03 -2.20 -18.13
N ALA A 47 -4.73 -1.08 -18.00
CA ALA A 47 -5.23 -0.39 -19.20
C ALA A 47 -4.15 0.11 -20.15
N PHE A 48 -2.94 0.37 -19.65
CA PHE A 48 -1.85 0.73 -20.55
C PHE A 48 -1.35 -0.46 -21.37
N GLY A 49 -1.40 -1.66 -20.79
CA GLY A 49 -1.25 -2.92 -21.54
C GLY A 49 -2.25 -3.03 -22.66
N VAL A 50 -3.53 -2.82 -22.36
CA VAL A 50 -4.55 -2.72 -23.40
C VAL A 50 -4.21 -1.65 -24.42
N ALA A 51 -3.82 -0.45 -23.97
CA ALA A 51 -3.53 0.58 -24.96
C ALA A 51 -2.40 0.16 -25.91
N LYS A 52 -1.30 -0.34 -25.38
CA LYS A 52 -0.20 -0.75 -26.25
C LYS A 52 -0.65 -1.69 -27.34
N VAL A 53 -1.39 -2.71 -26.93
CA VAL A 53 -1.80 -3.72 -27.90
C VAL A 53 -2.69 -3.06 -28.96
N LEU A 54 -3.71 -2.32 -28.52
CA LEU A 54 -4.70 -1.80 -29.47
C LEU A 54 -4.02 -0.78 -30.37
N ASP A 55 -3.11 0.00 -29.80
CA ASP A 55 -2.36 0.97 -30.59
C ASP A 55 -1.54 0.24 -31.65
N GLN A 56 -0.89 -0.85 -31.23
CA GLN A 56 -0.08 -1.65 -32.14
C GLN A 56 -0.92 -2.23 -33.27
N LEU A 57 -2.21 -2.46 -33.03
CA LEU A 57 -3.08 -3.05 -34.04
C LEU A 57 -3.81 -2.00 -34.89
N GLY A 58 -3.41 -0.74 -34.73
CA GLY A 58 -3.84 0.32 -35.64
C GLY A 58 -5.10 1.07 -35.25
N ALA A 59 -5.58 0.90 -34.01
CA ALA A 59 -6.76 1.57 -33.50
C ALA A 59 -6.51 3.05 -33.16
N LYS A 60 -7.55 3.87 -33.33
CA LYS A 60 -7.57 5.19 -32.71
C LYS A 60 -8.04 5.03 -31.25
N LEU A 61 -7.32 5.69 -30.35
CA LEU A 61 -7.58 5.56 -28.91
C LEU A 61 -7.93 6.89 -28.24
N VAL A 62 -8.94 6.84 -27.38
CA VAL A 62 -9.38 7.98 -26.58
C VAL A 62 -9.16 7.51 -25.14
N PHE A 63 -8.60 8.36 -24.28
CA PHE A 63 -8.34 7.97 -22.92
C PHE A 63 -9.11 8.79 -21.90
N THR A 64 -9.63 8.16 -20.86
CA THR A 64 -10.17 8.92 -19.76
C THR A 64 -9.40 8.72 -18.44
N TYR A 65 -9.46 9.72 -17.57
CA TYR A 65 -8.70 9.67 -16.31
C TYR A 65 -9.46 10.39 -15.20
N ARG A 66 -9.07 10.12 -13.95
CA ARG A 66 -9.59 10.85 -12.79
C ARG A 66 -8.59 11.88 -12.22
N LYS A 67 -7.45 11.46 -11.70
CA LYS A 67 -6.57 12.38 -11.00
C LYS A 67 -5.70 13.17 -12.00
N GLU A 68 -5.35 14.42 -11.68
CA GLU A 68 -4.39 15.22 -12.44
CA GLU A 68 -4.45 15.16 -12.57
C GLU A 68 -3.13 14.40 -12.74
N ARG A 69 -2.63 13.74 -11.69
CA ARG A 69 -1.38 13.02 -11.77
C ARG A 69 -1.47 11.99 -12.90
N SER A 70 -2.67 11.40 -13.07
CA SER A 70 -2.90 10.40 -14.13
C SER A 70 -2.91 10.99 -15.55
N ARG A 71 -3.47 12.18 -15.73
CA ARG A 71 -3.35 12.85 -17.04
C ARG A 71 -1.88 13.15 -17.38
N LYS A 72 -1.10 13.61 -16.40
CA LYS A 72 0.34 13.84 -16.63
C LYS A 72 1.00 12.56 -17.18
N GLU A 73 0.80 11.44 -16.48
CA GLU A 73 1.40 10.17 -16.89
C GLU A 73 0.93 9.77 -18.29
N LEU A 74 -0.35 9.97 -18.53
CA LEU A 74 -0.94 9.72 -19.84
C LEU A 74 -0.22 10.55 -20.89
N GLU A 75 -0.02 11.83 -20.63
CA GLU A 75 0.68 12.64 -21.63
C GLU A 75 2.05 12.07 -21.99
N LYS A 76 2.74 11.55 -20.98
CA LYS A 76 4.09 10.97 -21.12
C LYS A 76 4.06 9.59 -21.80
N LEU A 77 3.08 8.76 -21.44
CA LEU A 77 2.95 7.43 -22.03
C LEU A 77 2.52 7.50 -23.49
N LEU A 78 1.83 8.54 -23.90
CA LEU A 78 1.47 8.67 -25.31
C LEU A 78 2.66 8.72 -26.27
N GLU A 79 3.78 9.27 -25.81
CA GLU A 79 4.99 9.34 -26.62
C GLU A 79 5.54 7.98 -27.03
N GLN A 80 5.25 6.95 -26.26
CA GLN A 80 5.48 5.58 -26.70
C GLN A 80 4.44 4.99 -27.65
N LEU A 81 3.33 5.67 -27.96
CA LEU A 81 2.34 5.06 -28.85
C LEU A 81 2.33 5.74 -30.21
N ASN A 82 1.50 5.26 -31.12
CA ASN A 82 1.54 5.79 -32.46
C ASN A 82 0.30 6.61 -32.60
N GLN A 83 -0.24 7.10 -31.50
CA GLN A 83 -1.44 7.91 -31.64
C GLN A 83 -1.02 9.26 -32.24
N PRO A 84 -1.61 9.66 -33.38
CA PRO A 84 -1.24 10.99 -33.88
C PRO A 84 -1.79 12.09 -32.97
N GLU A 85 -2.95 11.85 -32.35
CA GLU A 85 -3.60 12.84 -31.50
C GLU A 85 -3.75 12.38 -30.07
N ALA A 86 -3.57 13.32 -29.14
CA ALA A 86 -3.85 13.04 -27.71
C ALA A 86 -5.33 13.30 -27.39
N HIS A 87 -6.16 12.27 -27.29
CA HIS A 87 -7.56 12.47 -26.93
C HIS A 87 -7.81 12.15 -25.45
N LEU A 88 -7.78 13.16 -24.58
CA LEU A 88 -7.79 12.90 -23.13
C LEU A 88 -8.96 13.56 -22.42
N TYR A 89 -9.73 12.79 -21.65
CA TYR A 89 -10.93 13.33 -20.99
C TYR A 89 -10.91 12.99 -19.51
N GLN A 90 -11.10 13.99 -18.65
CA GLN A 90 -11.26 13.74 -17.24
C GLN A 90 -12.66 13.21 -16.94
N ILE A 91 -12.75 11.98 -16.43
CA ILE A 91 -14.05 11.43 -16.08
C ILE A 91 -13.89 10.69 -14.78
N ASP A 92 -14.43 11.30 -13.75
CA ASP A 92 -14.62 10.67 -12.44
C ASP A 92 -15.95 9.95 -12.48
N VAL A 93 -15.89 8.62 -12.40
CA VAL A 93 -17.09 7.86 -12.68
C VAL A 93 -18.06 7.90 -11.49
N GLN A 94 -17.68 8.54 -10.38
CA GLN A 94 -18.66 8.81 -9.33
C GLN A 94 -19.67 9.90 -9.76
N SER A 95 -19.40 10.65 -10.83
CA SER A 95 -20.33 11.70 -11.19
C SER A 95 -21.00 11.44 -12.55
N ASP A 96 -22.33 11.40 -12.52
CA ASP A 96 -23.10 11.14 -13.73
C ASP A 96 -22.80 12.18 -14.76
N GLU A 97 -22.77 13.41 -14.29
CA GLU A 97 -22.55 14.56 -15.14
CA GLU A 97 -22.53 14.59 -15.14
C GLU A 97 -21.23 14.40 -15.90
N GLU A 98 -20.21 13.86 -15.24
CA GLU A 98 -18.89 13.77 -15.86
C GLU A 98 -18.89 12.69 -16.92
N VAL A 99 -19.59 11.58 -16.65
CA VAL A 99 -19.68 10.49 -17.60
C VAL A 99 -20.53 10.92 -18.79
N ILE A 100 -21.71 11.50 -18.51
CA ILE A 100 -22.60 11.94 -19.57
C ILE A 100 -21.88 12.95 -20.48
N ASN A 101 -21.27 13.96 -19.87
CA ASN A 101 -20.61 15.05 -20.60
C ASN A 101 -19.28 14.64 -21.19
N GLY A 102 -18.59 13.67 -20.57
CA GLY A 102 -17.35 13.12 -21.15
C GLY A 102 -17.59 12.39 -22.46
N PHE A 103 -18.54 11.45 -22.43
CA PHE A 103 -18.92 10.71 -23.61
C PHE A 103 -19.55 11.62 -24.68
N GLU A 104 -20.34 12.58 -24.29
CA GLU A 104 -20.84 13.49 -25.29
C GLU A 104 -19.70 14.25 -25.98
N GLN A 105 -18.69 14.71 -25.21
CA GLN A 105 -17.56 15.43 -25.81
C GLN A 105 -16.81 14.50 -26.74
N ILE A 106 -16.58 13.27 -26.30
CA ILE A 106 -15.86 12.29 -27.11
C ILE A 106 -16.56 12.13 -28.46
N GLY A 107 -17.88 12.00 -28.45
CA GLY A 107 -18.62 11.85 -29.70
C GLY A 107 -18.51 13.08 -30.59
N LYS A 108 -18.45 14.26 -30.00
CA LYS A 108 -18.24 15.46 -30.81
C LYS A 108 -16.80 15.54 -31.33
N ASP A 109 -15.83 15.05 -30.58
CA ASP A 109 -14.43 15.13 -31.01
C ASP A 109 -14.03 14.06 -32.00
N VAL A 110 -14.46 12.82 -31.79
CA VAL A 110 -13.98 11.71 -32.63
C VAL A 110 -15.11 10.95 -33.37
N GLY A 111 -16.37 11.26 -33.09
CA GLY A 111 -17.45 10.55 -33.77
C GLY A 111 -17.80 9.27 -33.04
N ASN A 112 -18.48 8.38 -33.74
CA ASN A 112 -18.88 7.08 -33.25
C ASN A 112 -17.68 6.20 -32.94
N ILE A 113 -17.83 5.33 -31.95
CA ILE A 113 -16.74 4.56 -31.40
C ILE A 113 -17.10 3.10 -31.57
N ASP A 114 -16.11 2.23 -31.42
CA ASP A 114 -16.36 0.81 -31.59
C ASP A 114 -16.40 0.05 -30.29
N GLY A 115 -15.90 0.65 -29.21
CA GLY A 115 -16.06 0.00 -27.90
C GLY A 115 -15.37 0.75 -26.78
N VAL A 116 -15.36 0.15 -25.60
CA VAL A 116 -14.85 0.78 -24.40
C VAL A 116 -14.16 -0.30 -23.61
N TYR A 117 -12.95 0.01 -23.13
CA TYR A 117 -12.26 -0.87 -22.18
C TYR A 117 -12.35 -0.20 -20.80
N HIS A 118 -12.97 -0.85 -19.82
CA HIS A 118 -13.16 -0.27 -18.51
C HIS A 118 -12.15 -0.96 -17.56
N SER A 119 -11.29 -0.13 -16.95
CA SER A 119 -10.23 -0.62 -16.09
C SER A 119 -10.23 0.20 -14.80
N ILE A 120 -11.41 0.27 -14.16
CA ILE A 120 -11.60 1.18 -13.02
C ILE A 120 -12.15 0.44 -11.80
N ALA A 121 -11.46 0.56 -10.67
CA ALA A 121 -12.02 0.08 -9.41
C ALA A 121 -11.41 0.91 -8.28
N PHE A 122 -12.05 0.91 -7.10
CA PHE A 122 -11.51 1.59 -5.93
C PHE A 122 -12.11 0.99 -4.65
N ALA A 123 -11.32 0.90 -3.60
CA ALA A 123 -11.83 0.67 -2.25
C ALA A 123 -10.87 1.32 -1.25
N ASN A 124 -11.33 1.65 -0.04
CA ASN A 124 -10.43 2.19 0.97
C ASN A 124 -9.50 1.09 1.48
N MET A 125 -8.25 1.49 1.73
N MET A 125 -8.25 1.46 1.80
CA MET A 125 -7.16 0.60 2.11
CA MET A 125 -7.38 0.63 2.60
C MET A 125 -7.55 -0.39 3.19
C MET A 125 -8.05 0.21 3.89
N GLU A 126 -8.09 0.11 4.30
N GLU A 126 -8.63 1.23 4.51
CA GLU A 126 -8.49 -0.79 5.38
CA GLU A 126 -9.46 1.20 5.70
C GLU A 126 -9.55 -1.81 4.98
C GLU A 126 -10.38 -0.01 5.81
N ASP A 127 -9.99 -1.79 3.73
N ASP A 127 -11.19 -0.24 4.77
CA ASP A 127 -11.04 -2.70 3.27
CA ASP A 127 -12.02 -1.42 4.73
C ASP A 127 -10.41 -3.76 2.36
C ASP A 127 -11.29 -2.65 4.15
N LEU A 128 -9.08 -3.78 2.27
N LEU A 128 -10.44 -2.47 3.15
CA LEU A 128 -8.31 -4.81 1.54
CA LEU A 128 -9.69 -3.63 2.65
C LEU A 128 -7.36 -5.65 2.41
C LEU A 128 -8.82 -4.31 3.74
N ARG A 129 -7.78 -5.87 3.66
N ARG A 129 -8.21 -3.52 4.61
CA ARG A 129 -6.99 -6.60 4.65
CA ARG A 129 -7.25 -4.05 5.56
C ARG A 129 -7.86 -6.91 5.85
C ARG A 129 -7.89 -4.11 6.95
N GLY A 130 -7.40 -7.77 6.75
N GLY A 130 -9.16 -4.50 6.97
CA GLY A 130 -8.15 -7.92 8.00
CA GLY A 130 -9.83 -4.92 8.17
C GLY A 130 -9.47 -8.62 7.70
C GLY A 130 -10.51 -6.23 7.83
N ARG A 131 -10.48 -8.25 8.50
N ARG A 131 -11.10 -6.88 8.83
CA ARG A 131 -11.79 -8.90 8.59
CA ARG A 131 -11.87 -8.12 8.64
C ARG A 131 -12.87 -8.17 7.79
C ARG A 131 -13.09 -7.94 7.71
N PHE A 132 -13.41 -8.86 6.81
CA PHE A 132 -14.51 -8.47 5.93
C PHE A 132 -15.80 -8.13 6.72
N SER A 133 -16.05 -8.85 7.82
CA SER A 133 -17.28 -8.64 8.58
C SER A 133 -17.27 -7.22 9.21
N GLU A 134 -16.12 -6.56 9.24
CA GLU A 134 -16.04 -5.22 9.88
C GLU A 134 -16.12 -4.07 8.85
N THR A 135 -16.37 -4.41 7.57
CA THR A 135 -16.54 -3.39 6.54
C THR A 135 -17.65 -2.36 6.82
N SER A 136 -17.36 -1.08 6.55
CA SER A 136 -18.25 0.04 6.79
C SER A 136 -19.22 0.06 5.61
N ARG A 137 -20.42 0.55 5.90
CA ARG A 137 -21.39 0.84 4.85
C ARG A 137 -20.85 1.80 3.79
N GLU A 138 -20.17 2.87 4.21
CA GLU A 138 -19.75 3.88 3.23
C GLU A 138 -18.65 3.28 2.33
N GLY A 139 -17.72 2.54 2.93
CA GLY A 139 -16.75 1.73 2.18
C GLY A 139 -17.27 0.66 1.22
N PHE A 140 -18.28 -0.09 1.67
CA PHE A 140 -18.90 -1.08 0.79
C PHE A 140 -19.55 -0.38 -0.39
N LEU A 141 -20.29 0.69 -0.10
CA LEU A 141 -21.08 1.34 -1.13
C LEU A 141 -20.16 2.10 -2.09
N LEU A 142 -19.06 2.67 -1.56
CA LEU A 142 -18.02 3.29 -2.41
C LEU A 142 -17.38 2.36 -3.43
N ALA A 143 -17.02 1.16 -2.97
CA ALA A 143 -16.49 0.13 -3.85
C ALA A 143 -17.49 -0.32 -4.92
N GLN A 144 -18.76 -0.44 -4.56
CA GLN A 144 -19.80 -0.78 -5.55
C GLN A 144 -19.98 0.36 -6.56
N ASP A 145 -20.04 1.57 -6.06
CA ASP A 145 -20.26 2.71 -6.91
C ASP A 145 -19.19 2.82 -8.01
N ILE A 146 -17.92 2.86 -7.60
CA ILE A 146 -16.85 3.06 -8.54
C ILE A 146 -16.56 1.79 -9.32
N SER A 147 -16.62 0.64 -8.65
CA SER A 147 -16.12 -0.61 -9.27
C SER A 147 -17.17 -1.38 -10.05
N SER A 148 -18.44 -1.04 -9.89
CA SER A 148 -19.47 -1.78 -10.62
C SER A 148 -20.54 -0.91 -11.27
N TYR A 149 -21.17 -0.04 -10.48
CA TYR A 149 -22.15 0.85 -11.08
C TYR A 149 -21.53 1.59 -12.27
N SER A 150 -20.29 2.03 -12.14
CA SER A 150 -19.66 2.85 -13.18
C SER A 150 -19.75 2.21 -14.57
N LEU A 151 -19.68 0.89 -14.65
CA LEU A 151 -19.91 0.21 -15.93
C LEU A 151 -21.30 0.43 -16.54
N THR A 152 -22.33 0.38 -15.69
CA THR A 152 -23.74 0.54 -16.15
C THR A 152 -23.94 1.91 -16.83
N ILE A 153 -23.50 2.95 -16.14
CA ILE A 153 -23.64 4.30 -16.69
C ILE A 153 -22.73 4.56 -17.89
N VAL A 154 -21.51 4.05 -17.85
CA VAL A 154 -20.63 4.14 -19.02
C VAL A 154 -21.25 3.44 -20.23
N ALA A 155 -21.84 2.26 -20.00
CA ALA A 155 -22.50 1.54 -21.09
C ALA A 155 -23.64 2.37 -21.72
N HIS A 156 -24.52 2.88 -20.87
CA HIS A 156 -25.62 3.76 -21.30
C HIS A 156 -25.11 4.92 -22.14
N GLU A 157 -24.03 5.56 -21.71
CA GLU A 157 -23.58 6.78 -22.40
C GLU A 157 -22.84 6.40 -23.69
N ALA A 158 -22.08 5.32 -23.63
CA ALA A 158 -21.28 4.81 -24.76
C ALA A 158 -22.16 4.23 -25.85
N LYS A 159 -23.25 3.53 -25.48
CA LYS A 159 -24.27 3.07 -26.45
C LYS A 159 -24.65 4.17 -27.44
N LYS A 160 -24.74 5.41 -26.98
CA LYS A 160 -25.17 6.51 -27.85
C LYS A 160 -24.21 6.72 -29.01
N LEU A 161 -22.96 6.30 -28.84
CA LEU A 161 -21.91 6.45 -29.84
C LEU A 161 -21.65 5.12 -30.54
N MET A 162 -22.55 4.15 -30.33
CA MET A 162 -22.42 2.89 -31.05
C MET A 162 -23.70 2.50 -31.80
N PRO A 163 -24.26 3.40 -32.65
CA PRO A 163 -25.46 3.09 -33.42
C PRO A 163 -25.46 1.72 -34.12
N GLU A 164 -24.30 1.22 -34.51
CA GLU A 164 -24.26 -0.04 -35.20
C GLU A 164 -23.69 -1.19 -34.39
N GLY A 165 -23.51 -0.99 -33.10
CA GLY A 165 -23.00 -2.06 -32.27
C GLY A 165 -21.57 -1.74 -31.92
N GLY A 166 -21.05 -2.52 -30.99
CA GLY A 166 -19.67 -2.46 -30.60
C GLY A 166 -19.52 -3.36 -29.41
N SER A 167 -18.49 -3.07 -28.60
CA SER A 167 -18.00 -4.04 -27.66
C SER A 167 -17.50 -3.32 -26.43
N ILE A 168 -17.91 -3.82 -25.28
CA ILE A 168 -17.51 -3.23 -24.01
C ILE A 168 -16.83 -4.32 -23.14
N VAL A 169 -15.68 -4.02 -22.53
CA VAL A 169 -14.97 -5.01 -21.72
C VAL A 169 -14.58 -4.43 -20.36
N ALA A 170 -14.90 -5.13 -19.28
CA ALA A 170 -14.51 -4.67 -17.95
C ALA A 170 -13.44 -5.64 -17.39
N THR A 171 -12.67 -5.18 -16.42
CA THR A 171 -11.60 -5.96 -15.88
C THR A 171 -12.05 -6.46 -14.53
N THR A 172 -12.02 -7.78 -14.33
CA THR A 172 -12.38 -8.36 -13.05
C THR A 172 -11.30 -9.25 -12.42
N TYR A 173 -11.59 -9.88 -11.29
CA TYR A 173 -10.59 -10.68 -10.60
C TYR A 173 -11.32 -11.90 -10.03
N LEU A 174 -10.67 -13.05 -10.05
CA LEU A 174 -11.17 -14.31 -9.52
C LEU A 174 -11.84 -14.15 -8.17
N GLY A 175 -11.35 -13.22 -7.34
CA GLY A 175 -12.04 -12.89 -6.09
C GLY A 175 -13.51 -12.46 -6.17
N GLY A 176 -14.01 -12.22 -7.38
CA GLY A 176 -15.45 -11.95 -7.60
C GLY A 176 -16.23 -13.25 -7.66
N GLU A 177 -15.53 -14.38 -7.80
CA GLU A 177 -16.13 -15.69 -7.99
C GLU A 177 -15.90 -16.55 -6.80
N PHE A 178 -14.85 -16.27 -6.02
CA PHE A 178 -14.48 -17.01 -4.80
C PHE A 178 -14.04 -16.07 -3.68
N ALA A 179 -14.12 -16.48 -2.43
CA ALA A 179 -13.54 -15.67 -1.38
C ALA A 179 -12.01 -15.85 -1.32
N VAL A 180 -11.27 -14.78 -1.59
CA VAL A 180 -9.80 -14.75 -1.57
C VAL A 180 -9.36 -13.93 -0.34
N GLN A 181 -8.46 -14.46 0.50
CA GLN A 181 -7.99 -13.72 1.67
C GLN A 181 -7.66 -12.29 1.28
N ASN A 182 -8.03 -11.36 2.16
CA ASN A 182 -7.71 -9.94 2.03
C ASN A 182 -8.38 -9.15 0.93
N TYR A 183 -9.00 -9.80 -0.06
CA TYR A 183 -9.60 -9.06 -1.13
C TYR A 183 -10.93 -8.44 -0.72
N ASN A 184 -11.66 -9.09 0.17
CA ASN A 184 -12.66 -8.45 1.02
C ASN A 184 -13.72 -7.61 0.28
N VAL A 185 -13.87 -6.33 0.61
CA VAL A 185 -14.90 -5.54 -0.05
C VAL A 185 -14.77 -5.57 -1.58
N MET A 186 -13.57 -5.72 -2.12
CA MET A 186 -13.42 -5.69 -3.58
C MET A 186 -13.98 -6.98 -4.22
N GLY A 187 -13.95 -8.08 -3.47
CA GLY A 187 -14.49 -9.35 -3.96
C GLY A 187 -15.99 -9.22 -4.25
N VAL A 188 -16.68 -8.57 -3.31
CA VAL A 188 -18.10 -8.34 -3.47
C VAL A 188 -18.37 -7.35 -4.59
N ALA A 189 -17.59 -6.26 -4.75
CA ALA A 189 -17.71 -5.41 -5.92
C ALA A 189 -17.45 -6.12 -7.26
N LYS A 190 -16.51 -7.05 -7.29
CA LYS A 190 -16.26 -7.74 -8.55
C LYS A 190 -17.40 -8.71 -8.84
N ALA A 191 -18.01 -9.28 -7.80
CA ALA A 191 -19.11 -10.22 -8.09
C ALA A 191 -20.28 -9.42 -8.68
N SER A 192 -20.47 -8.21 -8.15
CA SER A 192 -21.49 -7.31 -8.66
C SER A 192 -21.13 -6.89 -10.10
N LEU A 193 -19.86 -6.59 -10.34
CA LEU A 193 -19.38 -6.21 -11.67
C LEU A 193 -19.63 -7.33 -12.71
N GLU A 194 -19.25 -8.55 -12.36
CA GLU A 194 -19.47 -9.70 -13.24
C GLU A 194 -20.98 -9.93 -13.58
N ALA A 195 -21.88 -9.79 -12.59
CA ALA A 195 -23.32 -9.82 -12.93
C ALA A 195 -23.75 -8.65 -13.80
N ASN A 196 -23.11 -7.49 -13.63
CA ASN A 196 -23.48 -6.25 -14.34
C ASN A 196 -23.18 -6.49 -15.83
N VAL A 197 -22.03 -7.13 -16.10
CA VAL A 197 -21.71 -7.58 -17.45
C VAL A 197 -22.78 -8.49 -18.07
N LYS A 198 -23.29 -9.48 -17.32
CA LYS A 198 -24.34 -10.34 -17.83
C LYS A 198 -25.65 -9.58 -18.10
N TYR A 199 -26.14 -8.82 -17.13
CA TYR A 199 -27.35 -8.02 -17.34
C TYR A 199 -27.17 -7.02 -18.49
N LEU A 200 -26.00 -6.38 -18.62
CA LEU A 200 -25.79 -5.46 -19.74
C LEU A 200 -25.77 -6.23 -21.06
N ALA A 201 -25.17 -7.43 -21.11
CA ALA A 201 -25.12 -8.24 -22.33
C ALA A 201 -26.54 -8.54 -22.81
N LEU A 202 -27.37 -8.94 -21.84
CA LEU A 202 -28.77 -9.26 -22.16
C LEU A 202 -29.48 -7.97 -22.60
N ASP A 203 -29.31 -6.87 -21.86
CA ASP A 203 -29.97 -5.62 -22.27
C ASP A 203 -29.52 -5.15 -23.67
N LEU A 204 -28.21 -5.09 -23.88
CA LEU A 204 -27.68 -4.39 -25.06
C LEU A 204 -27.44 -5.29 -26.27
N GLY A 205 -27.55 -6.60 -26.05
CA GLY A 205 -27.52 -7.60 -27.11
C GLY A 205 -28.32 -7.25 -28.35
N PRO A 206 -29.62 -6.89 -28.19
CA PRO A 206 -30.41 -6.59 -29.37
C PRO A 206 -29.87 -5.35 -30.08
N ASP A 207 -28.95 -4.61 -29.50
CA ASP A 207 -28.41 -3.43 -30.16
C ASP A 207 -27.07 -3.76 -30.80
N ASN A 208 -26.73 -5.05 -30.81
CA ASN A 208 -25.48 -5.51 -31.37
C ASN A 208 -24.28 -4.94 -30.57
N ILE A 209 -24.44 -4.82 -29.26
CA ILE A 209 -23.38 -4.34 -28.35
C ILE A 209 -23.09 -5.48 -27.38
N ARG A 210 -21.87 -5.98 -27.45
CA ARG A 210 -21.47 -7.11 -26.66
C ARG A 210 -20.84 -6.59 -25.38
N VAL A 211 -20.98 -7.33 -24.28
CA VAL A 211 -20.37 -6.91 -23.03
C VAL A 211 -19.71 -8.14 -22.40
N ASN A 212 -18.44 -8.02 -22.03
CA ASN A 212 -17.67 -9.16 -21.55
C ASN A 212 -16.74 -8.71 -20.44
N ALA A 213 -16.13 -9.66 -19.74
CA ALA A 213 -15.11 -9.30 -18.77
C ALA A 213 -13.83 -10.08 -19.04
N ILE A 214 -12.68 -9.50 -18.69
CA ILE A 214 -11.44 -10.26 -18.55
C ILE A 214 -11.13 -10.36 -17.06
N SER A 215 -11.04 -11.58 -16.55
CA SER A 215 -10.59 -11.85 -15.18
C SER A 215 -9.06 -11.99 -15.20
N ALA A 216 -8.37 -10.92 -14.87
CA ALA A 216 -6.92 -10.93 -14.93
C ALA A 216 -6.33 -11.54 -13.65
N GLY A 217 -5.24 -12.29 -13.82
CA GLY A 217 -4.43 -12.78 -12.71
C GLY A 217 -3.71 -11.59 -12.06
N PRO A 218 -3.06 -11.84 -10.93
CA PRO A 218 -2.40 -10.71 -10.19
C PRO A 218 -1.20 -10.10 -10.94
N ILE A 219 -1.13 -8.76 -10.96
CA ILE A 219 -0.15 -8.02 -11.70
C ILE A 219 0.23 -6.81 -10.84
N ARG A 220 1.53 -6.59 -10.61
CA ARG A 220 1.96 -5.42 -9.86
C ARG A 220 1.53 -4.09 -10.50
N THR A 221 0.68 -3.35 -9.79
CA THR A 221 0.14 -2.08 -10.23
C THR A 221 0.01 -1.26 -8.98
N LEU A 222 -0.26 0.02 -9.17
CA LEU A 222 -0.47 0.93 -8.04
C LEU A 222 -1.63 0.47 -7.12
N SER A 223 -2.76 0.06 -7.71
CA SER A 223 -3.90 -0.50 -6.98
C SER A 223 -3.59 -1.77 -6.20
N ALA A 224 -2.84 -2.68 -6.83
CA ALA A 224 -2.40 -3.86 -6.14
C ALA A 224 -1.72 -3.61 -4.80
N LYS A 225 -1.09 -2.44 -4.58
CA LYS A 225 -0.50 -2.11 -3.28
C LYS A 225 -1.52 -1.97 -2.14
N GLY A 226 -2.80 -1.91 -2.47
CA GLY A 226 -3.85 -1.86 -1.46
C GLY A 226 -4.24 -3.22 -0.93
N VAL A 227 -3.89 -4.28 -1.64
CA VAL A 227 -4.31 -5.62 -1.25
C VAL A 227 -3.30 -6.28 -0.31
N GLY A 228 -3.63 -6.49 0.95
CA GLY A 228 -2.81 -7.33 1.82
C GLY A 228 -2.29 -8.63 1.20
N GLY A 229 -1.05 -8.99 1.48
CA GLY A 229 -0.46 -10.25 1.04
C GLY A 229 -0.27 -10.46 -0.45
N PHE A 230 -0.07 -9.36 -1.20
CA PHE A 230 -0.06 -9.43 -2.66
C PHE A 230 1.07 -10.32 -3.15
N ASN A 231 2.26 -10.10 -2.61
CA ASN A 231 3.40 -10.90 -3.00
C ASN A 231 3.15 -12.39 -2.84
N THR A 232 2.67 -12.83 -1.68
CA THR A 232 2.22 -14.22 -1.51
C THR A 232 1.27 -14.70 -2.58
N ILE A 233 0.30 -13.88 -2.99
CA ILE A 233 -0.59 -14.28 -4.08
C ILE A 233 0.20 -14.53 -5.37
N LEU A 234 1.12 -13.63 -5.69
CA LEU A 234 1.96 -13.74 -6.88
C LEU A 234 2.79 -15.03 -6.84
N LYS A 235 3.37 -15.32 -5.69
CA LYS A 235 4.18 -16.52 -5.55
C LYS A 235 3.30 -17.75 -5.72
N GLU A 236 2.06 -17.68 -5.25
CA GLU A 236 1.21 -18.85 -5.38
C GLU A 236 0.88 -19.15 -6.85
N ILE A 237 0.66 -18.13 -7.66
CA ILE A 237 0.46 -18.36 -9.09
C ILE A 237 1.65 -19.13 -9.68
N GLU A 238 2.88 -18.65 -9.43
CA GLU A 238 4.08 -19.23 -10.01
C GLU A 238 4.15 -20.67 -9.60
N GLU A 239 3.84 -20.95 -8.35
CA GLU A 239 3.87 -22.32 -7.86
C GLU A 239 2.73 -23.26 -8.27
N ARG A 240 1.53 -22.74 -8.54
CA ARG A 240 0.37 -23.64 -8.60
C ARG A 240 -0.39 -23.55 -9.91
N ALA A 241 -0.42 -22.39 -10.55
CA ALA A 241 -1.13 -22.22 -11.80
C ALA A 241 -0.55 -23.16 -12.86
N PRO A 242 -1.40 -23.72 -13.74
CA PRO A 242 -0.98 -24.54 -14.87
C PRO A 242 0.25 -23.99 -15.60
N LEU A 243 0.26 -22.71 -15.96
CA LEU A 243 1.41 -22.23 -16.72
C LEU A 243 2.61 -21.98 -15.79
N LYS A 244 2.46 -22.05 -14.48
CA LYS A 244 3.59 -21.82 -13.55
C LYS A 244 4.35 -20.50 -13.76
N ARG A 245 3.63 -19.41 -14.09
CA ARG A 245 4.24 -18.12 -14.26
C ARG A 245 3.07 -17.15 -14.03
N ASN A 246 3.39 -15.91 -13.65
CA ASN A 246 2.40 -14.84 -13.65
C ASN A 246 2.16 -14.25 -15.03
N VAL A 247 1.02 -13.60 -15.20
CA VAL A 247 0.70 -12.96 -16.48
C VAL A 247 1.15 -11.50 -16.40
N ASP A 248 1.15 -10.80 -17.53
CA ASP A 248 1.33 -9.34 -17.51
C ASP A 248 0.22 -8.57 -18.23
N GLN A 249 0.36 -7.26 -18.28
CA GLN A 249 -0.66 -6.34 -18.76
C GLN A 249 -0.89 -6.48 -20.29
N VAL A 250 0.18 -6.83 -21.00
CA VAL A 250 0.10 -7.03 -22.46
C VAL A 250 -0.71 -8.30 -22.74
N GLU A 251 -0.64 -9.30 -21.84
CA GLU A 251 -1.40 -10.52 -22.10
C GLU A 251 -2.88 -10.19 -21.92
N VAL A 252 -3.20 -9.41 -20.87
CA VAL A 252 -4.55 -8.86 -20.75
C VAL A 252 -4.93 -8.13 -22.04
N GLY A 253 -4.07 -7.22 -22.50
CA GLY A 253 -4.38 -6.44 -23.70
C GLY A 253 -4.60 -7.25 -24.96
N LYS A 254 -3.89 -8.38 -25.11
CA LYS A 254 -4.13 -9.26 -26.26
C LYS A 254 -5.52 -9.88 -26.26
N THR A 255 -5.97 -10.33 -25.09
CA THR A 255 -7.34 -10.81 -24.96
C THR A 255 -8.35 -9.65 -25.09
N ALA A 256 -8.02 -8.47 -24.60
CA ALA A 256 -8.91 -7.34 -24.88
C ALA A 256 -9.04 -7.10 -26.38
N ALA A 257 -7.94 -7.23 -27.12
CA ALA A 257 -8.05 -6.98 -28.56
C ALA A 257 -9.05 -7.95 -29.16
N TYR A 258 -9.07 -9.17 -28.66
CA TYR A 258 -9.96 -10.19 -29.23
C TYR A 258 -11.45 -9.88 -28.94
N LEU A 259 -11.74 -9.54 -27.68
CA LEU A 259 -13.07 -9.18 -27.21
C LEU A 259 -13.59 -7.88 -27.82
N LEU A 260 -12.69 -6.92 -28.03
CA LEU A 260 -13.09 -5.66 -28.60
C LEU A 260 -13.17 -5.73 -30.13
N SER A 261 -12.74 -6.82 -30.73
CA SER A 261 -12.77 -6.89 -32.22
C SER A 261 -13.86 -7.84 -32.69
N ASP A 262 -14.01 -7.95 -34.00
CA ASP A 262 -14.96 -8.88 -34.63
C ASP A 262 -14.54 -10.37 -34.52
N LEU A 263 -13.32 -10.64 -34.09
CA LEU A 263 -12.95 -12.02 -33.84
C LEU A 263 -13.93 -12.67 -32.87
N SER A 264 -14.49 -11.89 -31.96
CA SER A 264 -15.26 -12.46 -30.86
C SER A 264 -16.75 -12.20 -31.12
N SER A 265 -17.16 -12.09 -32.38
N SER A 265 -17.15 -12.06 -32.38
CA SER A 265 -18.52 -11.61 -32.68
CA SER A 265 -18.59 -11.99 -32.62
C SER A 265 -19.68 -12.41 -32.08
C SER A 265 -19.21 -13.27 -32.07
N GLY A 266 -19.41 -13.66 -31.69
N GLY A 266 -20.43 -13.17 -31.56
CA GLY A 266 -20.46 -14.58 -31.28
CA GLY A 266 -21.09 -14.36 -31.05
C GLY A 266 -20.59 -14.61 -29.76
C GLY A 266 -20.68 -14.62 -29.61
N VAL A 267 -19.67 -13.92 -29.10
CA VAL A 267 -19.32 -14.02 -27.67
C VAL A 267 -19.80 -12.80 -26.90
N THR A 268 -20.64 -13.02 -25.90
CA THR A 268 -21.14 -11.93 -25.05
C THR A 268 -21.60 -12.53 -23.71
N GLY A 269 -21.55 -11.69 -22.68
CA GLY A 269 -21.83 -12.09 -21.31
C GLY A 269 -20.82 -13.07 -20.77
N GLU A 270 -19.61 -13.05 -21.32
CA GLU A 270 -18.60 -14.03 -20.99
C GLU A 270 -17.52 -13.40 -20.09
N ASN A 271 -16.84 -14.25 -19.33
CA ASN A 271 -15.72 -13.82 -18.49
C ASN A 271 -14.48 -14.67 -18.88
N ILE A 272 -13.49 -14.07 -19.56
CA ILE A 272 -12.29 -14.81 -19.97
C ILE A 272 -11.16 -14.59 -18.96
N HIS A 273 -10.68 -15.69 -18.35
CA HIS A 273 -9.58 -15.67 -17.39
C HIS A 273 -8.25 -15.63 -18.13
N VAL A 274 -7.50 -14.57 -17.82
CA VAL A 274 -6.15 -14.37 -18.28
C VAL A 274 -5.27 -14.43 -17.05
N ASP A 275 -5.02 -15.67 -16.66
CA ASP A 275 -4.53 -15.90 -15.32
C ASP A 275 -3.68 -17.15 -15.23
N SER A 276 -3.12 -17.58 -16.38
CA SER A 276 -2.26 -18.76 -16.41
C SER A 276 -2.98 -20.05 -16.01
N GLY A 277 -4.32 -20.08 -16.10
CA GLY A 277 -5.13 -21.30 -15.85
C GLY A 277 -5.44 -21.42 -14.36
N PHE A 278 -5.10 -20.41 -13.56
CA PHE A 278 -5.33 -20.52 -12.10
C PHE A 278 -6.77 -20.76 -11.71
N HIS A 279 -7.73 -20.23 -12.47
CA HIS A 279 -9.15 -20.35 -12.16
C HIS A 279 -9.61 -21.83 -12.20
N ALA A 280 -8.97 -22.63 -13.05
CA ALA A 280 -9.34 -24.01 -13.36
C ALA A 280 -8.84 -25.03 -12.34
N ILE A 281 -8.02 -24.59 -11.40
CA ILE A 281 -7.42 -25.54 -10.47
C ILE A 281 -7.89 -25.25 -9.05
N LYS A 282 -7.63 -26.20 -8.17
CA LYS A 282 -7.93 -26.08 -6.77
C LYS A 282 -6.92 -27.02 -6.09
N VAL B 28 -33.11 -33.56 12.72
CA VAL B 28 -33.38 -32.16 13.16
C VAL B 28 -34.37 -32.15 14.35
N ASN B 29 -33.86 -31.63 15.48
CA ASN B 29 -34.65 -31.07 16.58
C ASN B 29 -34.02 -29.79 17.17
N LEU B 30 -34.82 -28.74 17.32
CA LEU B 30 -34.31 -27.41 17.63
C LEU B 30 -34.74 -26.77 18.96
N GLU B 31 -35.18 -27.59 19.92
CA GLU B 31 -35.45 -27.07 21.28
C GLU B 31 -34.17 -26.46 21.85
N ASN B 32 -34.29 -25.40 22.65
CA ASN B 32 -33.12 -24.75 23.25
C ASN B 32 -32.25 -23.93 22.28
N LYS B 33 -32.66 -23.88 21.02
CA LYS B 33 -32.06 -22.98 20.05
C LYS B 33 -32.90 -21.73 19.89
N THR B 34 -32.23 -20.60 19.64
CA THR B 34 -32.88 -19.35 19.36
C THR B 34 -32.38 -18.82 18.03
N TYR B 35 -33.32 -18.42 17.17
CA TYR B 35 -33.03 -17.80 15.86
C TYR B 35 -33.74 -16.46 15.70
N VAL B 36 -33.02 -15.53 15.07
CA VAL B 36 -33.58 -14.26 14.62
C VAL B 36 -34.05 -14.39 13.16
N ILE B 37 -35.30 -14.03 12.90
CA ILE B 37 -35.83 -14.09 11.54
C ILE B 37 -36.14 -12.69 11.03
N MET B 38 -35.40 -12.24 10.02
CA MET B 38 -35.55 -10.89 9.54
C MET B 38 -36.30 -10.87 8.22
N GLY B 39 -37.32 -10.01 8.12
CA GLY B 39 -38.00 -9.81 6.83
C GLY B 39 -39.32 -10.56 6.60
N ILE B 40 -40.06 -10.83 7.67
CA ILE B 40 -41.50 -11.06 7.49
C ILE B 40 -42.31 -9.77 7.30
N ALA B 41 -43.05 -9.67 6.19
CA ALA B 41 -44.06 -8.63 5.96
C ALA B 41 -45.53 -9.10 6.06
N ASN B 42 -45.82 -10.34 5.64
CA ASN B 42 -47.16 -10.92 5.72
C ASN B 42 -47.14 -12.45 5.65
N LYS B 43 -48.30 -13.08 5.52
CA LYS B 43 -48.42 -14.53 5.53
C LYS B 43 -47.67 -15.18 4.35
N ARG B 44 -47.43 -14.44 3.27
CA ARG B 44 -46.81 -15.02 2.07
C ARG B 44 -45.27 -14.87 2.05
N SER B 45 -44.72 -14.09 2.98
CA SER B 45 -43.28 -13.88 3.02
C SER B 45 -42.58 -15.23 3.12
N ILE B 46 -41.56 -15.45 2.29
CA ILE B 46 -40.61 -16.56 2.49
C ILE B 46 -40.21 -16.75 3.95
N ALA B 47 -39.91 -15.66 4.65
CA ALA B 47 -39.42 -15.77 6.01
C ALA B 47 -40.49 -16.34 6.92
N PHE B 48 -41.76 -16.19 6.55
CA PHE B 48 -42.80 -16.79 7.35
C PHE B 48 -42.87 -18.32 7.22
N GLY B 49 -42.64 -18.85 6.02
CA GLY B 49 -42.37 -20.28 5.84
C GLY B 49 -41.20 -20.77 6.65
N VAL B 50 -40.13 -19.99 6.74
CA VAL B 50 -39.03 -20.33 7.62
C VAL B 50 -39.55 -20.45 9.07
N ALA B 51 -40.19 -19.37 9.55
CA ALA B 51 -40.72 -19.29 10.91
C ALA B 51 -41.57 -20.50 11.27
N LYS B 52 -42.55 -20.84 10.43
CA LYS B 52 -43.41 -22.00 10.72
C LYS B 52 -42.61 -23.29 10.88
N VAL B 53 -41.68 -23.55 9.98
CA VAL B 53 -40.85 -24.78 10.11
C VAL B 53 -40.02 -24.79 11.41
N LEU B 54 -39.31 -23.71 11.71
CA LEU B 54 -38.49 -23.67 12.91
C LEU B 54 -39.32 -23.76 14.19
N ASP B 55 -40.48 -23.09 14.19
CA ASP B 55 -41.39 -23.10 15.30
C ASP B 55 -41.90 -24.53 15.54
N GLN B 56 -42.30 -25.23 14.49
CA GLN B 56 -42.59 -26.67 14.58
C GLN B 56 -41.45 -27.46 15.19
N LEU B 57 -40.21 -27.06 14.94
CA LEU B 57 -39.08 -27.86 15.37
C LEU B 57 -38.67 -27.55 16.80
N GLY B 58 -39.45 -26.69 17.45
CA GLY B 58 -39.15 -26.30 18.82
C GLY B 58 -38.27 -25.10 19.08
N ALA B 59 -37.89 -24.31 18.06
CA ALA B 59 -37.01 -23.16 18.28
C ALA B 59 -37.70 -22.01 19.03
N LYS B 60 -36.92 -21.22 19.78
CA LYS B 60 -37.33 -19.87 20.16
C LYS B 60 -37.06 -18.95 18.97
N LEU B 61 -38.04 -18.15 18.57
CA LEU B 61 -37.87 -17.23 17.46
C LEU B 61 -38.00 -15.77 17.89
N VAL B 62 -37.23 -14.93 17.21
CA VAL B 62 -37.18 -13.52 17.53
C VAL B 62 -37.33 -12.98 16.15
N PHE B 63 -38.05 -11.87 16.01
CA PHE B 63 -38.50 -11.40 14.71
C PHE B 63 -38.13 -9.95 14.56
N THR B 64 -37.59 -9.60 13.39
CA THR B 64 -37.31 -8.19 13.12
C THR B 64 -38.08 -7.70 11.89
N TYR B 65 -38.53 -6.44 11.92
CA TYR B 65 -39.38 -5.90 10.86
C TYR B 65 -38.97 -4.45 10.58
N ARG B 66 -39.35 -3.95 9.41
CA ARG B 66 -39.16 -2.51 9.20
C ARG B 66 -40.45 -1.68 9.37
N LYS B 67 -41.53 -2.06 8.69
CA LYS B 67 -42.73 -1.22 8.65
C LYS B 67 -43.68 -1.53 9.77
N GLU B 68 -44.38 -0.51 10.23
CA GLU B 68 -45.35 -0.75 11.27
CA GLU B 68 -45.43 -0.66 11.21
C GLU B 68 -46.38 -1.79 10.79
N ARG B 69 -46.75 -1.75 9.51
CA ARG B 69 -47.67 -2.76 8.98
C ARG B 69 -47.11 -4.18 9.14
N SER B 70 -45.78 -4.33 9.06
CA SER B 70 -45.17 -5.65 9.22
C SER B 70 -45.21 -6.14 10.68
N ARG B 71 -45.02 -5.23 11.65
CA ARG B 71 -45.18 -5.64 13.04
CA ARG B 71 -45.20 -5.60 13.06
C ARG B 71 -46.64 -6.09 13.29
N LYS B 72 -47.59 -5.47 12.59
CA LYS B 72 -49.01 -5.78 12.76
CA LYS B 72 -49.00 -5.80 12.79
C LYS B 72 -49.33 -7.19 12.25
N GLU B 73 -48.85 -7.50 11.05
CA GLU B 73 -48.99 -8.83 10.50
C GLU B 73 -48.29 -9.84 11.42
N LEU B 74 -47.14 -9.46 11.96
CA LEU B 74 -46.38 -10.37 12.81
C LEU B 74 -47.20 -10.81 14.02
N GLU B 75 -47.80 -9.81 14.67
CA GLU B 75 -48.59 -10.01 15.87
C GLU B 75 -49.73 -10.99 15.56
N LYS B 76 -50.36 -10.84 14.40
CA LYS B 76 -51.49 -11.69 13.99
C LYS B 76 -50.98 -13.07 13.53
N LEU B 77 -49.80 -13.12 12.90
CA LEU B 77 -49.24 -14.40 12.48
C LEU B 77 -48.67 -15.22 13.63
N LEU B 78 -48.29 -14.55 14.70
CA LEU B 78 -47.77 -15.22 15.90
C LEU B 78 -48.76 -16.15 16.57
N GLU B 79 -50.03 -15.97 16.28
CA GLU B 79 -51.08 -16.75 16.90
C GLU B 79 -51.08 -18.14 16.31
N GLN B 80 -50.69 -18.22 15.04
CA GLN B 80 -50.52 -19.49 14.33
C GLN B 80 -49.36 -20.34 14.83
N LEU B 81 -48.58 -19.84 15.77
CA LEU B 81 -47.25 -20.38 16.07
C LEU B 81 -47.20 -20.80 17.54
N ASN B 82 -46.28 -21.69 17.87
CA ASN B 82 -46.19 -22.12 19.25
C ASN B 82 -45.35 -21.21 20.14
N GLN B 83 -44.85 -20.11 19.62
CA GLN B 83 -44.02 -19.22 20.44
C GLN B 83 -44.83 -18.75 21.61
N PRO B 84 -44.31 -18.96 22.82
CA PRO B 84 -45.02 -18.54 24.01
C PRO B 84 -44.87 -17.04 24.26
N GLU B 85 -44.20 -16.31 23.38
CA GLU B 85 -43.68 -14.98 23.66
C GLU B 85 -43.37 -14.28 22.34
N ALA B 86 -43.96 -13.10 22.16
CA ALA B 86 -43.61 -12.23 21.04
C ALA B 86 -42.29 -11.56 21.34
N HIS B 87 -41.28 -11.74 20.49
CA HIS B 87 -40.05 -10.99 20.59
C HIS B 87 -39.90 -10.24 19.27
N LEU B 88 -40.29 -8.97 19.24
CA LEU B 88 -40.36 -8.23 17.98
C LEU B 88 -39.46 -7.00 18.07
N TYR B 89 -38.71 -6.72 17.02
CA TYR B 89 -37.77 -5.62 17.01
C TYR B 89 -37.83 -4.91 15.67
N GLN B 90 -38.04 -3.60 15.71
CA GLN B 90 -37.95 -2.81 14.50
C GLN B 90 -36.48 -2.62 14.16
N ILE B 91 -36.11 -3.07 12.97
CA ILE B 91 -34.77 -2.84 12.46
C ILE B 91 -34.86 -2.60 10.96
N ASP B 92 -34.60 -1.35 10.58
CA ASP B 92 -34.34 -0.94 9.22
C ASP B 92 -32.84 -1.09 8.96
N VAL B 93 -32.48 -2.05 8.10
CA VAL B 93 -31.07 -2.42 7.90
C VAL B 93 -30.33 -1.31 7.15
N GLN B 94 -31.04 -0.26 6.75
CA GLN B 94 -30.37 0.95 6.25
C GLN B 94 -29.63 1.70 7.34
N SER B 95 -30.00 1.44 8.59
CA SER B 95 -29.43 2.18 9.73
C SER B 95 -28.51 1.28 10.56
N ASP B 96 -27.23 1.68 10.67
CA ASP B 96 -26.29 0.97 11.51
C ASP B 96 -26.81 0.95 12.92
N GLU B 97 -27.24 2.12 13.40
CA GLU B 97 -27.69 2.23 14.77
C GLU B 97 -28.81 1.25 15.06
N GLU B 98 -29.73 1.08 14.11
CA GLU B 98 -30.89 0.23 14.39
C GLU B 98 -30.48 -1.22 14.42
N VAL B 99 -29.57 -1.60 13.52
CA VAL B 99 -28.99 -2.95 13.52
C VAL B 99 -28.19 -3.20 14.80
N ILE B 100 -27.28 -2.29 15.14
CA ILE B 100 -26.47 -2.39 16.37
C ILE B 100 -27.30 -2.44 17.67
N ASN B 101 -28.16 -1.44 17.87
CA ASN B 101 -29.03 -1.40 19.01
C ASN B 101 -30.03 -2.56 19.04
N GLY B 102 -30.57 -2.89 17.87
CA GLY B 102 -31.51 -4.00 17.76
C GLY B 102 -30.91 -5.30 18.24
N PHE B 103 -29.75 -5.64 17.72
CA PHE B 103 -29.13 -6.90 18.13
C PHE B 103 -28.68 -6.86 19.58
N GLU B 104 -28.25 -5.70 20.05
CA GLU B 104 -27.83 -5.61 21.44
C GLU B 104 -29.01 -5.81 22.39
N GLN B 105 -30.18 -5.33 21.99
CA GLN B 105 -31.36 -5.44 22.86
C GLN B 105 -31.82 -6.90 22.81
N ILE B 106 -31.67 -7.52 21.64
CA ILE B 106 -32.06 -8.92 21.49
C ILE B 106 -31.25 -9.77 22.47
N GLY B 107 -29.93 -9.54 22.48
CA GLY B 107 -29.01 -10.15 23.43
C GLY B 107 -29.47 -10.00 24.86
N LYS B 108 -29.85 -8.79 25.25
CA LYS B 108 -30.28 -8.55 26.62
C LYS B 108 -31.61 -9.25 26.95
N ASP B 109 -32.54 -9.29 26.01
CA ASP B 109 -33.85 -9.95 26.18
C ASP B 109 -33.78 -11.48 26.12
N VAL B 110 -33.18 -12.05 25.07
CA VAL B 110 -33.14 -13.51 24.97
C VAL B 110 -31.81 -14.24 25.30
N GLY B 111 -30.72 -13.51 25.49
CA GLY B 111 -29.45 -14.22 25.67
C GLY B 111 -28.75 -14.38 24.34
N ASN B 112 -27.79 -15.31 24.26
CA ASN B 112 -27.18 -15.64 22.97
C ASN B 112 -28.09 -16.37 22.00
N ILE B 113 -27.77 -16.28 20.70
CA ILE B 113 -28.64 -16.85 19.68
C ILE B 113 -27.82 -17.88 18.93
N ASP B 114 -28.51 -18.69 18.15
CA ASP B 114 -27.86 -19.78 17.44
C ASP B 114 -27.77 -19.47 15.94
N GLY B 115 -28.48 -18.45 15.44
CA GLY B 115 -28.32 -18.08 14.03
C GLY B 115 -29.32 -17.02 13.58
N VAL B 116 -29.32 -16.69 12.29
CA VAL B 116 -30.09 -15.57 11.78
C VAL B 116 -30.57 -15.98 10.41
N TYR B 117 -31.86 -15.83 10.15
CA TYR B 117 -32.35 -16.01 8.82
C TYR B 117 -32.58 -14.62 8.23
N HIS B 118 -31.94 -14.33 7.11
CA HIS B 118 -32.01 -13.01 6.50
C HIS B 118 -32.87 -13.11 5.24
N SER B 119 -33.93 -12.32 5.19
CA SER B 119 -34.94 -12.47 4.14
C SER B 119 -35.33 -11.06 3.69
N ILE B 120 -34.31 -10.26 3.41
CA ILE B 120 -34.49 -8.83 3.15
C ILE B 120 -33.89 -8.43 1.80
N ALA B 121 -34.70 -7.72 1.02
CA ALA B 121 -34.24 -7.14 -0.20
C ALA B 121 -35.15 -6.01 -0.59
N PHE B 122 -34.64 -5.08 -1.39
CA PHE B 122 -35.49 -4.01 -1.86
C PHE B 122 -34.88 -3.38 -3.11
N ALA B 123 -35.72 -2.90 -4.02
CA ALA B 123 -35.29 -2.13 -5.22
C ALA B 123 -36.49 -1.31 -5.67
N ASN B 124 -36.29 -0.09 -6.13
CA ASN B 124 -37.39 0.70 -6.73
C ASN B 124 -38.08 -0.05 -7.88
N MET B 125 -39.42 -0.02 -7.95
N MET B 125 -39.39 0.13 -7.98
CA MET B 125 -40.16 -0.87 -8.88
CA MET B 125 -40.12 -0.19 -9.19
C MET B 125 -39.67 -0.71 -10.32
C MET B 125 -39.50 0.50 -10.40
N GLU B 126 -39.41 0.52 -10.75
N GLU B 126 -39.07 1.76 -10.20
CA GLU B 126 -39.02 0.77 -12.14
CA GLU B 126 -38.68 2.63 -11.31
C GLU B 126 -37.62 0.26 -12.40
C GLU B 126 -37.36 2.19 -11.90
N ASP B 127 -37.16 -0.64 -11.55
N ASP B 127 -36.52 1.49 -11.14
CA ASP B 127 -35.88 -1.30 -11.72
CA ASP B 127 -35.34 0.89 -11.76
C ASP B 127 -36.03 -2.82 -11.77
C ASP B 127 -35.67 -0.52 -12.25
N LEU B 128 -37.17 -3.30 -12.30
N LEU B 128 -36.54 -1.23 -11.55
CA LEU B 128 -37.60 -4.69 -12.17
CA LEU B 128 -36.87 -2.60 -11.97
C LEU B 128 -38.51 -5.05 -13.35
C LEU B 128 -37.51 -2.72 -13.36
N ARG B 129 -38.40 -4.19 -14.36
N ARG B 129 -38.34 -1.75 -13.74
CA ARG B 129 -39.03 -4.33 -15.66
CA ARG B 129 -38.96 -1.78 -15.08
C ARG B 129 -38.12 -3.50 -16.55
C ARG B 129 -38.28 -0.82 -16.04
N GLY B 130 -38.37 -3.47 -17.85
N GLY B 130 -36.96 -0.71 -15.93
CA GLY B 130 -37.66 -2.55 -18.73
CA GLY B 130 -36.17 -0.04 -16.94
C GLY B 130 -36.17 -2.86 -18.91
C GLY B 130 -35.46 -1.12 -17.73
N ARG B 131 -35.36 -1.80 -18.94
N ARG B 131 -34.93 -0.77 -18.89
CA ARG B 131 -33.98 -1.84 -19.42
CA ARG B 131 -33.79 -1.49 -19.47
C ARG B 131 -32.97 -1.57 -18.32
C ARG B 131 -32.74 -1.41 -18.39
N PHE B 132 -32.09 -2.55 -18.09
CA PHE B 132 -31.06 -2.51 -17.07
C PHE B 132 -30.06 -1.36 -17.27
N SER B 133 -29.70 -1.08 -18.52
CA SER B 133 -28.71 -0.06 -18.80
C SER B 133 -29.17 1.36 -18.39
N GLU B 134 -30.46 1.51 -18.08
CA GLU B 134 -31.02 2.78 -17.60
C GLU B 134 -31.10 2.90 -16.05
N THR B 135 -30.57 1.94 -15.31
CA THR B 135 -30.65 1.96 -13.83
C THR B 135 -29.93 3.19 -13.25
N SER B 136 -30.57 3.88 -12.32
CA SER B 136 -30.01 5.09 -11.77
C SER B 136 -28.99 4.65 -10.71
N ARG B 137 -28.00 5.51 -10.48
CA ARG B 137 -26.99 5.29 -9.43
C ARG B 137 -27.63 5.07 -8.04
N GLU B 138 -28.61 5.90 -7.68
CA GLU B 138 -29.20 5.86 -6.35
C GLU B 138 -30.01 4.55 -6.14
N GLY B 139 -30.80 4.17 -7.13
CA GLY B 139 -31.46 2.86 -7.14
C GLY B 139 -30.53 1.65 -7.20
N PHE B 140 -29.42 1.74 -7.94
CA PHE B 140 -28.46 0.64 -7.96
C PHE B 140 -27.86 0.50 -6.58
N LEU B 141 -27.50 1.62 -5.94
CA LEU B 141 -26.84 1.57 -4.61
C LEU B 141 -27.85 1.27 -3.51
N LEU B 142 -29.09 1.77 -3.66
CA LEU B 142 -30.16 1.39 -2.74
C LEU B 142 -30.32 -0.12 -2.68
N ALA B 143 -30.40 -0.76 -3.84
CA ALA B 143 -30.56 -2.20 -3.87
C ALA B 143 -29.36 -2.95 -3.22
N GLN B 144 -28.13 -2.44 -3.39
CA GLN B 144 -26.95 -3.07 -2.78
C GLN B 144 -26.99 -2.88 -1.29
N ASP B 145 -27.33 -1.66 -0.87
CA ASP B 145 -27.35 -1.33 0.55
C ASP B 145 -28.26 -2.28 1.33
N ILE B 146 -29.52 -2.36 0.89
CA ILE B 146 -30.53 -3.15 1.58
C ILE B 146 -30.34 -4.65 1.34
N SER B 147 -30.01 -5.04 0.11
CA SER B 147 -30.15 -6.47 -0.28
C SER B 147 -28.84 -7.26 -0.05
N SER B 148 -27.73 -6.54 0.17
CA SER B 148 -26.40 -7.15 0.23
C SER B 148 -25.60 -6.66 1.42
N TYR B 149 -25.29 -5.37 1.48
CA TYR B 149 -24.56 -4.85 2.64
C TYR B 149 -25.23 -5.24 3.98
N SER B 150 -26.56 -5.21 4.02
CA SER B 150 -27.24 -5.44 5.29
C SER B 150 -26.79 -6.79 5.86
N LEU B 151 -26.41 -7.76 5.01
CA LEU B 151 -26.02 -9.05 5.57
C LEU B 151 -24.71 -8.94 6.42
N THR B 152 -23.79 -8.10 5.92
CA THR B 152 -22.47 -7.93 6.51
C THR B 152 -22.60 -7.34 7.91
N ILE B 153 -23.29 -6.21 7.98
CA ILE B 153 -23.56 -5.62 9.27
C ILE B 153 -24.36 -6.49 10.23
N VAL B 154 -25.40 -7.18 9.74
CA VAL B 154 -26.13 -8.17 10.56
C VAL B 154 -25.18 -9.22 11.14
N ALA B 155 -24.34 -9.79 10.28
CA ALA B 155 -23.37 -10.81 10.67
C ALA B 155 -22.47 -10.24 11.74
N HIS B 156 -21.98 -9.02 11.55
CA HIS B 156 -21.04 -8.46 12.52
C HIS B 156 -21.67 -8.35 13.92
N GLU B 157 -22.93 -7.91 13.97
CA GLU B 157 -23.61 -7.65 15.23
C GLU B 157 -24.12 -8.95 15.83
N ALA B 158 -24.65 -9.81 14.97
CA ALA B 158 -25.14 -11.13 15.42
C ALA B 158 -24.03 -12.00 15.95
N LYS B 159 -22.82 -11.81 15.43
CA LYS B 159 -21.65 -12.56 15.90
C LYS B 159 -21.44 -12.38 17.41
N LYS B 160 -21.68 -11.17 17.91
CA LYS B 160 -21.53 -10.94 19.33
C LYS B 160 -22.41 -11.84 20.21
N LEU B 161 -23.47 -12.40 19.63
CA LEU B 161 -24.44 -13.22 20.37
C LEU B 161 -24.22 -14.71 20.08
N MET B 162 -23.12 -15.01 19.40
CA MET B 162 -22.82 -16.36 19.03
C MET B 162 -21.39 -16.74 19.46
N PRO B 163 -21.05 -16.57 20.75
CA PRO B 163 -19.68 -16.82 21.18
C PRO B 163 -19.21 -18.22 20.81
N GLU B 164 -20.07 -19.23 20.92
CA GLU B 164 -19.70 -20.60 20.57
C GLU B 164 -20.00 -21.03 19.13
N GLY B 165 -20.47 -20.11 18.30
CA GLY B 165 -20.71 -20.43 16.89
C GLY B 165 -22.20 -20.39 16.60
N GLY B 166 -22.56 -20.47 15.32
CA GLY B 166 -23.95 -20.46 15.01
C GLY B 166 -24.02 -20.43 13.51
N SER B 167 -25.10 -19.91 12.95
CA SER B 167 -25.31 -20.12 11.52
C SER B 167 -26.12 -18.98 10.91
N ILE B 168 -25.79 -18.56 9.68
CA ILE B 168 -26.46 -17.40 9.12
C ILE B 168 -26.87 -17.75 7.73
N VAL B 169 -28.13 -17.50 7.42
CA VAL B 169 -28.67 -17.89 6.14
C VAL B 169 -29.31 -16.68 5.50
N ALA B 170 -29.06 -16.51 4.20
CA ALA B 170 -29.65 -15.39 3.48
C ALA B 170 -30.41 -15.95 2.28
N THR B 171 -31.32 -15.17 1.70
CA THR B 171 -32.17 -15.65 0.63
C THR B 171 -31.79 -15.04 -0.72
N THR B 172 -31.52 -15.86 -1.73
CA THR B 172 -31.09 -15.31 -2.98
C THR B 172 -31.95 -15.86 -4.13
N TYR B 173 -31.59 -15.53 -5.35
CA TYR B 173 -32.34 -15.99 -6.48
C TYR B 173 -31.37 -16.22 -7.66
N LEU B 174 -31.70 -17.20 -8.49
CA LEU B 174 -30.95 -17.56 -9.67
C LEU B 174 -30.56 -16.34 -10.51
N GLY B 175 -31.31 -15.26 -10.42
CA GLY B 175 -31.02 -14.06 -11.23
C GLY B 175 -29.72 -13.39 -10.77
N GLY B 176 -29.20 -13.76 -9.59
CA GLY B 176 -27.81 -13.45 -9.18
C GLY B 176 -26.67 -14.17 -9.91
N GLU B 177 -26.98 -15.32 -10.53
CA GLU B 177 -25.98 -16.14 -11.22
C GLU B 177 -26.08 -16.01 -12.73
N PHE B 178 -27.25 -15.61 -13.25
CA PHE B 178 -27.58 -15.57 -14.67
C PHE B 178 -28.40 -14.31 -14.83
N ALA B 179 -28.35 -13.70 -16.01
CA ALA B 179 -29.21 -12.58 -16.31
C ALA B 179 -30.61 -13.07 -16.68
N VAL B 180 -31.57 -12.79 -15.79
CA VAL B 180 -32.97 -13.14 -15.99
C VAL B 180 -33.70 -11.89 -16.47
N GLN B 181 -34.60 -12.04 -17.45
CA GLN B 181 -35.40 -10.94 -17.97
C GLN B 181 -36.09 -10.20 -16.83
N ASN B 182 -36.02 -8.88 -16.88
CA ASN B 182 -36.71 -8.01 -15.92
C ASN B 182 -36.17 -7.90 -14.51
N TYR B 183 -35.32 -8.82 -14.09
CA TYR B 183 -34.88 -8.84 -12.69
C TYR B 183 -33.86 -7.74 -12.42
N ASN B 184 -33.09 -7.42 -13.45
CA ASN B 184 -32.35 -6.16 -13.55
C ASN B 184 -31.48 -5.83 -12.33
N VAL B 185 -31.70 -4.69 -11.68
CA VAL B 185 -30.81 -4.26 -10.61
C VAL B 185 -30.79 -5.25 -9.44
N MET B 186 -31.83 -6.06 -9.31
CA MET B 186 -31.84 -7.02 -8.19
C MET B 186 -30.90 -8.24 -8.46
N GLY B 187 -30.66 -8.52 -9.75
CA GLY B 187 -29.75 -9.57 -10.13
C GLY B 187 -28.32 -9.19 -9.75
N VAL B 188 -27.95 -7.94 -9.99
CA VAL B 188 -26.63 -7.46 -9.60
C VAL B 188 -26.51 -7.47 -8.08
N ALA B 189 -27.56 -7.07 -7.34
CA ALA B 189 -27.56 -7.15 -5.87
C ALA B 189 -27.44 -8.56 -5.30
N LYS B 190 -28.13 -9.53 -5.91
CA LYS B 190 -28.01 -10.94 -5.51
C LYS B 190 -26.64 -11.54 -5.78
N ALA B 191 -26.00 -11.07 -6.85
CA ALA B 191 -24.65 -11.48 -7.15
C ALA B 191 -23.70 -11.01 -6.03
N SER B 192 -23.94 -9.79 -5.56
CA SER B 192 -23.19 -9.13 -4.50
C SER B 192 -23.49 -9.89 -3.20
N LEU B 193 -24.76 -10.22 -3.00
CA LEU B 193 -25.14 -10.98 -1.79
C LEU B 193 -24.48 -12.38 -1.78
N GLU B 194 -24.40 -13.02 -2.94
CA GLU B 194 -23.87 -14.36 -2.98
C GLU B 194 -22.35 -14.34 -2.70
N ALA B 195 -21.64 -13.30 -3.16
CA ALA B 195 -20.23 -13.13 -2.79
C ALA B 195 -20.05 -12.78 -1.32
N ASN B 196 -20.95 -11.91 -0.81
CA ASN B 196 -20.96 -11.53 0.60
C ASN B 196 -21.02 -12.78 1.50
N VAL B 197 -21.98 -13.64 1.21
CA VAL B 197 -22.02 -14.93 1.85
C VAL B 197 -20.64 -15.62 1.85
N LYS B 198 -19.97 -15.71 0.70
CA LYS B 198 -18.69 -16.40 0.63
C LYS B 198 -17.61 -15.74 1.49
N TYR B 199 -17.53 -14.42 1.39
CA TYR B 199 -16.53 -13.68 2.14
C TYR B 199 -16.85 -13.72 3.63
N LEU B 200 -18.15 -13.77 3.95
CA LEU B 200 -18.48 -13.83 5.38
C LEU B 200 -18.12 -15.22 5.91
N ALA B 201 -18.25 -16.23 5.05
CA ALA B 201 -18.05 -17.64 5.44
C ALA B 201 -16.59 -17.84 5.82
N LEU B 202 -15.76 -17.28 4.94
CA LEU B 202 -14.32 -17.27 5.13
C LEU B 202 -13.89 -16.52 6.39
N ASP B 203 -14.38 -15.28 6.56
CA ASP B 203 -14.01 -14.44 7.71
C ASP B 203 -14.46 -15.03 9.06
N LEU B 204 -15.70 -15.51 9.09
CA LEU B 204 -16.33 -15.98 10.35
C LEU B 204 -16.16 -17.48 10.63
N GLY B 205 -15.79 -18.26 9.64
CA GLY B 205 -15.41 -19.65 9.85
C GLY B 205 -14.59 -20.01 11.08
N PRO B 206 -13.45 -19.31 11.34
CA PRO B 206 -12.66 -19.64 12.53
C PRO B 206 -13.40 -19.38 13.85
N ASP B 207 -14.47 -18.59 13.82
CA ASP B 207 -15.31 -18.41 15.00
C ASP B 207 -16.43 -19.46 15.00
N ASN B 208 -16.35 -20.44 14.10
CA ASN B 208 -17.42 -21.42 14.01
C ASN B 208 -18.79 -20.85 13.63
N ILE B 209 -18.84 -19.80 12.80
CA ILE B 209 -20.10 -19.31 12.31
C ILE B 209 -20.18 -19.68 10.84
N ARG B 210 -21.22 -20.42 10.45
CA ARG B 210 -21.34 -20.80 9.07
C ARG B 210 -22.20 -19.81 8.34
N VAL B 211 -21.88 -19.46 7.10
CA VAL B 211 -22.78 -18.59 6.38
C VAL B 211 -23.10 -19.23 5.05
N ASN B 212 -24.38 -19.19 4.66
CA ASN B 212 -24.87 -19.90 3.49
C ASN B 212 -26.06 -19.12 2.92
N ALA B 213 -26.46 -19.49 1.71
CA ALA B 213 -27.58 -18.90 0.99
C ALA B 213 -28.53 -20.00 0.54
N ILE B 214 -29.82 -19.68 0.55
CA ILE B 214 -30.86 -20.42 -0.17
C ILE B 214 -31.30 -19.64 -1.40
N SER B 215 -31.13 -20.28 -2.56
CA SER B 215 -31.61 -19.74 -3.83
C SER B 215 -33.01 -20.28 -4.07
N ALA B 216 -34.01 -19.48 -3.73
CA ALA B 216 -35.39 -19.89 -3.86
C ALA B 216 -35.87 -19.76 -5.28
N GLY B 217 -36.76 -20.67 -5.69
CA GLY B 217 -37.50 -20.51 -6.91
C GLY B 217 -38.59 -19.46 -6.72
N PRO B 218 -39.17 -18.95 -7.82
CA PRO B 218 -40.23 -17.95 -7.76
C PRO B 218 -41.42 -18.38 -6.89
N ILE B 219 -41.84 -17.47 -6.03
CA ILE B 219 -42.91 -17.68 -5.09
C ILE B 219 -43.73 -16.38 -5.03
N ARG B 220 -45.04 -16.48 -5.18
CA ARG B 220 -45.92 -15.32 -5.10
C ARG B 220 -45.85 -14.61 -3.72
N THR B 221 -45.09 -13.53 -3.64
CA THR B 221 -45.01 -12.72 -2.44
C THR B 221 -45.36 -11.27 -2.77
N LEU B 222 -45.49 -10.44 -1.76
CA LEU B 222 -45.67 -9.00 -1.98
C LEU B 222 -44.52 -8.38 -2.81
N SER B 223 -43.29 -8.86 -2.56
CA SER B 223 -42.12 -8.39 -3.29
C SER B 223 -42.12 -8.85 -4.76
N ALA B 224 -42.61 -10.06 -4.98
CA ALA B 224 -42.71 -10.58 -6.34
C ALA B 224 -43.61 -9.72 -7.22
N LYS B 225 -44.53 -8.99 -6.60
CA LYS B 225 -45.44 -8.13 -7.34
C LYS B 225 -44.72 -6.94 -8.01
N GLY B 226 -43.42 -6.74 -7.79
CA GLY B 226 -42.70 -5.71 -8.51
C GLY B 226 -41.82 -6.21 -9.63
N VAL B 227 -41.74 -7.53 -9.82
CA VAL B 227 -40.91 -8.06 -10.90
C VAL B 227 -41.72 -8.17 -12.20
N GLY B 228 -41.33 -7.48 -13.26
CA GLY B 228 -42.04 -7.65 -14.52
C GLY B 228 -42.15 -9.11 -14.93
N GLY B 229 -43.28 -9.47 -15.54
CA GLY B 229 -43.54 -10.82 -16.00
C GLY B 229 -43.37 -11.99 -15.03
N PHE B 230 -43.62 -11.77 -13.74
CA PHE B 230 -43.60 -12.83 -12.73
C PHE B 230 -44.43 -14.06 -13.08
N ASN B 231 -45.62 -13.88 -13.63
CA ASN B 231 -46.47 -15.00 -14.01
C ASN B 231 -45.87 -15.91 -15.08
N THR B 232 -45.25 -15.33 -16.10
CA THR B 232 -44.64 -16.16 -17.11
C THR B 232 -43.42 -16.89 -16.53
N ILE B 233 -42.83 -16.37 -15.44
CA ILE B 233 -41.67 -17.00 -14.81
C ILE B 233 -42.12 -18.26 -14.06
N LEU B 234 -43.10 -18.08 -13.18
CA LEU B 234 -43.89 -19.14 -12.57
C LEU B 234 -44.24 -20.30 -13.50
N LYS B 235 -44.75 -19.97 -14.69
CA LYS B 235 -45.24 -21.01 -15.57
C LYS B 235 -44.08 -21.71 -16.31
N GLU B 236 -42.96 -21.01 -16.50
CA GLU B 236 -41.82 -21.66 -17.15
C GLU B 236 -41.28 -22.74 -16.22
N ILE B 237 -41.39 -22.51 -14.92
CA ILE B 237 -40.89 -23.47 -13.97
C ILE B 237 -41.64 -24.80 -14.09
N GLU B 238 -42.97 -24.70 -14.04
CA GLU B 238 -43.88 -25.81 -14.22
C GLU B 238 -43.62 -26.54 -15.53
N GLU B 239 -43.51 -25.81 -16.62
CA GLU B 239 -43.18 -26.47 -17.87
C GLU B 239 -41.78 -27.07 -17.91
N ARG B 240 -40.77 -26.41 -17.34
CA ARG B 240 -39.37 -26.82 -17.61
C ARG B 240 -38.56 -27.46 -16.47
N ALA B 241 -38.78 -27.06 -15.21
CA ALA B 241 -37.98 -27.46 -14.05
C ALA B 241 -38.17 -28.95 -13.93
N PRO B 242 -37.10 -29.67 -13.59
CA PRO B 242 -37.19 -31.13 -13.49
C PRO B 242 -38.42 -31.63 -12.70
N LEU B 243 -38.77 -30.95 -11.60
CA LEU B 243 -39.92 -31.41 -10.83
C LEU B 243 -41.25 -30.97 -11.43
N LYS B 244 -41.19 -30.18 -12.50
CA LYS B 244 -42.39 -29.72 -13.21
C LYS B 244 -43.40 -29.08 -12.29
N ARG B 245 -42.93 -28.30 -11.32
CA ARG B 245 -43.84 -27.66 -10.39
C ARG B 245 -43.08 -26.57 -9.66
N ASN B 246 -43.80 -25.59 -9.15
CA ASN B 246 -43.25 -24.49 -8.41
C ASN B 246 -43.02 -24.91 -6.95
N VAL B 247 -42.20 -24.17 -6.20
CA VAL B 247 -41.95 -24.48 -4.78
C VAL B 247 -42.77 -23.52 -3.94
N ASP B 248 -42.75 -23.74 -2.62
CA ASP B 248 -43.39 -22.79 -1.72
C ASP B 248 -42.51 -22.39 -0.56
N GLN B 249 -43.03 -21.48 0.25
CA GLN B 249 -42.30 -20.90 1.37
C GLN B 249 -41.84 -21.97 2.35
N VAL B 250 -42.67 -22.99 2.55
CA VAL B 250 -42.38 -24.05 3.54
C VAL B 250 -41.20 -24.88 3.05
N GLU B 251 -41.08 -25.11 1.74
CA GLU B 251 -39.94 -25.86 1.20
C GLU B 251 -38.65 -25.10 1.45
N VAL B 252 -38.70 -23.77 1.30
CA VAL B 252 -37.55 -22.96 1.69
C VAL B 252 -37.25 -23.10 3.17
N GLY B 253 -38.27 -23.00 4.02
CA GLY B 253 -38.06 -23.22 5.45
C GLY B 253 -37.42 -24.55 5.85
N LYS B 254 -37.85 -25.64 5.24
CA LYS B 254 -37.23 -26.94 5.56
C LYS B 254 -35.71 -26.96 5.30
N THR B 255 -35.26 -26.47 4.13
CA THR B 255 -33.87 -26.21 3.87
C THR B 255 -33.18 -25.24 4.82
N ALA B 256 -33.85 -24.15 5.21
CA ALA B 256 -33.34 -23.28 6.30
C ALA B 256 -33.08 -24.04 7.60
N ALA B 257 -34.03 -24.89 7.99
CA ALA B 257 -33.89 -25.67 9.23
C ALA B 257 -32.62 -26.53 9.16
N TYR B 258 -32.41 -27.16 8.00
CA TYR B 258 -31.18 -27.89 7.72
C TYR B 258 -29.90 -27.02 7.91
N LEU B 259 -29.85 -25.89 7.18
CA LEU B 259 -28.73 -24.93 7.23
C LEU B 259 -28.48 -24.31 8.63
N LEU B 260 -29.55 -24.09 9.38
CA LEU B 260 -29.45 -23.44 10.69
C LEU B 260 -29.11 -24.40 11.82
N SER B 261 -29.12 -25.70 11.51
CA SER B 261 -29.02 -26.73 12.52
C SER B 261 -27.69 -27.43 12.33
N ASP B 262 -27.40 -28.32 13.27
CA ASP B 262 -26.18 -29.12 13.26
C ASP B 262 -26.12 -30.11 12.10
N LEU B 263 -27.22 -30.29 11.37
CA LEU B 263 -27.24 -31.22 10.24
C LEU B 263 -26.27 -30.79 9.15
N SER B 264 -26.02 -29.50 9.09
CA SER B 264 -25.23 -28.97 8.02
C SER B 264 -23.87 -28.47 8.54
N SER B 265 -23.42 -29.00 9.66
N SER B 265 -23.37 -29.05 9.62
CA SER B 265 -22.04 -28.80 10.05
CA SER B 265 -22.15 -28.55 10.28
C SER B 265 -21.16 -29.29 8.90
C SER B 265 -20.90 -28.44 9.39
N GLY B 266 -20.04 -28.60 8.69
N GLY B 266 -20.82 -29.28 8.36
CA GLY B 266 -19.23 -28.81 7.50
CA GLY B 266 -19.71 -29.28 7.43
C GLY B 266 -19.71 -28.08 6.24
C GLY B 266 -19.84 -28.29 6.26
N VAL B 267 -20.93 -27.54 6.25
CA VAL B 267 -21.38 -26.76 5.12
C VAL B 267 -21.29 -25.24 5.33
N THR B 268 -20.55 -24.53 4.50
CA THR B 268 -20.45 -23.08 4.66
C THR B 268 -20.03 -22.49 3.32
N GLY B 269 -20.45 -21.26 3.05
CA GLY B 269 -20.23 -20.58 1.78
C GLY B 269 -20.96 -21.31 0.65
N GLU B 270 -21.96 -22.09 1.01
CA GLU B 270 -22.77 -22.81 0.04
C GLU B 270 -24.03 -22.02 -0.37
N ASN B 271 -24.51 -22.28 -1.58
CA ASN B 271 -25.74 -21.71 -2.10
C ASN B 271 -26.65 -22.87 -2.50
N ILE B 272 -27.62 -23.24 -1.64
CA ILE B 272 -28.55 -24.36 -1.95
C ILE B 272 -29.79 -23.95 -2.74
N HIS B 273 -29.95 -24.48 -3.96
CA HIS B 273 -31.07 -24.05 -4.80
C HIS B 273 -32.32 -24.82 -4.38
N VAL B 274 -33.33 -24.11 -3.89
CA VAL B 274 -34.63 -24.71 -3.65
C VAL B 274 -35.65 -24.26 -4.72
N ASP B 275 -35.59 -24.91 -5.88
CA ASP B 275 -36.21 -24.38 -7.09
C ASP B 275 -36.69 -25.46 -8.07
N SER B 276 -37.03 -26.64 -7.55
CA SER B 276 -37.45 -27.73 -8.40
C SER B 276 -36.42 -28.23 -9.43
N GLY B 277 -35.13 -27.93 -9.21
CA GLY B 277 -34.06 -28.30 -10.15
C GLY B 277 -33.84 -27.36 -11.31
N PHE B 278 -34.58 -26.25 -11.34
CA PHE B 278 -34.50 -25.32 -12.46
C PHE B 278 -33.07 -24.82 -12.75
N HIS B 279 -32.33 -24.56 -11.68
CA HIS B 279 -30.95 -24.08 -11.80
C HIS B 279 -30.10 -25.06 -12.61
N ALA B 280 -30.54 -26.33 -12.75
CA ALA B 280 -29.66 -27.35 -13.32
C ALA B 280 -29.88 -27.55 -14.82
N ILE B 281 -30.81 -26.81 -15.42
CA ILE B 281 -31.20 -27.12 -16.79
C ILE B 281 -31.02 -25.89 -17.67
N LYS B 282 -30.95 -26.12 -18.98
CA LYS B 282 -31.01 -25.02 -19.93
C LYS B 282 -31.87 -25.44 -21.12
N VAL C 28 -36.35 -34.27 10.82
CA VAL C 28 -35.81 -35.40 9.97
C VAL C 28 -35.98 -36.80 10.62
N ASN C 29 -37.22 -37.21 10.93
CA ASN C 29 -37.45 -38.58 11.38
C ASN C 29 -37.70 -39.62 10.26
N LEU C 30 -36.92 -40.70 10.26
CA LEU C 30 -36.97 -41.60 9.10
C LEU C 30 -37.55 -42.99 9.39
N GLU C 31 -38.47 -43.11 10.33
CA GLU C 31 -39.04 -44.43 10.57
C GLU C 31 -39.99 -44.79 9.43
N ASN C 32 -39.91 -46.03 8.98
CA ASN C 32 -40.80 -46.49 7.93
C ASN C 32 -40.29 -46.10 6.55
N LYS C 33 -39.12 -45.44 6.54
CA LYS C 33 -38.31 -45.28 5.34
C LYS C 33 -37.26 -46.39 5.17
N THR C 34 -36.96 -46.73 3.93
CA THR C 34 -35.97 -47.75 3.61
C THR C 34 -35.00 -47.12 2.61
N TYR C 35 -33.71 -47.18 2.93
CA TYR C 35 -32.68 -46.77 1.99
C TYR C 35 -31.67 -47.89 1.69
N VAL C 36 -31.24 -47.97 0.44
CA VAL C 36 -30.12 -48.78 0.01
C VAL C 36 -28.81 -47.96 0.01
N ILE C 37 -27.79 -48.43 0.75
CA ILE C 37 -26.48 -47.78 0.86
C ILE C 37 -25.43 -48.65 0.16
N MET C 38 -24.86 -48.13 -0.92
CA MET C 38 -23.96 -48.87 -1.77
C MET C 38 -22.57 -48.32 -1.53
N GLY C 39 -21.63 -49.17 -1.11
CA GLY C 39 -20.23 -48.75 -1.05
C GLY C 39 -19.61 -48.71 0.34
N ILE C 40 -20.14 -49.48 1.28
CA ILE C 40 -19.37 -49.71 2.49
C ILE C 40 -18.28 -50.78 2.26
N ALA C 41 -17.04 -50.42 2.57
CA ALA C 41 -15.93 -51.38 2.67
C ALA C 41 -15.44 -51.62 4.12
N ASN C 42 -15.44 -50.59 4.96
CA ASN C 42 -14.97 -50.80 6.34
C ASN C 42 -15.44 -49.66 7.22
N LYS C 43 -14.96 -49.61 8.47
CA LYS C 43 -15.43 -48.56 9.41
C LYS C 43 -15.19 -47.12 8.92
N ARG C 44 -14.24 -46.93 7.99
CA ARG C 44 -13.79 -45.61 7.54
CA ARG C 44 -13.88 -45.57 7.61
C ARG C 44 -14.57 -45.14 6.31
N SER C 45 -15.33 -46.03 5.70
CA SER C 45 -16.06 -45.71 4.51
C SER C 45 -16.98 -44.50 4.75
N ILE C 46 -17.02 -43.58 3.80
CA ILE C 46 -18.02 -42.51 3.84
C ILE C 46 -19.43 -43.08 3.94
N ALA C 47 -19.67 -44.20 3.26
CA ALA C 47 -21.01 -44.80 3.36
C ALA C 47 -21.33 -45.35 4.75
N PHE C 48 -20.34 -45.70 5.58
CA PHE C 48 -20.66 -46.09 6.96
C PHE C 48 -21.04 -44.90 7.87
N GLY C 49 -20.53 -43.72 7.57
CA GLY C 49 -20.98 -42.52 8.22
C GLY C 49 -22.45 -42.25 7.91
N VAL C 50 -22.83 -42.40 6.64
CA VAL C 50 -24.23 -42.28 6.24
C VAL C 50 -25.05 -43.34 6.97
N ALA C 51 -24.61 -44.58 6.91
CA ALA C 51 -25.36 -45.64 7.56
C ALA C 51 -25.61 -45.30 9.04
N LYS C 52 -24.57 -44.84 9.77
CA LYS C 52 -24.77 -44.57 11.20
C LYS C 52 -25.83 -43.49 11.39
N VAL C 53 -25.79 -42.46 10.54
CA VAL C 53 -26.70 -41.32 10.73
C VAL C 53 -28.11 -41.77 10.39
N LEU C 54 -28.30 -42.37 9.21
CA LEU C 54 -29.61 -42.88 8.84
C LEU C 54 -30.16 -43.85 9.88
N ASP C 55 -29.28 -44.67 10.47
CA ASP C 55 -29.74 -45.78 11.29
C ASP C 55 -30.19 -45.18 12.62
N GLN C 56 -29.43 -44.22 13.11
CA GLN C 56 -29.77 -43.46 14.30
C GLN C 56 -31.08 -42.66 14.15
N LEU C 57 -31.51 -42.41 12.93
CA LEU C 57 -32.72 -41.62 12.67
C LEU C 57 -33.90 -42.55 12.43
N GLY C 58 -33.68 -43.85 12.57
CA GLY C 58 -34.73 -44.86 12.54
C GLY C 58 -35.05 -45.54 11.22
N ALA C 59 -34.31 -45.24 10.14
CA ALA C 59 -34.49 -45.93 8.84
C ALA C 59 -34.12 -47.41 8.85
N LYS C 60 -34.78 -48.18 7.98
CA LYS C 60 -34.35 -49.55 7.67
C LYS C 60 -33.35 -49.48 6.51
N LEU C 61 -32.25 -50.22 6.63
CA LEU C 61 -31.11 -50.09 5.73
C LEU C 61 -30.80 -51.40 4.97
N VAL C 62 -30.43 -51.26 3.70
CA VAL C 62 -30.13 -52.37 2.81
C VAL C 62 -28.77 -51.98 2.27
N PHE C 63 -27.81 -52.89 2.38
CA PHE C 63 -26.43 -52.63 1.97
C PHE C 63 -26.01 -53.47 0.77
N THR C 64 -25.30 -52.84 -0.17
CA THR C 64 -24.69 -53.58 -1.25
C THR C 64 -23.15 -53.50 -1.21
N TYR C 65 -22.51 -54.57 -1.66
CA TYR C 65 -21.04 -54.62 -1.53
C TYR C 65 -20.49 -55.33 -2.76
N ARG C 66 -19.20 -55.15 -3.02
CA ARG C 66 -18.63 -55.90 -4.13
C ARG C 66 -17.81 -57.12 -3.66
N LYS C 67 -16.81 -56.87 -2.83
CA LYS C 67 -15.82 -57.87 -2.41
CA LYS C 67 -15.83 -57.86 -2.39
C LYS C 67 -16.34 -58.61 -1.17
N GLU C 68 -16.15 -59.92 -1.14
CA GLU C 68 -16.60 -60.62 0.05
CA GLU C 68 -16.37 -60.77 0.05
C GLU C 68 -16.00 -60.03 1.33
N ARG C 69 -14.83 -59.40 1.26
CA ARG C 69 -14.20 -58.81 2.43
C ARG C 69 -15.05 -57.67 2.99
N SER C 70 -15.63 -56.91 2.07
CA SER C 70 -16.61 -55.88 2.42
C SER C 70 -17.88 -56.47 3.08
N ARG C 71 -18.31 -57.66 2.66
CA ARG C 71 -19.47 -58.24 3.35
C ARG C 71 -19.09 -58.57 4.80
N LYS C 72 -17.92 -59.17 4.99
CA LYS C 72 -17.41 -59.48 6.31
C LYS C 72 -17.34 -58.26 7.23
N GLU C 73 -16.81 -57.15 6.72
CA GLU C 73 -16.83 -55.89 7.45
C GLU C 73 -18.26 -55.43 7.76
N LEU C 74 -19.16 -55.52 6.78
CA LEU C 74 -20.56 -55.11 6.99
C LEU C 74 -21.14 -55.92 8.12
N GLU C 75 -20.89 -57.23 8.11
CA GLU C 75 -21.46 -58.09 9.14
C GLU C 75 -20.94 -57.69 10.53
N LYS C 76 -19.68 -57.29 10.62
CA LYS C 76 -19.10 -56.82 11.88
C LYS C 76 -19.65 -55.44 12.26
N LEU C 77 -19.81 -54.57 11.25
CA LEU C 77 -20.27 -53.18 11.47
C LEU C 77 -21.76 -53.08 11.82
N LEU C 78 -22.57 -53.93 11.21
CA LEU C 78 -23.96 -54.08 11.60
C LEU C 78 -24.16 -54.32 13.10
N GLU C 79 -23.13 -54.78 13.78
CA GLU C 79 -23.22 -55.01 15.23
C GLU C 79 -23.33 -53.71 16.01
N GLN C 80 -23.03 -52.58 15.35
CA GLN C 80 -23.00 -51.27 16.00
C GLN C 80 -24.27 -50.50 15.71
N LEU C 81 -25.10 -51.05 14.83
CA LEU C 81 -26.25 -50.34 14.31
C LEU C 81 -27.50 -50.92 14.96
N ASN C 82 -28.60 -50.19 14.88
CA ASN C 82 -29.83 -50.66 15.47
C ASN C 82 -30.62 -51.51 14.51
N GLN C 83 -30.10 -51.82 13.32
CA GLN C 83 -30.88 -52.63 12.38
C GLN C 83 -31.12 -54.02 12.99
N PRO C 84 -32.37 -54.51 12.95
CA PRO C 84 -32.60 -55.84 13.47
C PRO C 84 -32.35 -56.91 12.43
N GLU C 85 -32.22 -56.50 11.17
CA GLU C 85 -32.00 -57.44 10.08
C GLU C 85 -30.82 -56.97 9.24
N ALA C 86 -29.93 -57.93 8.95
CA ALA C 86 -28.85 -57.72 8.00
C ALA C 86 -29.42 -57.90 6.60
N HIS C 87 -29.57 -56.83 5.83
CA HIS C 87 -29.98 -57.03 4.45
C HIS C 87 -28.77 -56.75 3.58
N LEU C 88 -28.07 -57.79 3.11
CA LEU C 88 -26.83 -57.56 2.35
C LEU C 88 -26.86 -58.17 0.95
N TYR C 89 -26.46 -57.41 -0.04
CA TYR C 89 -26.48 -57.89 -1.42
C TYR C 89 -25.16 -57.59 -2.10
N GLN C 90 -24.64 -58.60 -2.79
CA GLN C 90 -23.44 -58.43 -3.55
C GLN C 90 -23.82 -57.82 -4.88
N ILE C 91 -23.35 -56.60 -5.13
CA ILE C 91 -23.60 -55.97 -6.42
C ILE C 91 -22.33 -55.34 -6.92
N ASP C 92 -21.78 -55.95 -7.96
CA ASP C 92 -20.69 -55.34 -8.68
C ASP C 92 -21.29 -54.48 -9.80
N VAL C 93 -21.14 -53.16 -9.70
CA VAL C 93 -21.83 -52.26 -10.64
C VAL C 93 -21.22 -52.28 -12.05
N GLN C 94 -20.17 -53.06 -12.28
CA GLN C 94 -19.76 -53.32 -13.65
C GLN C 94 -20.70 -54.29 -14.39
N SER C 95 -21.49 -55.07 -13.64
CA SER C 95 -22.41 -56.06 -14.23
C SER C 95 -23.86 -55.55 -14.32
N ASP C 96 -24.36 -55.44 -15.54
CA ASP C 96 -25.78 -55.10 -15.72
C ASP C 96 -26.71 -56.09 -15.01
N GLU C 97 -26.45 -57.38 -15.25
CA GLU C 97 -27.07 -58.49 -14.51
C GLU C 97 -27.13 -58.28 -13.01
N GLU C 98 -26.01 -57.88 -12.42
CA GLU C 98 -25.93 -57.92 -10.96
C GLU C 98 -26.66 -56.74 -10.35
N VAL C 99 -26.58 -55.56 -10.97
CA VAL C 99 -27.42 -54.41 -10.60
C VAL C 99 -28.90 -54.79 -10.78
N ILE C 100 -29.24 -55.29 -11.96
CA ILE C 100 -30.65 -55.58 -12.28
C ILE C 100 -31.23 -56.61 -11.31
N ASN C 101 -30.49 -57.69 -11.07
CA ASN C 101 -31.01 -58.78 -10.23
C ASN C 101 -30.89 -58.43 -8.76
N GLY C 102 -29.88 -57.64 -8.40
CA GLY C 102 -29.72 -57.21 -7.02
C GLY C 102 -30.87 -56.33 -6.54
N PHE C 103 -31.15 -55.26 -7.28
CA PHE C 103 -32.30 -54.42 -6.97
C PHE C 103 -33.64 -55.14 -7.03
N GLU C 104 -33.79 -56.00 -8.04
CA GLU C 104 -34.96 -56.87 -8.14
C GLU C 104 -35.19 -57.68 -6.85
N GLN C 105 -34.17 -58.43 -6.46
CA GLN C 105 -34.15 -59.13 -5.18
C GLN C 105 -34.47 -58.22 -3.97
N ILE C 106 -33.91 -57.01 -3.93
CA ILE C 106 -34.12 -56.07 -2.84
C ILE C 106 -35.60 -55.75 -2.66
N GLY C 107 -36.24 -55.45 -3.78
CA GLY C 107 -37.67 -55.24 -3.79
C GLY C 107 -38.44 -56.45 -3.28
N LYS C 108 -37.98 -57.66 -3.60
CA LYS C 108 -38.72 -58.86 -3.19
C LYS C 108 -38.57 -59.08 -1.69
N ASP C 109 -37.43 -58.71 -1.10
CA ASP C 109 -37.17 -58.87 0.33
C ASP C 109 -37.69 -57.74 1.23
N VAL C 110 -37.50 -56.48 0.81
CA VAL C 110 -37.94 -55.35 1.63
C VAL C 110 -39.05 -54.51 1.02
N GLY C 111 -39.50 -54.82 -0.19
CA GLY C 111 -40.61 -54.08 -0.78
C GLY C 111 -40.06 -52.78 -1.37
N ASN C 112 -40.87 -51.76 -1.48
CA ASN C 112 -40.43 -50.53 -2.10
C ASN C 112 -39.52 -49.73 -1.17
N ILE C 113 -38.66 -48.90 -1.76
CA ILE C 113 -37.67 -48.13 -1.01
C ILE C 113 -37.90 -46.64 -1.17
N ASP C 114 -37.23 -45.87 -0.33
CA ASP C 114 -37.34 -44.43 -0.35
C ASP C 114 -36.16 -43.73 -1.04
N GLY C 115 -35.03 -44.42 -1.20
CA GLY C 115 -33.88 -43.77 -1.80
C GLY C 115 -32.64 -44.62 -1.81
N VAL C 116 -31.61 -44.13 -2.51
CA VAL C 116 -30.33 -44.83 -2.64
C VAL C 116 -29.18 -43.84 -2.36
N TYR C 117 -28.23 -44.25 -1.52
CA TYR C 117 -26.98 -43.52 -1.36
C TYR C 117 -25.89 -44.23 -2.15
N HIS C 118 -25.33 -43.56 -3.17
CA HIS C 118 -24.29 -44.16 -3.98
C HIS C 118 -22.93 -43.62 -3.52
N SER C 119 -22.06 -44.51 -3.07
CA SER C 119 -20.74 -44.17 -2.54
C SER C 119 -19.71 -45.09 -3.21
N ILE C 120 -19.67 -45.06 -4.54
CA ILE C 120 -18.90 -46.06 -5.26
C ILE C 120 -18.02 -45.35 -6.27
N ALA C 121 -16.74 -45.66 -6.25
CA ALA C 121 -15.84 -45.20 -7.31
C ALA C 121 -14.60 -46.07 -7.33
N PHE C 122 -13.90 -46.06 -8.46
CA PHE C 122 -12.69 -46.83 -8.61
C PHE C 122 -11.84 -46.31 -9.76
N ALA C 123 -10.53 -46.33 -9.57
CA ALA C 123 -9.56 -46.15 -10.64
C ALA C 123 -8.33 -46.95 -10.24
N ASN C 124 -7.52 -47.30 -11.23
CA ASN C 124 -6.25 -47.97 -10.96
C ASN C 124 -5.32 -46.96 -10.33
N MET C 125 -4.56 -47.43 -9.36
CA MET C 125 -3.40 -46.74 -8.84
C MET C 125 -2.53 -46.10 -9.90
N GLU C 126 -2.15 -46.85 -10.93
CA GLU C 126 -1.35 -46.29 -12.03
C GLU C 126 -1.87 -44.92 -12.49
N ASP C 127 -3.19 -44.73 -12.46
CA ASP C 127 -3.80 -43.57 -13.08
C ASP C 127 -4.16 -42.53 -12.01
N LEU C 128 -3.46 -42.44 -10.87
CA LEU C 128 -3.88 -41.49 -9.82
C LEU C 128 -2.72 -40.70 -9.22
N ARG C 129 -1.73 -40.46 -10.10
CA ARG C 129 -0.43 -39.91 -9.75
C ARG C 129 0.31 -39.70 -11.06
N GLY C 130 1.40 -38.95 -11.03
CA GLY C 130 2.10 -38.58 -12.27
C GLY C 130 1.15 -37.87 -13.25
N ARG C 131 1.18 -38.25 -14.52
CA ARG C 131 0.72 -37.34 -15.58
C ARG C 131 -0.62 -37.82 -16.09
N PHE C 132 -1.61 -36.94 -16.02
CA PHE C 132 -2.94 -37.20 -16.57
C PHE C 132 -2.86 -37.52 -18.06
N SER C 133 -2.07 -36.75 -18.81
CA SER C 133 -1.98 -36.97 -20.25
C SER C 133 -1.57 -38.42 -20.57
N GLU C 134 -1.07 -39.16 -19.58
CA GLU C 134 -0.61 -40.55 -19.79
C GLU C 134 -1.65 -41.61 -19.43
N THR C 135 -2.84 -41.18 -19.03
CA THR C 135 -3.94 -42.10 -18.73
C THR C 135 -4.18 -43.04 -19.91
N SER C 136 -4.31 -44.35 -19.62
CA SER C 136 -4.66 -45.35 -20.65
C SER C 136 -6.17 -45.29 -20.94
N ARG C 137 -6.57 -45.68 -22.14
CA ARG C 137 -7.99 -45.70 -22.49
C ARG C 137 -8.75 -46.62 -21.52
N GLU C 138 -8.16 -47.78 -21.27
CA GLU C 138 -8.81 -48.80 -20.47
C GLU C 138 -8.99 -48.30 -19.02
N GLY C 139 -8.07 -47.50 -18.49
CA GLY C 139 -8.16 -47.02 -17.12
C GLY C 139 -9.12 -45.83 -17.07
N PHE C 140 -9.17 -45.09 -18.16
CA PHE C 140 -10.14 -44.01 -18.28
C PHE C 140 -11.57 -44.55 -18.33
N LEU C 141 -11.83 -45.58 -19.13
CA LEU C 141 -13.21 -46.08 -19.28
C LEU C 141 -13.62 -46.88 -18.03
N LEU C 142 -12.63 -47.48 -17.36
CA LEU C 142 -12.86 -48.21 -16.13
C LEU C 142 -13.42 -47.28 -15.05
N ALA C 143 -12.79 -46.11 -14.85
CA ALA C 143 -13.22 -45.18 -13.82
C ALA C 143 -14.59 -44.58 -14.12
N GLN C 144 -14.88 -44.30 -15.40
CA GLN C 144 -16.21 -43.82 -15.85
C GLN C 144 -17.29 -44.85 -15.59
N ASP C 145 -16.99 -46.12 -15.88
CA ASP C 145 -17.94 -47.20 -15.85
C ASP C 145 -18.34 -47.36 -14.38
N ILE C 146 -17.36 -47.45 -13.47
CA ILE C 146 -17.66 -47.73 -12.07
C ILE C 146 -18.14 -46.48 -11.33
N SER C 147 -17.58 -45.32 -11.66
CA SER C 147 -17.73 -44.16 -10.80
C SER C 147 -18.85 -43.26 -11.30
N SER C 148 -19.26 -43.40 -12.57
CA SER C 148 -20.32 -42.54 -13.16
C SER C 148 -21.50 -43.32 -13.75
N TYR C 149 -21.23 -44.18 -14.75
CA TYR C 149 -22.29 -44.94 -15.38
C TYR C 149 -23.05 -45.72 -14.32
N SER C 150 -22.37 -46.24 -13.28
CA SER C 150 -23.06 -47.06 -12.28
C SER C 150 -24.28 -46.33 -11.72
N LEU C 151 -24.19 -45.01 -11.59
CA LEU C 151 -25.33 -44.24 -11.07
C LEU C 151 -26.56 -44.30 -11.99
N THR C 152 -26.34 -44.17 -13.29
CA THR C 152 -27.40 -44.24 -14.29
C THR C 152 -28.19 -45.55 -14.25
N ILE C 153 -27.48 -46.68 -14.31
CA ILE C 153 -28.18 -47.97 -14.36
C ILE C 153 -28.77 -48.26 -12.97
N VAL C 154 -28.10 -47.88 -11.89
CA VAL C 154 -28.71 -47.99 -10.57
C VAL C 154 -30.02 -47.18 -10.42
N ALA C 155 -30.05 -45.96 -10.94
CA ALA C 155 -31.22 -45.10 -10.88
C ALA C 155 -32.33 -45.78 -11.68
N HIS C 156 -31.98 -46.35 -12.83
CA HIS C 156 -32.98 -47.00 -13.69
C HIS C 156 -33.61 -48.17 -12.96
N GLU C 157 -32.81 -48.93 -12.22
CA GLU C 157 -33.29 -50.15 -11.58
C GLU C 157 -33.99 -49.82 -10.27
N ALA C 158 -33.43 -48.85 -9.56
CA ALA C 158 -33.97 -48.41 -8.29
C ALA C 158 -35.32 -47.69 -8.48
N LYS C 159 -35.50 -47.02 -9.62
CA LYS C 159 -36.77 -46.33 -9.92
C LYS C 159 -37.97 -47.30 -9.90
N LYS C 160 -37.72 -48.56 -10.29
CA LYS C 160 -38.72 -49.62 -10.20
C LYS C 160 -39.27 -49.83 -8.78
N LEU C 161 -38.56 -49.36 -7.77
CA LEU C 161 -38.89 -49.63 -6.38
C LEU C 161 -39.35 -48.34 -5.73
N MET C 162 -39.57 -47.32 -6.54
CA MET C 162 -40.00 -46.04 -5.98
C MET C 162 -41.18 -45.47 -6.77
N PRO C 163 -42.30 -46.23 -6.79
CA PRO C 163 -43.47 -45.84 -7.58
C PRO C 163 -44.07 -44.51 -7.14
N GLU C 164 -43.86 -44.12 -5.88
CA GLU C 164 -44.37 -42.86 -5.36
C GLU C 164 -43.33 -41.73 -5.27
N GLY C 165 -42.11 -41.92 -5.77
CA GLY C 165 -41.04 -40.92 -5.63
C GLY C 165 -39.94 -41.43 -4.68
N GLY C 166 -38.80 -40.76 -4.68
CA GLY C 166 -37.76 -41.03 -3.71
C GLY C 166 -36.58 -40.10 -3.92
N SER C 167 -35.41 -40.50 -3.42
CA SER C 167 -34.24 -39.62 -3.41
C SER C 167 -32.96 -40.42 -3.65
N ILE C 168 -32.15 -40.02 -4.63
CA ILE C 168 -30.91 -40.70 -4.97
C ILE C 168 -29.78 -39.67 -4.75
N VAL C 169 -28.74 -40.05 -4.01
CA VAL C 169 -27.63 -39.15 -3.67
C VAL C 169 -26.31 -39.85 -3.98
N ALA C 170 -25.44 -39.20 -4.76
CA ALA C 170 -24.16 -39.77 -5.10
C ALA C 170 -23.06 -38.94 -4.41
N THR C 171 -21.86 -39.49 -4.29
CA THR C 171 -20.80 -38.84 -3.55
C THR C 171 -19.73 -38.36 -4.54
N THR C 172 -19.39 -37.09 -4.51
CA THR C 172 -18.44 -36.59 -5.49
C THR C 172 -17.32 -35.81 -4.76
N TYR C 173 -16.41 -35.24 -5.53
CA TYR C 173 -15.30 -34.50 -4.92
C TYR C 173 -15.08 -33.29 -5.81
N LEU C 174 -14.56 -32.23 -5.22
CA LEU C 174 -14.32 -30.94 -5.83
C LEU C 174 -13.42 -31.08 -7.06
N GLY C 175 -12.58 -32.12 -7.07
CA GLY C 175 -11.84 -32.51 -8.26
C GLY C 175 -12.63 -32.68 -9.53
N GLY C 176 -13.93 -32.98 -9.45
CA GLY C 176 -14.85 -32.92 -10.60
C GLY C 176 -15.11 -31.55 -11.21
N GLU C 177 -14.90 -30.48 -10.44
CA GLU C 177 -15.21 -29.12 -10.88
C GLU C 177 -13.94 -28.34 -11.20
N PHE C 178 -12.78 -28.73 -10.64
CA PHE C 178 -11.48 -28.08 -10.85
C PHE C 178 -10.40 -29.14 -11.00
N ALA C 179 -9.31 -28.83 -11.71
CA ALA C 179 -8.20 -29.77 -11.76
C ALA C 179 -7.42 -29.71 -10.45
N VAL C 180 -7.45 -30.81 -9.71
CA VAL C 180 -6.75 -30.96 -8.45
C VAL C 180 -5.57 -31.87 -8.76
N GLN C 181 -4.38 -31.56 -8.23
CA GLN C 181 -3.19 -32.34 -8.55
C GLN C 181 -3.39 -33.79 -8.08
N ASN C 182 -2.94 -34.74 -8.92
CA ASN C 182 -2.92 -36.18 -8.62
C ASN C 182 -4.25 -36.92 -8.76
N TYR C 183 -5.34 -36.18 -8.72
CA TYR C 183 -6.67 -36.79 -8.80
C TYR C 183 -6.99 -37.26 -10.21
N ASN C 184 -6.44 -36.57 -11.21
CA ASN C 184 -6.35 -37.09 -12.58
C ASN C 184 -7.61 -37.82 -13.03
N VAL C 185 -7.53 -39.10 -13.37
CA VAL C 185 -8.63 -39.71 -14.10
C VAL C 185 -9.93 -39.66 -13.28
N MET C 186 -9.80 -39.77 -11.96
CA MET C 186 -10.96 -39.66 -11.10
C MET C 186 -11.72 -38.30 -11.22
N GLY C 187 -10.98 -37.22 -11.45
CA GLY C 187 -11.63 -35.93 -11.57
C GLY C 187 -12.55 -35.89 -12.78
N VAL C 188 -12.07 -36.40 -13.93
CA VAL C 188 -12.90 -36.40 -15.14
C VAL C 188 -14.07 -37.35 -14.93
N ALA C 189 -13.89 -38.41 -14.15
CA ALA C 189 -15.00 -39.32 -13.91
C ALA C 189 -16.02 -38.63 -12.95
N LYS C 190 -15.55 -37.79 -12.03
CA LYS C 190 -16.45 -37.04 -11.11
C LYS C 190 -17.19 -35.95 -11.87
N ALA C 191 -16.54 -35.31 -12.83
CA ALA C 191 -17.22 -34.33 -13.68
C ALA C 191 -18.40 -35.02 -14.36
N SER C 192 -18.08 -36.16 -14.95
CA SER C 192 -19.07 -37.05 -15.57
C SER C 192 -20.19 -37.46 -14.60
N LEU C 193 -19.83 -37.83 -13.36
CA LEU C 193 -20.83 -38.17 -12.35
C LEU C 193 -21.74 -36.99 -12.01
N GLU C 194 -21.15 -35.81 -11.89
CA GLU C 194 -21.92 -34.65 -11.46
C GLU C 194 -22.93 -34.25 -12.56
N ALA C 195 -22.57 -34.46 -13.83
CA ALA C 195 -23.50 -34.25 -14.93
C ALA C 195 -24.60 -35.33 -14.97
N ASN C 196 -24.19 -36.58 -14.86
CA ASN C 196 -25.11 -37.71 -14.69
C ASN C 196 -26.24 -37.33 -13.72
N VAL C 197 -25.86 -36.79 -12.57
CA VAL C 197 -26.80 -36.34 -11.55
C VAL C 197 -27.78 -35.33 -12.14
N LYS C 198 -27.26 -34.34 -12.85
CA LYS C 198 -28.14 -33.33 -13.47
C LYS C 198 -29.10 -33.94 -14.51
N TYR C 199 -28.66 -34.93 -15.26
CA TYR C 199 -29.42 -35.45 -16.38
C TYR C 199 -30.44 -36.42 -15.75
N LEU C 200 -30.01 -37.15 -14.73
CA LEU C 200 -30.95 -38.02 -14.01
C LEU C 200 -32.04 -37.22 -13.30
N ALA C 201 -31.64 -36.09 -12.69
CA ALA C 201 -32.58 -35.18 -12.07
C ALA C 201 -33.70 -34.73 -13.02
N LEU C 202 -33.32 -34.26 -14.22
CA LEU C 202 -34.26 -33.81 -15.23
C LEU C 202 -35.16 -34.95 -15.69
N ASP C 203 -34.56 -36.09 -15.98
CA ASP C 203 -35.28 -37.25 -16.51
C ASP C 203 -36.27 -37.84 -15.51
N LEU C 204 -35.86 -37.93 -14.23
CA LEU C 204 -36.69 -38.60 -13.22
C LEU C 204 -37.54 -37.62 -12.37
N GLY C 205 -37.30 -36.31 -12.49
CA GLY C 205 -38.16 -35.28 -11.87
C GLY C 205 -39.67 -35.51 -12.00
N PRO C 206 -40.15 -35.76 -13.22
CA PRO C 206 -41.61 -35.96 -13.34
C PRO C 206 -42.08 -37.21 -12.59
N ASP C 207 -41.15 -38.06 -12.16
CA ASP C 207 -41.52 -39.23 -11.35
C ASP C 207 -41.42 -38.96 -9.86
N ASN C 208 -41.20 -37.70 -9.54
CA ASN C 208 -40.87 -37.30 -8.17
C ASN C 208 -39.66 -38.08 -7.61
N ILE C 209 -38.67 -38.37 -8.46
CA ILE C 209 -37.42 -38.90 -7.91
C ILE C 209 -36.38 -37.77 -7.92
N ARG C 210 -35.88 -37.39 -6.77
CA ARG C 210 -34.86 -36.33 -6.74
C ARG C 210 -33.48 -36.99 -6.89
N VAL C 211 -32.57 -36.30 -7.56
CA VAL C 211 -31.20 -36.80 -7.67
C VAL C 211 -30.25 -35.65 -7.33
N ASN C 212 -29.29 -35.88 -6.42
CA ASN C 212 -28.36 -34.89 -5.87
C ASN C 212 -26.98 -35.49 -5.64
N ALA C 213 -25.97 -34.65 -5.45
CA ALA C 213 -24.64 -35.12 -5.06
C ALA C 213 -24.20 -34.39 -3.80
N ILE C 214 -23.47 -35.10 -2.94
CA ILE C 214 -22.63 -34.48 -1.94
C ILE C 214 -21.14 -34.44 -2.34
N SER C 215 -20.56 -33.27 -2.23
CA SER C 215 -19.14 -33.11 -2.54
C SER C 215 -18.40 -33.14 -1.24
N ALA C 216 -17.84 -34.30 -0.90
CA ALA C 216 -17.20 -34.39 0.41
C ALA C 216 -15.77 -33.82 0.35
N GLY C 217 -15.35 -33.23 1.45
CA GLY C 217 -13.97 -32.79 1.61
C GLY C 217 -13.14 -34.05 1.82
N PRO C 218 -11.80 -33.94 1.72
CA PRO C 218 -10.95 -35.16 1.88
C PRO C 218 -11.16 -35.84 3.24
N ILE C 219 -11.24 -37.18 3.25
CA ILE C 219 -11.44 -37.99 4.49
C ILE C 219 -10.59 -39.30 4.41
N ARG C 220 -9.93 -39.70 5.49
CA ARG C 220 -9.01 -40.79 5.38
C ARG C 220 -9.83 -42.06 5.25
N THR C 221 -9.86 -42.62 4.04
CA THR C 221 -10.52 -43.88 3.75
C THR C 221 -9.57 -44.82 3.02
N LEU C 222 -10.02 -46.03 2.79
CA LEU C 222 -9.22 -47.01 2.08
C LEU C 222 -8.94 -46.51 0.64
N SER C 223 -9.94 -45.92 -0.02
CA SER C 223 -9.77 -45.37 -1.35
C SER C 223 -8.81 -44.17 -1.37
N ALA C 224 -8.81 -43.35 -0.32
CA ALA C 224 -7.95 -42.18 -0.25
C ALA C 224 -6.49 -42.57 -0.32
N LYS C 225 -6.20 -43.76 0.18
CA LYS C 225 -4.85 -44.31 0.13
C LYS C 225 -4.30 -44.34 -1.30
N GLY C 226 -5.18 -44.31 -2.29
CA GLY C 226 -4.71 -44.46 -3.65
C GLY C 226 -4.36 -43.14 -4.29
N VAL C 227 -4.76 -42.03 -3.66
CA VAL C 227 -4.56 -40.73 -4.23
C VAL C 227 -3.18 -40.17 -3.83
N GLY C 228 -2.30 -39.90 -4.76
CA GLY C 228 -1.03 -39.29 -4.33
C GLY C 228 -1.29 -38.01 -3.56
N GLY C 229 -0.41 -37.68 -2.62
CA GLY C 229 -0.40 -36.35 -2.04
C GLY C 229 -1.44 -36.10 -0.96
N PHE C 230 -2.16 -37.14 -0.58
CA PHE C 230 -3.35 -37.05 0.28
C PHE C 230 -3.14 -36.37 1.65
N ASN C 231 -2.08 -36.66 2.36
CA ASN C 231 -1.77 -35.91 3.57
C ASN C 231 -1.65 -34.40 3.34
N THR C 232 -1.08 -34.01 2.21
CA THR C 232 -0.91 -32.59 1.89
C THR C 232 -2.25 -31.87 1.75
N ILE C 233 -3.22 -32.63 1.23
CA ILE C 233 -4.54 -32.16 0.88
C ILE C 233 -5.32 -31.85 2.16
N LEU C 234 -5.37 -32.83 3.07
CA LEU C 234 -5.88 -32.67 4.42
C LEU C 234 -5.34 -31.43 5.14
N LYS C 235 -4.03 -31.25 5.07
CA LYS C 235 -3.38 -30.16 5.76
C LYS C 235 -3.83 -28.84 5.17
N GLU C 236 -3.92 -28.78 3.85
CA GLU C 236 -4.27 -27.51 3.26
C GLU C 236 -5.72 -27.13 3.65
N ILE C 237 -6.61 -28.11 3.78
CA ILE C 237 -7.96 -27.85 4.29
C ILE C 237 -7.93 -27.20 5.66
N GLU C 238 -7.11 -27.74 6.58
CA GLU C 238 -7.03 -27.21 7.94
C GLU C 238 -6.43 -25.83 7.91
N GLU C 239 -5.53 -25.57 6.98
CA GLU C 239 -4.92 -24.27 6.95
C GLU C 239 -5.76 -23.20 6.24
N ARG C 240 -6.57 -23.59 5.26
CA ARG C 240 -7.13 -22.62 4.32
CA ARG C 240 -7.12 -22.65 4.27
C ARG C 240 -8.66 -22.60 4.23
N ALA C 241 -9.32 -23.70 4.58
CA ALA C 241 -10.78 -23.75 4.47
C ALA C 241 -11.37 -22.87 5.58
N PRO C 242 -12.52 -22.27 5.30
CA PRO C 242 -13.08 -21.35 6.25
C PRO C 242 -13.25 -21.94 7.67
N LEU C 243 -13.61 -23.22 7.79
CA LEU C 243 -13.77 -23.74 9.17
C LEU C 243 -12.42 -24.11 9.76
N LYS C 244 -11.35 -24.13 8.96
CA LYS C 244 -10.03 -24.51 9.46
C LYS C 244 -9.96 -25.89 10.06
N ARG C 245 -10.68 -26.84 9.50
CA ARG C 245 -10.69 -28.19 10.07
C ARG C 245 -11.18 -29.08 8.95
N ASN C 246 -10.84 -30.37 9.06
CA ASN C 246 -11.37 -31.36 8.15
C ASN C 246 -12.78 -31.82 8.53
N VAL C 247 -13.50 -32.38 7.56
CA VAL C 247 -14.83 -32.92 7.80
C VAL C 247 -14.64 -34.41 8.01
N ASP C 248 -15.65 -35.07 8.57
CA ASP C 248 -15.62 -36.53 8.71
C ASP C 248 -16.87 -37.16 8.16
N GLN C 249 -16.93 -38.48 8.28
CA GLN C 249 -17.95 -39.26 7.55
C GLN C 249 -19.36 -38.99 8.08
N VAL C 250 -19.48 -38.67 9.37
CA VAL C 250 -20.78 -38.47 10.00
C VAL C 250 -21.34 -37.15 9.47
N GLU C 251 -20.48 -36.13 9.33
CA GLU C 251 -20.92 -34.93 8.62
C GLU C 251 -21.49 -35.17 7.20
N VAL C 252 -20.84 -36.02 6.40
CA VAL C 252 -21.41 -36.38 5.11
C VAL C 252 -22.80 -37.02 5.29
N GLY C 253 -22.87 -37.97 6.22
CA GLY C 253 -24.15 -38.60 6.58
C GLY C 253 -25.29 -37.67 6.99
N LYS C 254 -24.96 -36.65 7.78
CA LYS C 254 -25.97 -35.70 8.26
C LYS C 254 -26.56 -34.97 7.07
N THR C 255 -25.72 -34.56 6.11
CA THR C 255 -26.22 -33.98 4.88
C THR C 255 -26.94 -35.00 4.00
N ALA C 256 -26.52 -36.26 4.05
CA ALA C 256 -27.24 -37.31 3.31
C ALA C 256 -28.64 -37.47 3.86
N ALA C 257 -28.78 -37.43 5.19
CA ALA C 257 -30.09 -37.50 5.84
C ALA C 257 -31.01 -36.38 5.35
N TYR C 258 -30.47 -35.18 5.24
CA TYR C 258 -31.21 -34.06 4.65
C TYR C 258 -31.66 -34.40 3.22
N LEU C 259 -30.71 -34.81 2.38
CA LEU C 259 -30.99 -35.03 0.95
C LEU C 259 -31.95 -36.20 0.73
N LEU C 260 -31.82 -37.25 1.52
CA LEU C 260 -32.65 -38.41 1.33
C LEU C 260 -34.03 -38.20 1.95
N SER C 261 -34.21 -37.12 2.70
CA SER C 261 -35.48 -36.98 3.42
C SER C 261 -36.34 -35.89 2.80
N ASP C 262 -37.51 -35.70 3.38
CA ASP C 262 -38.47 -34.74 2.87
C ASP C 262 -38.01 -33.32 3.19
N LEU C 263 -36.93 -33.19 3.96
CA LEU C 263 -36.47 -31.86 4.31
C LEU C 263 -35.95 -31.18 3.06
N SER C 264 -35.60 -31.98 2.07
CA SER C 264 -35.04 -31.41 0.85
C SER C 264 -35.99 -31.47 -0.35
N SER C 265 -37.29 -31.54 -0.11
N SER C 265 -37.29 -31.34 -0.13
CA SER C 265 -38.27 -31.46 -1.19
CA SER C 265 -38.31 -31.71 -1.14
C SER C 265 -38.02 -30.13 -1.90
C SER C 265 -38.24 -30.94 -2.46
N GLY C 266 -38.08 -30.14 -3.23
N GLY C 266 -37.75 -29.70 -2.42
CA GLY C 266 -37.70 -28.95 -4.00
CA GLY C 266 -37.64 -28.83 -3.61
C GLY C 266 -36.27 -28.93 -4.50
C GLY C 266 -36.23 -28.72 -4.19
N VAL C 267 -35.39 -29.70 -3.85
CA VAL C 267 -33.98 -29.68 -4.19
C VAL C 267 -33.62 -30.91 -5.06
N THR C 268 -33.24 -30.65 -6.30
CA THR C 268 -32.85 -31.75 -7.18
C THR C 268 -31.85 -31.17 -8.18
N GLY C 269 -30.99 -32.02 -8.72
CA GLY C 269 -29.90 -31.58 -9.55
C GLY C 269 -28.83 -30.79 -8.80
N GLU C 270 -28.78 -30.89 -7.48
CA GLU C 270 -27.91 -30.06 -6.67
C GLU C 270 -26.66 -30.79 -6.17
N ASN C 271 -25.62 -30.02 -5.85
CA ASN C 271 -24.33 -30.55 -5.39
C ASN C 271 -23.97 -29.81 -4.12
N ILE C 272 -24.14 -30.46 -2.97
CA ILE C 272 -23.88 -29.76 -1.70
C ILE C 272 -22.49 -30.11 -1.21
N HIS C 273 -21.66 -29.09 -1.06
CA HIS C 273 -20.26 -29.24 -0.60
C HIS C 273 -20.19 -29.36 0.90
N VAL C 274 -19.79 -30.54 1.36
CA VAL C 274 -19.66 -30.77 2.79
C VAL C 274 -18.15 -30.82 3.04
N ASP C 275 -17.51 -29.66 3.18
CA ASP C 275 -16.06 -29.56 2.98
C ASP C 275 -15.41 -28.41 3.72
N SER C 276 -16.07 -27.93 4.78
CA SER C 276 -15.52 -26.87 5.59
C SER C 276 -15.47 -25.53 4.90
N GLY C 277 -16.12 -25.43 3.75
CA GLY C 277 -16.14 -24.20 2.97
C GLY C 277 -15.13 -24.08 1.86
N PHE C 278 -14.26 -25.09 1.70
CA PHE C 278 -13.09 -25.02 0.83
C PHE C 278 -13.48 -24.74 -0.61
N HIS C 279 -14.64 -25.23 -1.05
CA HIS C 279 -15.06 -24.96 -2.44
C HIS C 279 -15.23 -23.47 -2.70
N ALA C 280 -15.46 -22.69 -1.64
CA ALA C 280 -15.90 -21.33 -1.88
C ALA C 280 -14.70 -20.36 -1.88
N ILE C 281 -13.48 -20.85 -1.69
CA ILE C 281 -12.31 -19.99 -1.53
C ILE C 281 -11.32 -20.24 -2.66
N LYS C 282 -10.53 -19.24 -3.02
CA LYS C 282 -9.37 -19.52 -3.86
C LYS C 282 -8.14 -18.90 -3.21
N ASN D 29 -2.35 -13.22 -37.29
CA ASN D 29 -1.59 -13.66 -38.50
C ASN D 29 -0.85 -14.97 -38.23
N LEU D 30 -1.17 -15.99 -39.02
CA LEU D 30 -0.76 -17.36 -38.68
C LEU D 30 0.20 -17.97 -39.71
N GLU D 31 0.85 -17.13 -40.50
CA GLU D 31 1.81 -17.62 -41.48
C GLU D 31 2.89 -18.38 -40.73
N ASN D 32 3.36 -19.52 -41.26
CA ASN D 32 4.35 -20.31 -40.56
C ASN D 32 3.86 -20.99 -39.30
N LYS D 33 2.55 -20.98 -39.08
CA LYS D 33 1.95 -21.86 -38.10
C LYS D 33 1.39 -23.10 -38.80
N THR D 34 1.24 -24.19 -38.04
CA THR D 34 0.71 -25.43 -38.59
C THR D 34 -0.25 -26.04 -37.60
N TYR D 35 -1.46 -26.35 -38.05
CA TYR D 35 -2.48 -26.84 -37.12
C TYR D 35 -3.12 -28.10 -37.64
N VAL D 36 -3.40 -29.04 -36.73
CA VAL D 36 -4.04 -30.29 -37.19
C VAL D 36 -5.53 -30.14 -36.92
N ILE D 37 -6.39 -30.34 -37.92
CA ILE D 37 -7.81 -30.19 -37.66
C ILE D 37 -8.54 -31.52 -37.77
N MET D 38 -9.13 -31.93 -36.64
CA MET D 38 -9.78 -33.23 -36.58
C MET D 38 -11.31 -33.10 -36.60
N GLY D 39 -11.94 -33.81 -37.52
CA GLY D 39 -13.39 -33.97 -37.49
C GLY D 39 -14.17 -33.13 -38.48
N ILE D 40 -13.62 -32.89 -39.67
CA ILE D 40 -14.45 -32.47 -40.81
C ILE D 40 -15.13 -33.68 -41.45
N ALA D 41 -16.45 -33.59 -41.64
CA ALA D 41 -17.23 -34.60 -42.34
C ALA D 41 -17.84 -34.02 -43.61
N ASN D 42 -18.23 -32.75 -43.58
CA ASN D 42 -18.80 -32.09 -44.78
C ASN D 42 -18.71 -30.56 -44.70
N LYS D 43 -19.37 -29.87 -45.63
CA LYS D 43 -19.26 -28.41 -45.67
C LYS D 43 -19.80 -27.72 -44.42
N ARG D 44 -20.80 -28.33 -43.78
CA ARG D 44 -21.36 -27.82 -42.51
C ARG D 44 -20.58 -28.13 -41.24
N SER D 45 -19.53 -28.93 -41.35
CA SER D 45 -18.81 -29.24 -40.12
C SER D 45 -18.27 -27.99 -39.42
N ILE D 46 -18.38 -27.98 -38.10
CA ILE D 46 -17.80 -26.89 -37.32
C ILE D 46 -16.31 -26.76 -37.65
N ALA D 47 -15.64 -27.88 -37.81
CA ALA D 47 -14.22 -27.86 -38.10
C ALA D 47 -13.95 -27.26 -39.48
N PHE D 48 -14.88 -27.34 -40.42
CA PHE D 48 -14.59 -26.67 -41.69
C PHE D 48 -14.67 -25.16 -41.47
N GLY D 49 -15.41 -24.75 -40.44
CA GLY D 49 -15.56 -23.34 -40.13
C GLY D 49 -14.22 -22.86 -39.62
N VAL D 50 -13.62 -23.65 -38.73
CA VAL D 50 -12.31 -23.36 -38.18
C VAL D 50 -11.28 -23.31 -39.32
N ALA D 51 -11.36 -24.33 -40.17
CA ALA D 51 -10.45 -24.43 -41.30
C ALA D 51 -10.41 -23.17 -42.17
N LYS D 52 -11.57 -22.65 -42.53
CA LYS D 52 -11.61 -21.54 -43.48
C LYS D 52 -10.96 -20.30 -42.85
N VAL D 53 -11.09 -20.17 -41.53
CA VAL D 53 -10.60 -19.00 -40.81
C VAL D 53 -9.08 -19.09 -40.64
N LEU D 54 -8.60 -20.19 -40.06
CA LEU D 54 -7.16 -20.44 -40.04
C LEU D 54 -6.51 -20.36 -41.43
N ASP D 55 -7.15 -20.93 -42.45
CA ASP D 55 -6.60 -20.85 -43.82
C ASP D 55 -6.54 -19.38 -44.28
N GLN D 56 -7.65 -18.65 -44.18
CA GLN D 56 -7.69 -17.22 -44.49
C GLN D 56 -6.55 -16.49 -43.76
N LEU D 57 -6.16 -16.94 -42.56
CA LEU D 57 -5.05 -16.32 -41.83
C LEU D 57 -3.63 -16.82 -42.21
N GLY D 58 -3.51 -17.65 -43.23
CA GLY D 58 -2.19 -18.08 -43.71
C GLY D 58 -1.55 -19.26 -42.98
N ALA D 59 -2.24 -19.86 -42.01
CA ALA D 59 -1.80 -21.15 -41.46
C ALA D 59 -1.66 -22.25 -42.51
N LYS D 60 -0.69 -23.15 -42.32
CA LYS D 60 -0.66 -24.47 -42.97
C LYS D 60 -1.53 -25.45 -42.15
N LEU D 61 -2.40 -26.17 -42.84
CA LEU D 61 -3.40 -27.04 -42.21
C LEU D 61 -3.20 -28.53 -42.56
N VAL D 62 -3.26 -29.39 -41.54
CA VAL D 62 -3.32 -30.85 -41.69
C VAL D 62 -4.73 -31.33 -41.31
N PHE D 63 -5.32 -32.24 -42.07
CA PHE D 63 -6.63 -32.75 -41.70
C PHE D 63 -6.68 -34.22 -41.28
N THR D 64 -7.46 -34.53 -40.27
CA THR D 64 -7.68 -35.94 -39.97
C THR D 64 -9.16 -36.28 -40.14
N TYR D 65 -9.47 -37.46 -40.64
CA TYR D 65 -10.82 -37.89 -40.97
C TYR D 65 -11.02 -39.34 -40.53
N ARG D 66 -12.26 -39.74 -40.23
CA ARG D 66 -12.49 -41.15 -39.89
C ARG D 66 -12.79 -42.02 -41.10
N LYS D 67 -13.82 -41.73 -41.88
CA LYS D 67 -14.21 -42.70 -42.90
C LYS D 67 -13.85 -42.19 -44.30
N GLU D 68 -13.74 -43.04 -45.30
CA GLU D 68 -13.30 -42.51 -46.60
CA GLU D 68 -13.36 -42.57 -46.64
C GLU D 68 -14.25 -41.42 -47.15
N ARG D 69 -15.53 -41.49 -46.80
CA ARG D 69 -16.49 -40.43 -47.11
C ARG D 69 -15.88 -39.06 -46.83
N SER D 70 -15.61 -38.81 -45.55
CA SER D 70 -15.08 -37.51 -45.18
C SER D 70 -13.77 -37.15 -45.92
N ARG D 71 -13.10 -38.16 -46.48
CA ARG D 71 -11.94 -37.97 -47.37
C ARG D 71 -12.23 -37.41 -48.77
N LYS D 72 -13.02 -38.11 -49.57
CA LYS D 72 -13.43 -37.54 -50.85
C LYS D 72 -14.12 -36.18 -50.62
N GLU D 73 -14.91 -36.07 -49.55
CA GLU D 73 -15.51 -34.80 -49.16
C GLU D 73 -14.46 -33.72 -48.85
N LEU D 74 -13.48 -34.07 -48.01
CA LEU D 74 -12.38 -33.18 -47.73
C LEU D 74 -11.58 -32.84 -48.98
N GLU D 75 -11.42 -33.79 -49.91
CA GLU D 75 -10.65 -33.54 -51.11
C GLU D 75 -11.29 -32.38 -51.84
N LYS D 76 -12.62 -32.35 -51.86
CA LYS D 76 -13.33 -31.29 -52.61
C LYS D 76 -13.41 -29.97 -51.84
N LEU D 77 -13.70 -30.03 -50.55
CA LEU D 77 -13.70 -28.83 -49.70
C LEU D 77 -12.37 -28.10 -49.66
N LEU D 78 -11.27 -28.84 -49.77
CA LEU D 78 -9.91 -28.29 -49.79
C LEU D 78 -9.55 -27.42 -50.99
N GLU D 79 -10.42 -27.45 -52.00
CA GLU D 79 -10.23 -26.62 -53.19
C GLU D 79 -10.65 -25.17 -52.96
N GLN D 80 -11.58 -24.98 -52.02
CA GLN D 80 -11.95 -23.66 -51.54
C GLN D 80 -10.81 -22.96 -50.79
N LEU D 81 -10.00 -23.74 -50.08
CA LEU D 81 -8.96 -23.20 -49.22
C LEU D 81 -7.71 -22.84 -50.03
N ASN D 82 -6.77 -22.10 -49.45
CA ASN D 82 -5.58 -21.74 -50.20
C ASN D 82 -4.43 -22.66 -49.87
N GLN D 83 -4.71 -23.85 -49.33
CA GLN D 83 -3.65 -24.80 -49.00
C GLN D 83 -2.96 -25.30 -50.28
N PRO D 84 -1.63 -25.14 -50.38
CA PRO D 84 -1.06 -25.53 -51.66
C PRO D 84 -0.91 -27.05 -51.71
N GLU D 85 -1.27 -27.74 -50.63
CA GLU D 85 -1.35 -29.20 -50.70
C GLU D 85 -2.20 -29.88 -49.63
N ALA D 86 -2.48 -31.15 -49.91
CA ALA D 86 -3.53 -31.91 -49.23
C ALA D 86 -2.94 -32.86 -48.20
N HIS D 87 -2.82 -32.39 -46.97
CA HIS D 87 -2.30 -33.23 -45.89
C HIS D 87 -3.49 -33.89 -45.18
N LEU D 88 -3.87 -35.07 -45.67
CA LEU D 88 -4.96 -35.87 -45.12
C LEU D 88 -4.50 -37.18 -44.43
N TYR D 89 -4.94 -37.43 -43.20
CA TYR D 89 -4.59 -38.63 -42.48
C TYR D 89 -5.84 -39.24 -41.88
N GLN D 90 -6.06 -40.52 -42.15
CA GLN D 90 -7.18 -41.22 -41.54
C GLN D 90 -6.87 -41.52 -40.08
N ILE D 91 -7.70 -41.05 -39.15
CA ILE D 91 -7.55 -41.44 -37.76
C ILE D 91 -8.91 -41.71 -37.16
N ASP D 92 -9.14 -42.96 -36.80
CA ASP D 92 -10.22 -43.32 -35.89
C ASP D 92 -9.76 -43.22 -34.43
N VAL D 93 -10.25 -42.24 -33.68
CA VAL D 93 -9.73 -41.98 -32.32
C VAL D 93 -10.04 -43.11 -31.35
N GLN D 94 -10.82 -44.06 -31.84
CA GLN D 94 -11.13 -45.26 -31.09
C GLN D 94 -9.94 -46.21 -31.01
N SER D 95 -8.96 -46.02 -31.89
CA SER D 95 -7.74 -46.81 -31.89
C SER D 95 -6.51 -46.03 -31.40
N ASP D 96 -5.88 -46.50 -30.32
CA ASP D 96 -4.60 -45.94 -29.88
C ASP D 96 -3.57 -45.90 -31.01
N GLU D 97 -3.41 -47.02 -31.70
CA GLU D 97 -2.43 -47.13 -32.78
C GLU D 97 -2.65 -46.13 -33.90
N GLU D 98 -3.89 -45.93 -34.30
CA GLU D 98 -4.17 -44.92 -35.32
C GLU D 98 -3.83 -43.50 -34.87
N VAL D 99 -4.08 -43.21 -33.59
CA VAL D 99 -3.82 -41.86 -33.13
C VAL D 99 -2.31 -41.70 -33.09
N ILE D 100 -1.64 -42.71 -32.54
CA ILE D 100 -0.17 -42.77 -32.48
C ILE D 100 0.53 -42.69 -33.87
N ASN D 101 0.21 -43.61 -34.78
CA ASN D 101 0.86 -43.64 -36.07
C ASN D 101 0.54 -42.39 -36.88
N GLY D 102 -0.74 -42.04 -36.92
CA GLY D 102 -1.20 -40.77 -37.48
C GLY D 102 -0.37 -39.54 -37.12
N PHE D 103 -0.20 -39.28 -35.82
CA PHE D 103 0.55 -38.11 -35.40
C PHE D 103 2.06 -38.23 -35.69
N GLU D 104 2.59 -39.44 -35.52
CA GLU D 104 3.96 -39.73 -35.95
C GLU D 104 4.18 -39.38 -37.43
N GLN D 105 3.24 -39.77 -38.29
CA GLN D 105 3.32 -39.49 -39.72
C GLN D 105 3.27 -37.99 -40.00
N ILE D 106 2.32 -37.28 -39.37
CA ILE D 106 2.18 -35.83 -39.49
C ILE D 106 3.52 -35.17 -39.16
N GLY D 107 4.13 -35.64 -38.08
CA GLY D 107 5.46 -35.19 -37.67
C GLY D 107 6.52 -35.40 -38.72
N LYS D 108 6.53 -36.55 -39.40
CA LYS D 108 7.46 -36.80 -40.52
C LYS D 108 7.13 -35.96 -41.77
N ASP D 109 5.85 -35.75 -42.04
CA ASP D 109 5.46 -35.06 -43.27
C ASP D 109 5.55 -33.55 -43.15
N VAL D 110 5.27 -33.01 -41.96
CA VAL D 110 5.23 -31.56 -41.81
C VAL D 110 6.11 -31.00 -40.70
N GLY D 111 6.53 -31.82 -39.73
CA GLY D 111 7.45 -31.38 -38.72
C GLY D 111 6.62 -30.97 -37.53
N ASN D 112 7.19 -30.11 -36.68
CA ASN D 112 6.54 -29.65 -35.49
C ASN D 112 5.31 -28.81 -35.81
N ILE D 113 4.25 -29.07 -35.05
CA ILE D 113 2.98 -28.35 -35.18
C ILE D 113 2.78 -27.33 -34.04
N ASP D 114 1.88 -26.38 -34.32
CA ASP D 114 1.58 -25.33 -33.37
C ASP D 114 0.32 -25.56 -32.53
N GLY D 115 -0.62 -26.37 -33.01
CA GLY D 115 -1.78 -26.67 -32.16
C GLY D 115 -2.66 -27.74 -32.76
N VAL D 116 -3.69 -28.19 -32.05
CA VAL D 116 -4.65 -29.17 -32.55
C VAL D 116 -6.05 -28.59 -32.36
N TYR D 117 -6.88 -28.64 -33.38
CA TYR D 117 -8.30 -28.39 -33.14
C TYR D 117 -9.06 -29.72 -33.17
N HIS D 118 -9.59 -30.08 -32.00
CA HIS D 118 -10.40 -31.27 -31.83
C HIS D 118 -11.87 -30.95 -32.06
N SER D 119 -12.50 -31.62 -33.02
CA SER D 119 -13.92 -31.39 -33.28
C SER D 119 -14.68 -32.69 -33.49
N ILE D 120 -14.54 -33.58 -32.53
CA ILE D 120 -14.92 -34.98 -32.69
C ILE D 120 -15.82 -35.45 -31.55
N ALA D 121 -16.95 -36.09 -31.91
CA ALA D 121 -17.83 -36.67 -30.89
C ALA D 121 -18.79 -37.64 -31.56
N PHE D 122 -19.39 -38.51 -30.75
CA PHE D 122 -20.32 -39.53 -31.22
C PHE D 122 -21.13 -40.11 -30.06
N ALA D 123 -22.39 -40.38 -30.34
CA ALA D 123 -23.27 -41.21 -29.53
C ALA D 123 -24.24 -41.93 -30.48
N ASN D 124 -24.68 -43.13 -30.12
CA ASN D 124 -25.70 -43.81 -30.91
C ASN D 124 -26.95 -42.95 -30.86
N MET D 125 -27.62 -42.91 -31.99
CA MET D 125 -28.89 -42.22 -32.08
C MET D 125 -29.98 -42.55 -31.04
N GLU D 126 -30.17 -43.81 -30.66
CA GLU D 126 -31.24 -44.08 -29.69
C GLU D 126 -30.92 -43.55 -28.30
N ASP D 127 -29.65 -43.24 -28.10
CA ASP D 127 -29.24 -42.59 -26.88
C ASP D 127 -29.48 -41.08 -26.89
N LEU D 128 -29.81 -40.48 -28.02
CA LEU D 128 -29.99 -39.01 -28.07
C LEU D 128 -31.46 -38.52 -28.08
N ARG D 129 -32.30 -39.29 -27.40
CA ARG D 129 -33.74 -39.04 -27.30
C ARG D 129 -34.35 -39.91 -26.21
N GLY D 130 -35.58 -39.55 -25.84
CA GLY D 130 -36.29 -40.27 -24.78
C GLY D 130 -35.55 -40.12 -23.46
N ARG D 131 -35.39 -41.23 -22.74
CA ARG D 131 -35.00 -41.16 -21.33
C ARG D 131 -33.51 -41.48 -21.16
N PHE D 132 -32.76 -40.50 -20.65
CA PHE D 132 -31.37 -40.68 -20.28
C PHE D 132 -31.14 -41.87 -19.33
N SER D 133 -32.07 -42.07 -18.39
CA SER D 133 -31.99 -43.19 -17.43
C SER D 133 -32.01 -44.54 -18.12
N GLU D 134 -32.37 -44.57 -19.40
CA GLU D 134 -32.40 -45.81 -20.17
C GLU D 134 -31.15 -46.01 -21.01
N THR D 135 -30.15 -45.12 -20.92
CA THR D 135 -28.88 -45.29 -21.63
C THR D 135 -28.17 -46.63 -21.33
N SER D 136 -27.78 -47.40 -22.36
CA SER D 136 -26.90 -48.56 -22.18
C SER D 136 -25.46 -48.27 -21.75
N ARG D 137 -24.89 -49.20 -20.99
CA ARG D 137 -23.47 -49.15 -20.64
C ARG D 137 -22.61 -48.94 -21.88
N GLU D 138 -22.88 -49.74 -22.92
CA GLU D 138 -22.08 -49.70 -24.13
CA GLU D 138 -22.08 -49.69 -24.16
C GLU D 138 -22.17 -48.31 -24.79
N GLY D 139 -23.37 -47.76 -24.89
CA GLY D 139 -23.52 -46.43 -25.48
C GLY D 139 -22.97 -45.31 -24.62
N PHE D 140 -23.17 -45.39 -23.31
CA PHE D 140 -22.49 -44.46 -22.45
C PHE D 140 -20.95 -44.49 -22.65
N LEU D 141 -20.37 -45.70 -22.73
CA LEU D 141 -18.92 -45.78 -22.72
C LEU D 141 -18.39 -45.33 -24.08
N LEU D 142 -19.15 -45.63 -25.13
CA LEU D 142 -18.78 -45.24 -26.49
C LEU D 142 -18.69 -43.72 -26.59
N ALA D 143 -19.69 -43.02 -26.05
CA ALA D 143 -19.71 -41.56 -26.11
C ALA D 143 -18.52 -40.98 -25.35
N GLN D 144 -18.24 -41.49 -24.15
CA GLN D 144 -17.02 -41.15 -23.39
C GLN D 144 -15.72 -41.37 -24.19
N ASP D 145 -15.61 -42.56 -24.77
CA ASP D 145 -14.44 -42.98 -25.54
C ASP D 145 -14.17 -41.98 -26.66
N ILE D 146 -15.16 -41.76 -27.54
CA ILE D 146 -14.95 -40.90 -28.69
C ILE D 146 -14.91 -39.41 -28.37
N SER D 147 -15.77 -38.99 -27.45
CA SER D 147 -16.04 -37.57 -27.26
C SER D 147 -15.19 -36.91 -26.17
N SER D 148 -14.53 -37.71 -25.33
CA SER D 148 -13.77 -37.20 -24.21
C SER D 148 -12.38 -37.83 -24.12
N TYR D 149 -12.30 -39.15 -23.96
CA TYR D 149 -10.97 -39.78 -23.95
C TYR D 149 -10.12 -39.42 -25.16
N SER D 150 -10.72 -39.36 -26.36
CA SER D 150 -9.96 -39.00 -27.56
C SER D 150 -9.03 -37.79 -27.34
N LEU D 151 -9.47 -36.79 -26.57
CA LEU D 151 -8.70 -35.55 -26.44
C LEU D 151 -7.42 -35.84 -25.66
N THR D 152 -7.49 -36.79 -24.73
CA THR D 152 -6.36 -37.09 -23.85
C THR D 152 -5.21 -37.74 -24.64
N ILE D 153 -5.53 -38.78 -25.40
CA ILE D 153 -4.52 -39.46 -26.20
C ILE D 153 -4.08 -38.55 -27.39
N VAL D 154 -4.99 -37.81 -27.98
CA VAL D 154 -4.56 -36.84 -28.99
C VAL D 154 -3.51 -35.88 -28.44
N ALA D 155 -3.76 -35.37 -27.23
CA ALA D 155 -2.86 -34.40 -26.63
C ALA D 155 -1.50 -35.05 -26.24
N HIS D 156 -1.51 -36.22 -25.62
CA HIS D 156 -0.27 -36.98 -25.35
C HIS D 156 0.61 -37.10 -26.59
N GLU D 157 -0.01 -37.32 -27.75
CA GLU D 157 0.73 -37.66 -28.97
C GLU D 157 1.10 -36.40 -29.72
N ALA D 158 0.17 -35.44 -29.72
CA ALA D 158 0.42 -34.12 -30.24
C ALA D 158 1.54 -33.37 -29.49
N LYS D 159 1.62 -33.54 -28.17
CA LYS D 159 2.71 -32.98 -27.36
C LYS D 159 4.09 -33.26 -27.99
N LYS D 160 4.25 -34.46 -28.55
CA LYS D 160 5.52 -34.88 -29.08
C LYS D 160 5.95 -34.01 -30.24
N LEU D 161 4.95 -33.37 -30.87
CA LEU D 161 5.16 -32.46 -32.00
C LEU D 161 5.19 -30.99 -31.59
N MET D 162 5.15 -30.74 -30.29
CA MET D 162 5.23 -29.38 -29.80
C MET D 162 6.29 -29.18 -28.70
N PRO D 163 7.58 -29.38 -29.02
CA PRO D 163 8.59 -29.19 -27.96
C PRO D 163 8.64 -27.74 -27.42
N GLU D 164 8.34 -26.75 -28.25
CA GLU D 164 8.37 -25.36 -27.84
C GLU D 164 7.05 -24.91 -27.18
N GLY D 165 6.07 -25.80 -27.09
CA GLY D 165 4.72 -25.42 -26.66
C GLY D 165 3.74 -25.25 -27.83
N GLY D 166 2.51 -24.86 -27.55
CA GLY D 166 1.44 -25.00 -28.54
C GLY D 166 0.08 -24.88 -27.90
N SER D 167 -0.97 -25.11 -28.68
CA SER D 167 -2.30 -24.81 -28.19
C SER D 167 -3.29 -25.89 -28.61
N ILE D 168 -4.06 -26.43 -27.67
CA ILE D 168 -5.06 -27.45 -28.06
C ILE D 168 -6.49 -26.98 -27.75
N VAL D 169 -7.37 -27.02 -28.75
CA VAL D 169 -8.75 -26.59 -28.52
C VAL D 169 -9.75 -27.72 -28.81
N ALA D 170 -10.68 -27.99 -27.89
CA ALA D 170 -11.79 -28.92 -28.14
C ALA D 170 -13.13 -28.17 -28.19
N THR D 171 -14.14 -28.84 -28.75
CA THR D 171 -15.48 -28.30 -28.97
C THR D 171 -16.47 -28.96 -28.02
N THR D 172 -17.05 -28.13 -27.16
CA THR D 172 -18.10 -28.61 -26.27
C THR D 172 -19.45 -27.91 -26.54
N TYR D 173 -20.46 -28.26 -25.76
CA TYR D 173 -21.75 -27.60 -25.85
C TYR D 173 -22.23 -27.36 -24.41
N LEU D 174 -23.06 -26.35 -24.20
CA LEU D 174 -23.70 -26.02 -22.91
C LEU D 174 -24.31 -27.22 -22.21
N GLY D 175 -24.85 -28.18 -22.95
CA GLY D 175 -25.22 -29.48 -22.39
C GLY D 175 -24.25 -30.21 -21.47
N GLY D 176 -22.98 -29.81 -21.47
CA GLY D 176 -22.05 -30.45 -20.53
C GLY D 176 -22.09 -29.74 -19.18
N GLU D 177 -22.74 -28.58 -19.12
CA GLU D 177 -22.79 -27.77 -17.91
C GLU D 177 -24.18 -27.81 -17.28
N PHE D 178 -25.22 -27.99 -18.09
CA PHE D 178 -26.57 -28.03 -17.60
C PHE D 178 -27.21 -29.25 -18.24
N ALA D 179 -28.19 -29.85 -17.58
CA ALA D 179 -29.02 -30.83 -18.28
C ALA D 179 -29.91 -30.18 -19.35
N VAL D 180 -29.71 -30.57 -20.60
CA VAL D 180 -30.54 -30.05 -21.67
C VAL D 180 -31.41 -31.19 -22.23
N GLN D 181 -32.65 -30.90 -22.58
CA GLN D 181 -33.59 -31.88 -23.08
C GLN D 181 -33.00 -32.64 -24.30
N ASN D 182 -33.12 -33.97 -24.30
CA ASN D 182 -32.59 -34.83 -25.37
C ASN D 182 -31.09 -35.02 -25.52
N TYR D 183 -30.25 -34.09 -25.11
CA TYR D 183 -28.83 -34.22 -25.40
C TYR D 183 -28.21 -35.37 -24.61
N ASN D 184 -28.78 -35.68 -23.45
CA ASN D 184 -28.60 -36.96 -22.75
C ASN D 184 -27.16 -37.49 -22.57
N VAL D 185 -26.84 -38.60 -23.21
CA VAL D 185 -25.54 -39.22 -23.02
C VAL D 185 -24.43 -38.27 -23.46
N MET D 186 -24.66 -37.44 -24.47
CA MET D 186 -23.66 -36.49 -24.91
C MET D 186 -23.41 -35.37 -23.91
N GLY D 187 -24.41 -34.99 -23.13
CA GLY D 187 -24.19 -34.04 -22.05
C GLY D 187 -23.19 -34.54 -21.01
N VAL D 188 -23.28 -35.81 -20.62
CA VAL D 188 -22.28 -36.43 -19.75
C VAL D 188 -20.92 -36.60 -20.46
N ALA D 189 -20.88 -37.00 -21.74
CA ALA D 189 -19.63 -36.95 -22.50
C ALA D 189 -19.01 -35.55 -22.56
N LYS D 190 -19.79 -34.49 -22.76
CA LYS D 190 -19.26 -33.12 -22.72
C LYS D 190 -18.75 -32.67 -21.34
N ALA D 191 -19.43 -33.07 -20.27
CA ALA D 191 -19.02 -32.67 -18.93
C ALA D 191 -17.65 -33.27 -18.68
N SER D 192 -17.54 -34.55 -19.02
CA SER D 192 -16.27 -35.24 -19.09
C SER D 192 -15.22 -34.52 -19.96
N LEU D 193 -15.52 -34.13 -21.20
CA LEU D 193 -14.57 -33.39 -22.05
C LEU D 193 -14.05 -32.09 -21.41
N GLU D 194 -14.97 -31.35 -20.79
CA GLU D 194 -14.62 -30.10 -20.13
C GLU D 194 -13.66 -30.25 -18.95
N ALA D 195 -13.87 -31.26 -18.11
CA ALA D 195 -12.87 -31.57 -17.07
C ALA D 195 -11.57 -32.09 -17.71
N ASN D 196 -11.67 -32.94 -18.73
CA ASN D 196 -10.51 -33.42 -19.49
C ASN D 196 -9.63 -32.23 -19.87
N VAL D 197 -10.24 -31.18 -20.42
CA VAL D 197 -9.51 -29.94 -20.77
C VAL D 197 -8.81 -29.30 -19.58
N LYS D 198 -9.48 -29.28 -18.44
CA LYS D 198 -8.91 -28.68 -17.24
C LYS D 198 -7.65 -29.46 -16.76
N TYR D 199 -7.79 -30.79 -16.71
CA TYR D 199 -6.74 -31.68 -16.25
C TYR D 199 -5.59 -31.69 -17.25
N LEU D 200 -5.90 -31.61 -18.55
CA LEU D 200 -4.80 -31.46 -19.52
C LEU D 200 -4.14 -30.08 -19.41
N ALA D 201 -4.89 -29.05 -19.01
CA ALA D 201 -4.28 -27.73 -18.90
C ALA D 201 -3.24 -27.73 -17.79
N LEU D 202 -3.56 -28.40 -16.68
CA LEU D 202 -2.73 -28.42 -15.51
C LEU D 202 -1.51 -29.28 -15.82
N ASP D 203 -1.70 -30.47 -16.40
CA ASP D 203 -0.58 -31.39 -16.74
C ASP D 203 0.40 -30.75 -17.74
N LEU D 204 -0.18 -30.09 -18.75
CA LEU D 204 0.62 -29.75 -19.94
C LEU D 204 1.16 -28.32 -19.91
N GLY D 205 0.67 -27.53 -18.97
CA GLY D 205 1.04 -26.12 -18.83
C GLY D 205 2.52 -25.89 -18.61
N PRO D 206 3.17 -26.74 -17.79
CA PRO D 206 4.63 -26.58 -17.60
C PRO D 206 5.42 -26.79 -18.88
N ASP D 207 4.81 -27.47 -19.85
CA ASP D 207 5.41 -27.67 -21.16
C ASP D 207 5.00 -26.57 -22.12
N ASN D 208 4.33 -25.54 -21.60
CA ASN D 208 3.83 -24.45 -22.41
C ASN D 208 2.81 -24.88 -23.46
N ILE D 209 1.95 -25.84 -23.12
CA ILE D 209 0.89 -26.24 -24.04
C ILE D 209 -0.39 -25.82 -23.39
N ARG D 210 -1.12 -24.93 -24.06
CA ARG D 210 -2.38 -24.46 -23.47
C ARG D 210 -3.52 -25.35 -23.98
N VAL D 211 -4.54 -25.61 -23.16
CA VAL D 211 -5.63 -26.49 -23.58
C VAL D 211 -6.94 -25.79 -23.19
N ASN D 212 -7.79 -25.55 -24.18
CA ASN D 212 -9.05 -24.84 -23.90
C ASN D 212 -10.23 -25.49 -24.63
N ALA D 213 -11.44 -25.01 -24.36
CA ALA D 213 -12.64 -25.49 -25.05
C ALA D 213 -13.45 -24.31 -25.61
N ILE D 214 -14.09 -24.51 -26.75
CA ILE D 214 -15.09 -23.58 -27.26
C ILE D 214 -16.42 -24.27 -27.10
N SER D 215 -17.30 -23.66 -26.30
CA SER D 215 -18.68 -24.11 -26.17
C SER D 215 -19.57 -23.48 -27.23
N ALA D 216 -19.73 -24.15 -28.37
CA ALA D 216 -20.42 -23.58 -29.53
C ALA D 216 -21.92 -23.56 -29.28
N GLY D 217 -22.64 -22.52 -29.70
CA GLY D 217 -24.09 -22.58 -29.73
C GLY D 217 -24.56 -23.54 -30.84
N PRO D 218 -25.88 -23.75 -30.96
CA PRO D 218 -26.40 -24.72 -31.92
C PRO D 218 -26.24 -24.29 -33.38
N ILE D 219 -25.63 -25.19 -34.15
CA ILE D 219 -25.33 -24.97 -35.55
C ILE D 219 -25.78 -26.24 -36.27
N ARG D 220 -26.54 -26.04 -37.35
CA ARG D 220 -26.99 -27.14 -38.18
C ARG D 220 -25.80 -27.84 -38.86
N THR D 221 -25.51 -29.07 -38.41
CA THR D 221 -24.43 -29.90 -38.92
C THR D 221 -24.93 -31.32 -39.17
N LEU D 222 -24.16 -32.15 -39.86
CA LEU D 222 -24.43 -33.59 -39.97
C LEU D 222 -24.79 -34.26 -38.63
N SER D 223 -23.97 -34.10 -37.58
CA SER D 223 -24.27 -34.70 -36.28
C SER D 223 -25.49 -34.07 -35.59
N ALA D 224 -25.61 -32.75 -35.73
CA ALA D 224 -26.77 -31.98 -35.27
C ALA D 224 -28.11 -32.62 -35.70
N LYS D 225 -28.10 -33.41 -36.77
CA LYS D 225 -29.31 -34.07 -37.22
C LYS D 225 -29.75 -35.18 -36.25
N GLY D 226 -28.79 -35.78 -35.54
CA GLY D 226 -29.06 -36.92 -34.66
C GLY D 226 -29.62 -36.60 -33.26
N VAL D 227 -29.62 -35.32 -32.88
CA VAL D 227 -30.17 -34.88 -31.60
C VAL D 227 -31.69 -34.63 -31.64
N GLY D 228 -32.46 -35.26 -30.76
CA GLY D 228 -33.90 -34.98 -30.67
C GLY D 228 -34.22 -33.49 -30.46
N GLY D 229 -35.12 -32.95 -31.28
CA GLY D 229 -35.60 -31.57 -31.10
C GLY D 229 -34.58 -30.46 -31.31
N PHE D 230 -33.66 -30.67 -32.25
CA PHE D 230 -32.66 -29.66 -32.57
C PHE D 230 -33.28 -28.35 -33.09
N ASN D 231 -34.40 -28.41 -33.79
CA ASN D 231 -34.97 -27.17 -34.30
C ASN D 231 -35.56 -26.24 -33.25
N THR D 232 -36.12 -26.85 -32.21
CA THR D 232 -36.71 -26.10 -31.11
C THR D 232 -35.55 -25.41 -30.38
N ILE D 233 -34.40 -26.07 -30.39
CA ILE D 233 -33.19 -25.55 -29.78
C ILE D 233 -32.65 -24.28 -30.49
N LEU D 234 -32.60 -24.32 -31.83
CA LEU D 234 -32.18 -23.18 -32.67
C LEU D 234 -33.09 -21.97 -32.53
N LYS D 235 -34.38 -22.22 -32.45
CA LYS D 235 -35.39 -21.17 -32.33
C LYS D 235 -35.37 -20.50 -30.96
N GLU D 236 -35.05 -21.28 -29.92
CA GLU D 236 -35.00 -20.72 -28.59
C GLU D 236 -33.86 -19.70 -28.55
N ILE D 237 -32.71 -20.05 -29.13
CA ILE D 237 -31.61 -19.11 -29.24
C ILE D 237 -32.03 -17.76 -29.84
N GLU D 238 -32.71 -17.76 -30.98
CA GLU D 238 -33.13 -16.52 -31.56
C GLU D 238 -34.05 -15.79 -30.61
N GLU D 239 -34.94 -16.49 -29.91
CA GLU D 239 -35.91 -15.74 -29.12
C GLU D 239 -35.29 -15.19 -27.84
N ARG D 240 -34.35 -15.93 -27.27
CA ARG D 240 -33.97 -15.72 -25.88
CA ARG D 240 -33.98 -15.66 -25.90
C ARG D 240 -32.51 -15.25 -25.69
N ALA D 241 -31.58 -15.64 -26.58
CA ALA D 241 -30.16 -15.29 -26.33
C ALA D 241 -29.98 -13.77 -26.48
N PRO D 242 -29.01 -13.16 -25.74
CA PRO D 242 -28.70 -11.72 -25.83
C PRO D 242 -28.60 -11.17 -27.26
N LEU D 243 -27.86 -11.83 -28.15
CA LEU D 243 -27.76 -11.31 -29.53
C LEU D 243 -28.96 -11.63 -30.39
N LYS D 244 -29.90 -12.44 -29.89
CA LYS D 244 -31.16 -12.75 -30.63
C LYS D 244 -30.87 -13.24 -32.06
N ARG D 245 -29.81 -14.04 -32.21
CA ARG D 245 -29.50 -14.68 -33.47
C ARG D 245 -28.70 -15.94 -33.13
N ASN D 246 -28.66 -16.89 -34.05
CA ASN D 246 -27.79 -18.04 -33.93
C ASN D 246 -26.39 -17.70 -34.40
N VAL D 247 -25.41 -18.51 -33.99
CA VAL D 247 -24.02 -18.37 -34.41
C VAL D 247 -23.77 -19.30 -35.62
N ASP D 248 -22.67 -19.10 -36.34
CA ASP D 248 -22.26 -20.05 -37.39
C ASP D 248 -20.83 -20.50 -37.17
N GLN D 249 -20.37 -21.35 -38.08
CA GLN D 249 -19.15 -22.12 -37.92
C GLN D 249 -17.96 -21.17 -38.00
N VAL D 250 -18.09 -20.12 -38.81
CA VAL D 250 -17.06 -19.08 -38.96
C VAL D 250 -16.79 -18.35 -37.62
N GLU D 251 -17.83 -18.09 -36.83
CA GLU D 251 -17.67 -17.47 -35.53
C GLU D 251 -16.93 -18.37 -34.57
N VAL D 252 -17.24 -19.66 -34.58
CA VAL D 252 -16.44 -20.64 -33.86
C VAL D 252 -15.00 -20.57 -34.33
N GLY D 253 -14.80 -20.67 -35.64
CA GLY D 253 -13.47 -20.48 -36.24
C GLY D 253 -12.73 -19.23 -35.80
N LYS D 254 -13.43 -18.09 -35.70
CA LYS D 254 -12.74 -16.88 -35.30
C LYS D 254 -12.21 -16.98 -33.89
N THR D 255 -12.99 -17.62 -33.00
CA THR D 255 -12.56 -17.83 -31.63
C THR D 255 -11.49 -18.94 -31.49
N ALA D 256 -11.59 -20.01 -32.27
CA ALA D 256 -10.47 -20.96 -32.46
C ALA D 256 -9.13 -20.29 -32.84
N ALA D 257 -9.19 -19.33 -33.76
CA ALA D 257 -8.02 -18.58 -34.18
C ALA D 257 -7.36 -17.83 -33.02
N TYR D 258 -8.19 -17.18 -32.21
CA TYR D 258 -7.72 -16.59 -30.96
C TYR D 258 -7.05 -17.58 -29.99
N LEU D 259 -7.78 -18.63 -29.62
CA LEU D 259 -7.23 -19.64 -28.72
C LEU D 259 -5.99 -20.38 -29.21
N LEU D 260 -5.89 -20.57 -30.52
CA LEU D 260 -4.78 -21.30 -31.16
C LEU D 260 -3.57 -20.39 -31.40
N SER D 261 -3.75 -19.08 -31.24
CA SER D 261 -2.68 -18.12 -31.43
C SER D 261 -2.14 -17.54 -30.11
N ASP D 262 -1.07 -16.75 -30.23
CA ASP D 262 -0.45 -16.04 -29.13
C ASP D 262 -1.33 -14.92 -28.56
N LEU D 263 -2.40 -14.52 -29.27
CA LEU D 263 -3.41 -13.62 -28.71
C LEU D 263 -3.94 -14.15 -27.38
N SER D 264 -4.04 -15.47 -27.23
CA SER D 264 -4.52 -16.01 -25.98
C SER D 264 -3.42 -16.55 -25.07
N SER D 265 -2.20 -16.04 -25.15
N SER D 265 -2.21 -16.01 -25.19
CA SER D 265 -1.06 -16.67 -24.45
CA SER D 265 -1.22 -16.35 -24.16
C SER D 265 -1.26 -16.95 -22.94
C SER D 265 -1.80 -15.98 -22.79
N GLY D 266 -2.12 -16.19 -22.28
N GLY D 266 -1.47 -16.76 -21.78
CA GLY D 266 -2.22 -16.20 -20.82
CA GLY D 266 -2.06 -16.52 -20.48
C GLY D 266 -3.38 -17.07 -20.35
C GLY D 266 -3.40 -17.23 -20.26
N VAL D 267 -4.06 -17.66 -21.33
CA VAL D 267 -5.36 -18.31 -21.17
C VAL D 267 -5.29 -19.80 -21.43
N THR D 268 -5.54 -20.56 -20.38
CA THR D 268 -5.57 -22.03 -20.48
C THR D 268 -6.57 -22.60 -19.48
N GLY D 269 -7.06 -23.82 -19.71
CA GLY D 269 -8.13 -24.42 -18.93
C GLY D 269 -9.48 -23.68 -19.07
N GLU D 270 -9.62 -22.83 -20.07
CA GLU D 270 -10.81 -21.96 -20.16
C GLU D 270 -11.85 -22.59 -21.11
N ASN D 271 -13.11 -22.18 -20.95
CA ASN D 271 -14.21 -22.58 -21.84
C ASN D 271 -14.91 -21.28 -22.34
N ILE D 272 -14.79 -20.98 -23.64
CA ILE D 272 -15.35 -19.75 -24.18
C ILE D 272 -16.61 -20.09 -24.98
N HIS D 273 -17.73 -19.47 -24.59
CA HIS D 273 -19.00 -19.74 -25.19
C HIS D 273 -19.13 -18.84 -26.41
N VAL D 274 -19.22 -19.48 -27.57
CA VAL D 274 -19.56 -18.76 -28.78
C VAL D 274 -20.99 -19.14 -29.11
N ASP D 275 -21.91 -18.46 -28.42
CA ASP D 275 -23.32 -18.87 -28.41
C ASP D 275 -24.32 -17.70 -28.29
N SER D 276 -23.95 -16.53 -28.80
CA SER D 276 -24.81 -15.34 -28.73
C SER D 276 -25.18 -15.00 -27.28
N GLY D 277 -24.37 -15.45 -26.32
CA GLY D 277 -24.58 -15.16 -24.90
C GLY D 277 -25.65 -15.98 -24.19
N PHE D 278 -26.12 -17.05 -24.84
CA PHE D 278 -27.10 -17.95 -24.24
C PHE D 278 -26.68 -18.47 -22.87
N HIS D 279 -25.40 -18.81 -22.70
CA HIS D 279 -24.90 -19.39 -21.46
C HIS D 279 -25.16 -18.51 -20.24
N ALA D 280 -25.37 -17.21 -20.45
CA ALA D 280 -25.23 -16.22 -19.38
C ALA D 280 -26.62 -15.81 -18.93
N ILE D 281 -27.64 -16.43 -19.50
CA ILE D 281 -28.99 -16.05 -19.14
C ILE D 281 -29.74 -17.28 -18.68
N LYS D 282 -30.91 -17.04 -18.11
CA LYS D 282 -31.79 -18.09 -17.69
C LYS D 282 -33.18 -17.48 -17.72
N VAL E 28 4.61 12.27 36.22
CA VAL E 28 3.53 12.70 35.25
C VAL E 28 2.11 12.14 35.50
N ASN E 29 1.49 12.31 36.69
CA ASN E 29 0.07 11.95 36.80
C ASN E 29 -0.93 12.86 36.05
N LEU E 30 -1.85 12.29 35.26
CA LEU E 30 -2.73 13.10 34.37
C LEU E 30 -4.25 13.12 34.66
N GLU E 31 -4.63 12.80 35.89
CA GLU E 31 -6.01 12.86 36.32
C GLU E 31 -6.55 14.28 36.25
N ASN E 32 -7.83 14.41 35.96
CA ASN E 32 -8.47 15.72 35.80
C ASN E 32 -7.89 16.53 34.63
N LYS E 33 -7.11 15.89 33.77
CA LYS E 33 -6.75 16.44 32.47
C LYS E 33 -7.58 15.89 31.31
N THR E 34 -7.79 16.69 30.28
CA THR E 34 -8.51 16.22 29.10
C THR E 34 -7.77 16.55 27.83
N TYR E 35 -7.63 15.58 26.95
CA TYR E 35 -6.88 15.77 25.69
C TYR E 35 -7.71 15.30 24.50
N VAL E 36 -7.62 16.04 23.39
CA VAL E 36 -8.23 15.56 22.15
C VAL E 36 -7.17 14.82 21.32
N ILE E 37 -7.53 13.62 20.87
CA ILE E 37 -6.61 12.85 20.07
C ILE E 37 -7.21 12.67 18.70
N MET E 38 -6.52 13.19 17.69
CA MET E 38 -7.03 13.20 16.35
C MET E 38 -6.23 12.20 15.53
N GLY E 39 -6.91 11.23 14.93
CA GLY E 39 -6.31 10.43 13.87
C GLY E 39 -6.03 8.97 14.21
N ILE E 40 -6.81 8.35 15.09
CA ILE E 40 -6.85 6.88 15.14
C ILE E 40 -7.69 6.30 13.98
N ALA E 41 -7.11 5.37 13.21
CA ALA E 41 -7.84 4.60 12.18
C ALA E 41 -8.05 3.18 12.63
N ASN E 42 -7.12 2.66 13.44
CA ASN E 42 -7.09 1.26 13.90
C ASN E 42 -6.04 1.04 15.00
N LYS E 43 -5.87 -0.20 15.47
CA LYS E 43 -4.99 -0.46 16.62
C LYS E 43 -3.50 -0.20 16.34
N ARG E 44 -3.10 -0.13 15.07
CA ARG E 44 -1.71 0.17 14.78
CA ARG E 44 -1.70 0.17 14.83
C ARG E 44 -1.43 1.67 14.69
N SER E 45 -2.47 2.51 14.65
CA SER E 45 -2.25 3.98 14.65
C SER E 45 -1.33 4.47 15.76
N ILE E 46 -0.45 5.38 15.35
CA ILE E 46 0.39 6.08 16.33
C ILE E 46 -0.47 6.73 17.40
N ALA E 47 -1.55 7.41 16.99
CA ALA E 47 -2.40 8.06 17.97
C ALA E 47 -3.02 7.08 18.99
N PHE E 48 -3.17 5.80 18.62
CA PHE E 48 -3.66 4.83 19.58
C PHE E 48 -2.65 4.48 20.65
N GLY E 49 -1.36 4.50 20.32
CA GLY E 49 -0.28 4.39 21.31
C GLY E 49 -0.29 5.58 22.26
N VAL E 50 -0.44 6.77 21.71
CA VAL E 50 -0.70 7.91 22.56
C VAL E 50 -1.90 7.67 23.48
N ALA E 51 -3.05 7.29 22.91
CA ALA E 51 -4.23 7.01 23.73
C ALA E 51 -3.94 6.07 24.88
N LYS E 52 -3.39 4.89 24.59
CA LYS E 52 -3.12 3.94 25.67
C LYS E 52 -2.31 4.62 26.74
N VAL E 53 -1.35 5.44 26.34
CA VAL E 53 -0.44 5.93 27.39
C VAL E 53 -1.20 6.88 28.30
N LEU E 54 -1.92 7.82 27.69
CA LEU E 54 -2.56 8.90 28.38
C LEU E 54 -3.68 8.31 29.17
N ASP E 55 -4.31 7.26 28.63
CA ASP E 55 -5.41 6.58 29.29
C ASP E 55 -4.84 5.93 30.55
N GLN E 56 -3.67 5.32 30.45
CA GLN E 56 -3.03 4.64 31.58
C GLN E 56 -2.69 5.63 32.69
N LEU E 57 -2.54 6.90 32.36
CA LEU E 57 -2.08 7.89 33.31
C LEU E 57 -3.25 8.70 33.90
N GLY E 58 -4.47 8.30 33.55
CA GLY E 58 -5.69 8.88 34.12
C GLY E 58 -6.40 10.01 33.35
N ALA E 59 -5.91 10.34 32.16
CA ALA E 59 -6.49 11.43 31.39
C ALA E 59 -7.90 11.06 30.91
N LYS E 60 -8.77 12.06 30.79
CA LYS E 60 -10.03 11.89 30.09
C LYS E 60 -9.69 12.12 28.63
N LEU E 61 -10.14 11.26 27.71
CA LEU E 61 -9.82 11.42 26.28
C LEU E 61 -11.02 11.69 25.36
N VAL E 62 -10.83 12.50 24.32
CA VAL E 62 -11.84 12.77 23.30
C VAL E 62 -11.19 12.38 21.97
N PHE E 63 -11.90 11.67 21.10
CA PHE E 63 -11.30 11.23 19.84
C PHE E 63 -11.99 11.87 18.64
N THR E 64 -11.21 12.26 17.63
CA THR E 64 -11.80 12.69 16.37
C THR E 64 -11.39 11.75 15.23
N TYR E 65 -12.25 11.58 14.23
CA TYR E 65 -12.01 10.58 13.17
C TYR E 65 -12.54 11.17 11.88
N ARG E 66 -12.12 10.64 10.74
CA ARG E 66 -12.72 11.03 9.45
C ARG E 66 -13.70 9.97 8.92
N LYS E 67 -13.22 8.74 8.70
CA LYS E 67 -14.04 7.74 8.02
C LYS E 67 -14.90 6.97 9.01
N GLU E 68 -16.06 6.53 8.55
CA GLU E 68 -16.96 5.64 9.26
CA GLU E 68 -16.93 5.74 9.42
C GLU E 68 -16.18 4.50 9.91
N ARG E 69 -15.41 3.83 9.07
CA ARG E 69 -14.63 2.68 9.52
C ARG E 69 -13.79 3.01 10.74
N SER E 70 -13.24 4.23 10.79
CA SER E 70 -12.35 4.63 11.88
C SER E 70 -13.15 4.83 13.17
N ARG E 71 -14.36 5.38 13.08
CA ARG E 71 -15.25 5.41 14.24
C ARG E 71 -15.55 3.98 14.74
N LYS E 72 -15.71 3.01 13.82
CA LYS E 72 -16.06 1.65 14.26
C LYS E 72 -14.86 1.08 15.02
N GLU E 73 -13.67 1.27 14.45
CA GLU E 73 -12.44 0.87 15.10
C GLU E 73 -12.33 1.54 16.48
N LEU E 74 -12.59 2.84 16.54
CA LEU E 74 -12.55 3.56 17.81
C LEU E 74 -13.50 2.95 18.80
N GLU E 75 -14.71 2.64 18.36
CA GLU E 75 -15.67 2.01 19.28
C GLU E 75 -15.18 0.70 19.90
N LYS E 76 -14.53 -0.14 19.10
CA LYS E 76 -13.92 -1.40 19.57
C LYS E 76 -12.72 -1.15 20.50
N LEU E 77 -11.88 -0.18 20.20
CA LEU E 77 -10.60 -0.03 20.91
C LEU E 77 -10.80 0.60 22.27
N LEU E 78 -11.89 1.36 22.40
CA LEU E 78 -12.25 1.94 23.67
C LEU E 78 -12.51 0.88 24.75
N GLU E 79 -12.97 -0.30 24.38
CA GLU E 79 -13.12 -1.38 25.38
C GLU E 79 -11.82 -1.82 26.05
N GLN E 80 -10.67 -1.52 25.46
CA GLN E 80 -9.43 -1.85 26.17
C GLN E 80 -8.81 -0.64 26.88
N LEU E 81 -9.53 0.46 26.91
CA LEU E 81 -9.06 1.66 27.62
C LEU E 81 -9.92 1.79 28.85
N ASN E 82 -9.58 2.72 29.72
CA ASN E 82 -10.36 2.92 30.93
C ASN E 82 -11.32 4.10 30.82
N GLN E 83 -11.59 4.59 29.63
CA GLN E 83 -12.43 5.77 29.53
C GLN E 83 -13.82 5.33 29.91
N PRO E 84 -14.42 5.94 30.97
CA PRO E 84 -15.75 5.46 31.29
C PRO E 84 -16.75 5.84 30.21
N GLU E 85 -16.40 6.73 29.29
CA GLU E 85 -17.37 7.04 28.25
C GLU E 85 -16.76 7.49 26.91
N ALA E 86 -17.42 7.08 25.83
CA ALA E 86 -16.94 7.36 24.47
C ALA E 86 -17.18 8.84 24.09
N HIS E 87 -16.15 9.55 23.67
CA HIS E 87 -16.35 10.91 23.18
C HIS E 87 -15.81 10.97 21.76
N LEU E 88 -16.66 10.84 20.73
CA LEU E 88 -16.19 10.54 19.38
C LEU E 88 -16.76 11.56 18.41
N TYR E 89 -15.90 12.28 17.70
CA TYR E 89 -16.38 13.34 16.85
C TYR E 89 -15.83 13.20 15.45
N GLN E 90 -16.70 13.29 14.46
CA GLN E 90 -16.27 13.13 13.09
C GLN E 90 -15.70 14.46 12.68
N ILE E 91 -14.39 14.51 12.44
CA ILE E 91 -13.81 15.74 11.93
C ILE E 91 -12.89 15.42 10.76
N ASP E 92 -13.31 15.81 9.58
CA ASP E 92 -12.45 15.83 8.42
C ASP E 92 -11.77 17.20 8.34
N VAL E 93 -10.46 17.25 8.56
CA VAL E 93 -9.76 18.52 8.68
C VAL E 93 -9.61 19.27 7.34
N GLN E 94 -10.12 18.70 6.25
CA GLN E 94 -10.30 19.48 5.03
C GLN E 94 -11.45 20.46 5.12
N SER E 95 -12.32 20.33 6.12
CA SER E 95 -13.45 21.24 6.19
C SER E 95 -13.30 22.18 7.40
N ASP E 96 -13.24 23.48 7.15
CA ASP E 96 -13.22 24.45 8.25
C ASP E 96 -14.40 24.23 9.20
N GLU E 97 -15.60 24.13 8.61
CA GLU E 97 -16.83 23.97 9.34
C GLU E 97 -16.77 22.78 10.29
N GLU E 98 -16.28 21.65 9.79
CA GLU E 98 -16.17 20.45 10.58
C GLU E 98 -15.19 20.62 11.74
N VAL E 99 -14.11 21.37 11.52
CA VAL E 99 -13.14 21.59 12.60
C VAL E 99 -13.72 22.54 13.65
N ILE E 100 -14.28 23.65 13.18
CA ILE E 100 -14.91 24.65 14.07
C ILE E 100 -16.03 24.05 14.92
N ASN E 101 -16.97 23.38 14.24
CA ASN E 101 -18.12 22.75 14.87
C ASN E 101 -17.74 21.59 15.77
N GLY E 102 -16.77 20.76 15.36
CA GLY E 102 -16.25 19.68 16.18
C GLY E 102 -15.71 20.12 17.54
N PHE E 103 -14.78 21.09 17.53
CA PHE E 103 -14.23 21.63 18.76
C PHE E 103 -15.29 22.36 19.57
N GLU E 104 -16.22 23.02 18.87
CA GLU E 104 -17.29 23.71 19.56
C GLU E 104 -18.09 22.66 20.32
N GLN E 105 -18.41 21.57 19.63
CA GLN E 105 -19.18 20.53 20.29
C GLN E 105 -18.38 19.88 21.43
N ILE E 106 -17.06 19.68 21.23
CA ILE E 106 -16.21 19.12 22.28
C ILE E 106 -16.28 20.00 23.54
N GLY E 107 -16.08 21.29 23.38
CA GLY E 107 -16.20 22.25 24.50
C GLY E 107 -17.56 22.21 25.17
N LYS E 108 -18.61 22.09 24.38
CA LYS E 108 -19.96 21.93 24.97
C LYS E 108 -20.11 20.61 25.72
N ASP E 109 -19.46 19.55 25.24
CA ASP E 109 -19.67 18.22 25.84
C ASP E 109 -18.78 17.96 27.03
N VAL E 110 -17.52 18.41 27.00
CA VAL E 110 -16.54 18.05 28.04
C VAL E 110 -15.88 19.26 28.73
N GLY E 111 -16.14 20.46 28.24
CA GLY E 111 -15.53 21.64 28.85
C GLY E 111 -14.17 21.97 28.27
N ASN E 112 -13.39 22.72 29.02
CA ASN E 112 -12.05 23.12 28.64
C ASN E 112 -11.13 21.90 28.55
N ILE E 113 -10.19 21.91 27.62
CA ILE E 113 -9.29 20.81 27.49
C ILE E 113 -7.87 21.26 27.81
N ASP E 114 -6.96 20.31 27.87
CA ASP E 114 -5.58 20.62 28.24
C ASP E 114 -4.59 20.49 27.09
N GLY E 115 -4.97 19.80 26.02
CA GLY E 115 -4.09 19.75 24.84
C GLY E 115 -4.68 18.92 23.72
N VAL E 116 -3.98 18.87 22.59
CA VAL E 116 -4.45 18.17 21.41
C VAL E 116 -3.26 17.37 20.93
N TYR E 117 -3.49 16.09 20.63
CA TYR E 117 -2.50 15.30 19.90
C TYR E 117 -2.95 15.17 18.42
N HIS E 118 -2.16 15.72 17.51
CA HIS E 118 -2.49 15.72 16.06
C HIS E 118 -1.69 14.62 15.38
N SER E 119 -2.38 13.64 14.79
CA SER E 119 -1.72 12.48 14.21
C SER E 119 -2.32 12.25 12.83
N ILE E 120 -2.34 13.32 12.01
CA ILE E 120 -3.12 13.26 10.75
C ILE E 120 -2.22 13.57 9.56
N ALA E 121 -2.26 12.77 8.51
CA ALA E 121 -1.62 13.20 7.26
C ALA E 121 -2.24 12.48 6.10
N PHE E 122 -2.02 12.97 4.88
CA PHE E 122 -2.47 12.18 3.79
C PHE E 122 -1.73 12.60 2.53
N ALA E 123 -1.53 11.65 1.63
CA ALA E 123 -1.10 12.02 0.27
C ALA E 123 -1.55 10.89 -0.66
N ASN E 124 -1.86 11.17 -1.91
CA ASN E 124 -2.15 10.11 -2.88
C ASN E 124 -0.95 9.18 -3.06
N MET E 125 -1.20 7.86 -2.99
N MET E 125 -1.23 7.87 -3.15
CA MET E 125 -0.16 6.83 -3.07
CA MET E 125 -0.36 6.90 -3.80
C MET E 125 0.85 7.06 -4.18
C MET E 125 0.19 7.40 -5.13
N GLU E 126 0.42 7.51 -5.36
N GLU E 126 -0.64 8.03 -5.96
CA GLU E 126 1.36 7.75 -6.47
CA GLU E 126 -0.23 8.35 -7.32
C GLU E 126 2.43 8.79 -6.13
C GLU E 126 0.91 9.36 -7.38
N ASP E 127 2.31 9.43 -4.96
N ASP E 127 0.92 10.29 -6.43
CA ASP E 127 3.25 10.48 -4.51
CA ASP E 127 2.06 11.21 -6.27
C ASP E 127 4.12 10.02 -3.32
C ASP E 127 3.15 10.63 -5.37
N LEU E 128 4.25 8.71 -3.10
N LEU E 128 2.81 9.82 -4.38
CA LEU E 128 5.10 8.17 -2.01
CA LEU E 128 3.84 9.29 -3.47
C LEU E 128 6.06 7.11 -2.55
C LEU E 128 4.78 8.32 -4.20
N ARG E 129 6.40 7.28 -3.84
N ARG E 129 4.23 7.59 -5.15
CA ARG E 129 7.28 6.39 -4.59
CA ARG E 129 4.90 6.47 -5.80
C ARG E 129 7.63 7.06 -5.91
C ARG E 129 5.34 6.83 -7.21
N GLY E 130 8.56 6.48 -6.66
N GLY E 130 5.69 8.09 -7.41
CA GLY E 130 8.95 7.07 -7.95
CA GLY E 130 6.27 8.58 -8.65
C GLY E 130 9.57 8.44 -7.75
C GLY E 130 7.48 9.41 -8.24
N ARG E 131 9.27 9.37 -8.65
N ARG E 131 8.16 10.01 -9.22
CA ARG E 131 9.97 10.66 -8.75
CA ARG E 131 9.36 10.85 -9.03
C ARG E 131 9.15 11.90 -8.33
C ARG E 131 8.95 12.14 -8.33
N PHE E 132 9.72 12.63 -7.39
CA PHE E 132 9.16 13.84 -6.75
C PHE E 132 8.92 14.99 -7.74
N SER E 133 9.79 15.09 -8.74
CA SER E 133 9.68 16.15 -9.75
C SER E 133 8.35 16.02 -10.54
N GLU E 134 7.73 14.84 -10.54
CA GLU E 134 6.47 14.66 -11.26
C GLU E 134 5.22 14.87 -10.38
N THR E 135 5.40 15.24 -9.10
CA THR E 135 4.23 15.53 -8.25
C THR E 135 3.27 16.53 -8.88
N SER E 136 2.00 16.16 -8.96
CA SER E 136 0.93 17.04 -9.39
C SER E 136 0.66 18.16 -8.39
N ARG E 137 0.21 19.29 -8.91
CA ARG E 137 -0.27 20.39 -8.07
C ARG E 137 -1.35 19.95 -7.10
N GLU E 138 -2.36 19.21 -7.59
CA GLU E 138 -3.47 18.91 -6.72
C GLU E 138 -2.98 17.98 -5.58
N GLY E 139 -2.16 17.00 -5.94
CA GLY E 139 -1.45 16.14 -5.00
C GLY E 139 -0.58 16.85 -3.97
N PHE E 140 0.22 17.81 -4.41
CA PHE E 140 1.04 18.60 -3.48
C PHE E 140 0.18 19.41 -2.49
N LEU E 141 -0.91 20.01 -2.98
CA LEU E 141 -1.71 20.93 -2.18
C LEU E 141 -2.57 20.09 -1.27
N LEU E 142 -3.06 18.94 -1.76
CA LEU E 142 -3.79 17.99 -0.87
C LEU E 142 -2.92 17.55 0.34
N ALA E 143 -1.68 17.14 0.11
CA ALA E 143 -0.82 16.81 1.26
C ALA E 143 -0.63 17.97 2.22
N GLN E 144 -0.41 19.17 1.66
CA GLN E 144 -0.19 20.31 2.55
C GLN E 144 -1.42 20.63 3.41
N ASP E 145 -2.58 20.55 2.78
CA ASP E 145 -3.85 20.91 3.36
C ASP E 145 -4.11 19.98 4.56
N ILE E 146 -4.04 18.68 4.31
CA ILE E 146 -4.37 17.76 5.35
C ILE E 146 -3.27 17.59 6.40
N SER E 147 -2.01 17.66 5.94
CA SER E 147 -0.87 17.27 6.77
C SER E 147 -0.21 18.43 7.54
N SER E 148 -0.51 19.65 7.13
CA SER E 148 0.11 20.82 7.68
C SER E 148 -0.91 21.89 8.01
N TYR E 149 -1.65 22.37 7.01
CA TYR E 149 -2.60 23.41 7.35
C TYR E 149 -3.52 22.97 8.49
N SER E 150 -3.97 21.72 8.44
CA SER E 150 -4.87 21.21 9.45
C SER E 150 -4.46 21.59 10.87
N LEU E 151 -3.16 21.59 11.14
CA LEU E 151 -2.68 21.91 12.48
C LEU E 151 -3.01 23.36 12.85
N THR E 152 -2.80 24.29 11.94
CA THR E 152 -3.08 25.70 12.20
C THR E 152 -4.54 25.92 12.62
N ILE E 153 -5.46 25.47 11.75
CA ILE E 153 -6.88 25.60 12.08
C ILE E 153 -7.27 24.82 13.32
N VAL E 154 -6.74 23.61 13.50
CA VAL E 154 -6.98 22.91 14.77
C VAL E 154 -6.53 23.72 16.00
N ALA E 155 -5.33 24.30 15.95
CA ALA E 155 -4.80 25.13 17.02
C ALA E 155 -5.68 26.35 17.22
N HIS E 156 -6.13 26.97 16.13
CA HIS E 156 -7.02 28.11 16.26
C HIS E 156 -8.28 27.75 17.04
N GLU E 157 -8.86 26.60 16.76
CA GLU E 157 -10.16 26.31 17.38
C GLU E 157 -9.95 25.73 18.75
N ALA E 158 -8.87 24.97 18.91
CA ALA E 158 -8.57 24.34 20.22
C ALA E 158 -8.20 25.38 21.29
N LYS E 159 -7.48 26.43 20.88
CA LYS E 159 -7.12 27.59 21.68
C LYS E 159 -8.33 28.12 22.46
N LYS E 160 -9.48 28.20 21.80
CA LYS E 160 -10.74 28.59 22.47
C LYS E 160 -11.07 27.72 23.68
N LEU E 161 -10.59 26.48 23.77
CA LEU E 161 -10.92 25.64 24.93
C LEU E 161 -9.73 25.49 25.90
N MET E 162 -8.74 26.36 25.71
CA MET E 162 -7.57 26.37 26.59
C MET E 162 -7.29 27.76 27.19
N PRO E 163 -8.29 28.37 27.84
CA PRO E 163 -8.05 29.74 28.27
C PRO E 163 -6.88 29.87 29.26
N GLU E 164 -6.56 28.83 30.01
CA GLU E 164 -5.43 28.88 30.94
C GLU E 164 -4.14 28.27 30.39
N GLY E 165 -4.10 27.96 29.10
CA GLY E 165 -2.90 27.33 28.59
C GLY E 165 -3.09 25.87 28.26
N GLY E 166 -2.13 25.31 27.56
CA GLY E 166 -2.30 23.99 27.03
C GLY E 166 -1.10 23.57 26.22
N SER E 167 -1.23 22.40 25.63
CA SER E 167 -0.13 21.80 24.90
C SER E 167 -0.67 21.10 23.65
N ILE E 168 -0.09 21.47 22.52
CA ILE E 168 -0.41 20.84 21.25
C ILE E 168 0.82 20.12 20.68
N VAL E 169 0.64 18.87 20.24
CA VAL E 169 1.71 18.03 19.73
C VAL E 169 1.27 17.46 18.39
N ALA E 170 2.13 17.60 17.38
CA ALA E 170 1.88 17.00 16.05
C ALA E 170 2.96 15.93 15.75
N THR E 171 2.71 15.05 14.79
CA THR E 171 3.57 13.91 14.57
C THR E 171 4.28 14.17 13.26
N THR E 172 5.60 14.21 13.33
CA THR E 172 6.35 14.42 12.12
C THR E 172 7.28 13.23 11.79
N TYR E 173 8.00 13.32 10.70
CA TYR E 173 8.93 12.29 10.32
C TYR E 173 10.20 12.99 9.90
N LEU E 174 11.35 12.36 10.17
CA LEU E 174 12.67 12.75 9.65
C LEU E 174 12.70 13.22 8.18
N GLY E 175 11.84 12.68 7.32
CA GLY E 175 11.79 13.17 5.89
C GLY E 175 11.37 14.63 5.71
N GLY E 176 10.92 15.30 6.77
CA GLY E 176 10.68 16.76 6.76
C GLY E 176 11.95 17.58 6.99
N GLU E 177 13.02 16.92 7.42
CA GLU E 177 14.32 17.56 7.67
C GLU E 177 15.36 17.17 6.65
N PHE E 178 15.18 16.04 5.98
CA PHE E 178 16.12 15.55 4.96
C PHE E 178 15.31 14.86 3.87
N ALA E 179 15.81 14.88 2.64
CA ALA E 179 15.22 14.12 1.57
C ALA E 179 15.43 12.61 1.84
N VAL E 180 14.34 11.88 2.10
CA VAL E 180 14.32 10.41 2.29
C VAL E 180 13.70 9.78 1.05
N GLN E 181 14.42 8.86 0.40
CA GLN E 181 13.92 8.20 -0.80
CA GLN E 181 13.93 8.13 -0.76
C GLN E 181 12.43 7.83 -0.67
N ASN E 182 11.65 8.04 -1.73
CA ASN E 182 10.22 7.69 -1.73
C ASN E 182 9.27 8.43 -0.81
N TYR E 183 9.73 9.23 0.15
CA TYR E 183 8.79 9.97 0.98
C TYR E 183 8.19 11.18 0.26
N ASN E 184 8.99 11.84 -0.57
CA ASN E 184 8.50 12.70 -1.65
C ASN E 184 7.55 13.82 -1.18
N VAL E 185 6.30 13.85 -1.65
CA VAL E 185 5.44 15.00 -1.35
C VAL E 185 5.19 15.13 0.16
N MET E 186 5.24 14.02 0.89
CA MET E 186 5.00 14.05 2.33
C MET E 186 6.16 14.69 3.09
N GLY E 187 7.40 14.55 2.56
CA GLY E 187 8.57 15.21 3.16
C GLY E 187 8.38 16.73 3.15
N VAL E 188 7.95 17.27 1.99
CA VAL E 188 7.70 18.71 1.88
C VAL E 188 6.54 19.10 2.81
N ALA E 189 5.56 18.22 2.99
CA ALA E 189 4.43 18.54 3.81
C ALA E 189 4.84 18.49 5.28
N LYS E 190 5.82 17.65 5.67
CA LYS E 190 6.32 17.59 7.07
C LYS E 190 7.28 18.75 7.38
N ALA E 191 8.06 19.20 6.40
CA ALA E 191 8.87 20.42 6.56
C ALA E 191 7.91 21.60 6.88
N SER E 192 6.84 21.67 6.10
CA SER E 192 5.79 22.68 6.29
C SER E 192 5.16 22.56 7.68
N LEU E 193 4.87 21.32 8.12
CA LEU E 193 4.31 21.06 9.45
C LEU E 193 5.27 21.49 10.56
N GLU E 194 6.53 21.12 10.40
CA GLU E 194 7.52 21.44 11.39
C GLU E 194 7.66 22.95 11.61
N ALA E 195 7.67 23.72 10.53
CA ALA E 195 7.67 25.17 10.66
C ALA E 195 6.36 25.71 11.23
N ASN E 196 5.24 25.00 10.98
CA ASN E 196 3.91 25.39 11.42
C ASN E 196 3.94 25.31 12.93
N VAL E 197 4.59 24.27 13.43
CA VAL E 197 4.79 24.11 14.87
C VAL E 197 5.60 25.27 15.44
N LYS E 198 6.63 25.75 14.76
CA LYS E 198 7.43 26.84 15.32
C LYS E 198 6.68 28.19 15.29
N TYR E 199 5.94 28.45 14.23
CA TYR E 199 5.18 29.68 14.16
C TYR E 199 4.01 29.71 15.15
N LEU E 200 3.33 28.59 15.31
CA LEU E 200 2.29 28.45 16.32
C LEU E 200 2.89 28.57 17.72
N ALA E 201 4.10 28.04 17.94
CA ALA E 201 4.72 28.18 19.24
C ALA E 201 4.94 29.66 19.55
N LEU E 202 5.43 30.37 18.53
CA LEU E 202 5.71 31.80 18.68
C LEU E 202 4.38 32.52 18.90
N ASP E 203 3.37 32.21 18.08
CA ASP E 203 2.08 32.92 18.15
C ASP E 203 1.39 32.68 19.49
N LEU E 204 1.32 31.40 19.86
CA LEU E 204 0.43 30.96 20.96
C LEU E 204 1.14 30.93 22.31
N GLY E 205 2.46 31.13 22.31
CA GLY E 205 3.25 31.17 23.55
C GLY E 205 2.80 32.21 24.57
N PRO E 206 2.42 33.42 24.13
CA PRO E 206 1.96 34.35 25.15
C PRO E 206 0.66 33.93 25.84
N ASP E 207 -0.09 33.03 25.21
CA ASP E 207 -1.33 32.47 25.77
C ASP E 207 -1.05 31.24 26.61
N ASN E 208 0.22 31.01 26.92
CA ASN E 208 0.69 29.80 27.60
C ASN E 208 0.27 28.48 26.90
N ILE E 209 0.27 28.50 25.57
CA ILE E 209 0.00 27.29 24.81
C ILE E 209 1.27 26.89 24.09
N ARG E 210 1.76 25.71 24.46
CA ARG E 210 3.02 25.18 23.92
C ARG E 210 2.68 24.33 22.73
N VAL E 211 3.54 24.39 21.70
CA VAL E 211 3.28 23.62 20.50
C VAL E 211 4.58 22.93 20.17
N ASN E 212 4.55 21.61 20.00
CA ASN E 212 5.77 20.81 19.80
C ASN E 212 5.46 19.67 18.83
N ALA E 213 6.49 18.94 18.42
CA ALA E 213 6.35 17.83 17.45
C ALA E 213 7.08 16.62 18.00
N ILE E 214 6.62 15.41 17.68
CA ILE E 214 7.41 14.23 17.90
C ILE E 214 7.74 13.74 16.48
N SER E 215 9.02 13.65 16.16
CA SER E 215 9.51 13.01 14.94
C SER E 215 9.63 11.52 15.25
N ALA E 216 8.66 10.71 14.85
CA ALA E 216 8.66 9.29 15.17
C ALA E 216 9.47 8.53 14.14
N GLY E 217 10.16 7.46 14.56
CA GLY E 217 10.83 6.63 13.55
C GLY E 217 9.79 5.75 12.90
N PRO E 218 10.14 5.01 11.82
CA PRO E 218 9.18 4.17 11.11
C PRO E 218 8.48 3.14 12.00
N ILE E 219 7.17 2.96 11.77
CA ILE E 219 6.32 2.03 12.49
C ILE E 219 5.29 1.48 11.50
N ARG E 220 5.04 0.17 11.49
CA ARG E 220 3.99 -0.38 10.63
C ARG E 220 2.59 0.12 10.99
N THR E 221 2.04 0.92 10.09
CA THR E 221 0.69 1.43 10.27
C THR E 221 -0.05 1.30 8.93
N LEU E 222 -1.34 1.58 8.92
CA LEU E 222 -2.07 1.69 7.68
C LEU E 222 -1.43 2.70 6.68
N SER E 223 -1.10 3.89 7.13
CA SER E 223 -0.54 4.91 6.24
C SER E 223 0.84 4.51 5.71
N ALA E 224 1.63 3.81 6.52
CA ALA E 224 2.94 3.38 6.09
C ALA E 224 2.94 2.58 4.79
N LYS E 225 1.84 1.87 4.51
CA LYS E 225 1.73 1.03 3.33
C LYS E 225 1.78 1.85 2.04
N GLY E 226 1.55 3.16 2.13
CA GLY E 226 1.79 3.99 0.95
C GLY E 226 3.22 4.46 0.76
N VAL E 227 4.10 4.23 1.73
CA VAL E 227 5.46 4.61 1.52
C VAL E 227 6.26 3.50 0.82
N GLY E 228 6.69 3.70 -0.41
CA GLY E 228 7.45 2.66 -1.10
C GLY E 228 8.71 2.34 -0.28
N GLY E 229 9.17 1.10 -0.28
CA GLY E 229 10.44 0.75 0.33
C GLY E 229 10.34 0.67 1.85
N PHE E 230 9.13 0.58 2.36
CA PHE E 230 8.99 0.77 3.80
C PHE E 230 9.78 -0.27 4.64
N ASN E 231 9.81 -1.53 4.23
CA ASN E 231 10.51 -2.56 4.99
C ASN E 231 12.02 -2.35 5.00
N THR E 232 12.51 -1.86 3.86
CA THR E 232 13.90 -1.46 3.74
C THR E 232 14.24 -0.40 4.77
N ILE E 233 13.34 0.57 5.01
CA ILE E 233 13.58 1.66 5.98
C ILE E 233 13.64 1.08 7.38
N LEU E 234 12.69 0.20 7.68
CA LEU E 234 12.69 -0.53 8.94
C LEU E 234 14.02 -1.23 9.18
N LYS E 235 14.50 -2.00 8.21
CA LYS E 235 15.73 -2.74 8.46
C LYS E 235 16.93 -1.82 8.65
N GLU E 236 16.97 -0.70 7.97
CA GLU E 236 18.09 0.19 8.16
C GLU E 236 18.07 0.81 9.56
N ILE E 237 16.90 1.00 10.14
CA ILE E 237 16.95 1.49 11.51
C ILE E 237 17.63 0.47 12.44
N GLU E 238 17.22 -0.80 12.33
CA GLU E 238 17.77 -1.86 13.15
C GLU E 238 19.26 -1.98 12.97
N GLU E 239 19.72 -1.91 11.72
CA GLU E 239 21.14 -2.06 11.41
C GLU E 239 21.96 -0.82 11.78
N ARG E 240 21.40 0.38 11.77
CA ARG E 240 22.24 1.59 11.84
C ARG E 240 21.97 2.50 12.98
N ALA E 241 20.72 2.60 13.42
CA ALA E 241 20.38 3.55 14.49
C ALA E 241 21.10 3.16 15.78
N PRO E 242 21.52 4.16 16.56
CA PRO E 242 22.23 3.90 17.81
C PRO E 242 21.60 2.77 18.66
N LEU E 243 20.29 2.77 18.87
CA LEU E 243 19.72 1.72 19.73
C LEU E 243 19.62 0.36 19.03
N LYS E 244 19.92 0.29 17.74
CA LYS E 244 19.81 -0.96 16.96
C LYS E 244 18.44 -1.70 17.12
N ARG E 245 17.35 -0.94 17.12
CA ARG E 245 15.99 -1.46 17.10
C ARG E 245 15.03 -0.38 16.59
N ASN E 246 13.86 -0.79 16.13
CA ASN E 246 12.80 0.13 15.79
C ASN E 246 12.02 0.54 17.03
N VAL E 247 11.32 1.68 16.98
CA VAL E 247 10.51 2.14 18.09
C VAL E 247 9.09 1.61 17.83
N ASP E 248 8.20 1.73 18.82
CA ASP E 248 6.79 1.50 18.58
C ASP E 248 5.91 2.66 19.10
N GLN E 249 4.60 2.51 18.87
CA GLN E 249 3.60 3.54 19.11
C GLN E 249 3.56 3.98 20.58
N VAL E 250 3.77 3.01 21.48
CA VAL E 250 3.74 3.30 22.93
C VAL E 250 4.92 4.21 23.28
N GLU E 251 6.01 4.15 22.50
CA GLU E 251 7.18 4.94 22.86
C GLU E 251 6.92 6.37 22.41
N VAL E 252 6.29 6.56 21.25
CA VAL E 252 5.65 7.84 20.89
C VAL E 252 4.72 8.33 21.99
N GLY E 253 3.78 7.49 22.44
CA GLY E 253 2.81 7.95 23.42
C GLY E 253 3.46 8.35 24.76
N LYS E 254 4.63 7.81 25.06
CA LYS E 254 5.33 8.17 26.27
C LYS E 254 5.99 9.54 26.16
N THR E 255 6.52 9.85 24.99
CA THR E 255 7.02 11.20 24.74
C THR E 255 5.88 12.21 24.62
N ALA E 256 4.74 11.81 24.06
CA ALA E 256 3.54 12.64 23.95
C ALA E 256 3.06 12.98 25.36
N ALA E 257 3.09 11.99 26.24
CA ALA E 257 2.72 12.24 27.63
C ALA E 257 3.62 13.29 28.29
N TYR E 258 4.93 13.20 28.10
CA TYR E 258 5.84 14.25 28.58
C TYR E 258 5.52 15.62 27.97
N LEU E 259 5.22 15.65 26.67
CA LEU E 259 5.02 16.94 25.98
C LEU E 259 3.66 17.58 26.38
N LEU E 260 2.65 16.73 26.58
CA LEU E 260 1.29 17.19 26.84
C LEU E 260 1.14 17.47 28.35
N SER E 261 2.10 17.10 29.17
CA SER E 261 1.98 17.39 30.60
C SER E 261 2.90 18.52 31.02
N ASP E 262 2.89 18.81 32.32
CA ASP E 262 3.68 19.89 32.88
C ASP E 262 5.15 19.47 33.08
N LEU E 263 5.48 18.19 32.87
CA LEU E 263 6.88 17.78 32.86
C LEU E 263 7.68 18.63 31.86
N SER E 264 7.01 19.13 30.83
CA SER E 264 7.71 19.88 29.79
C SER E 264 7.34 21.39 29.71
N SER E 265 7.13 22.03 30.85
N SER E 265 7.02 21.98 30.85
CA SER E 265 6.58 23.40 30.87
CA SER E 265 6.91 23.43 30.91
C SER E 265 7.51 24.43 30.23
C SER E 265 8.29 23.92 30.53
N GLY E 266 8.80 24.10 30.19
N GLY E 266 8.33 25.04 29.81
CA GLY E 266 9.82 24.96 29.62
CA GLY E 266 9.61 25.51 29.33
C GLY E 266 9.90 24.92 28.11
C GLY E 266 9.99 24.94 27.98
N VAL E 267 9.30 23.90 27.51
CA VAL E 267 9.61 23.39 26.15
C VAL E 267 8.54 23.73 25.12
N THR E 268 8.93 24.43 24.07
CA THR E 268 7.93 24.81 23.11
C THR E 268 8.69 25.09 21.80
N GLY E 269 8.08 24.74 20.68
CA GLY E 269 8.67 24.97 19.36
C GLY E 269 9.68 23.86 19.06
N GLU E 270 9.63 22.78 19.85
CA GLU E 270 10.69 21.75 19.83
C GLU E 270 10.24 20.51 19.03
N ASN E 271 11.19 19.77 18.46
CA ASN E 271 10.90 18.58 17.63
C ASN E 271 11.68 17.42 18.30
N ILE E 272 11.01 16.48 18.96
CA ILE E 272 11.72 15.45 19.76
C ILE E 272 11.70 14.12 18.99
N HIS E 273 12.88 13.60 18.71
CA HIS E 273 12.96 12.49 17.74
C HIS E 273 12.81 11.23 18.56
N VAL E 274 11.76 10.45 18.32
CA VAL E 274 11.60 9.19 19.02
C VAL E 274 11.83 8.09 18.00
N ASP E 275 13.13 7.81 17.82
CA ASP E 275 13.56 7.13 16.62
C ASP E 275 14.84 6.33 16.80
N SER E 276 15.17 5.97 18.04
CA SER E 276 16.33 5.15 18.33
C SER E 276 17.66 5.86 18.09
N GLY E 277 17.61 7.18 17.92
CA GLY E 277 18.82 8.00 17.71
C GLY E 277 19.14 8.15 16.25
N PHE E 278 18.29 7.62 15.37
CA PHE E 278 18.62 7.62 13.95
C PHE E 278 18.96 9.01 13.41
N HIS E 279 18.27 10.06 13.91
CA HIS E 279 18.36 11.43 13.42
C HIS E 279 19.78 11.97 13.62
N ALA E 280 20.45 11.49 14.67
CA ALA E 280 21.75 11.96 15.08
C ALA E 280 22.95 11.33 14.33
N ILE E 281 22.71 10.38 13.44
CA ILE E 281 23.83 9.74 12.81
C ILE E 281 23.75 9.93 11.29
N LYS E 282 24.77 9.47 10.59
CA LYS E 282 24.86 9.66 9.17
C LYS E 282 25.93 8.65 8.79
N VAL F 28 33.14 34.34 -12.20
CA VAL F 28 33.20 33.07 -13.00
C VAL F 28 33.62 33.27 -14.50
N ASN F 29 32.90 32.60 -15.41
CA ASN F 29 32.79 32.95 -16.85
C ASN F 29 31.68 32.18 -17.57
N LEU F 30 30.58 32.85 -17.89
CA LEU F 30 29.38 32.15 -18.35
C LEU F 30 29.02 32.41 -19.81
N GLU F 31 30.03 32.59 -20.65
CA GLU F 31 29.74 32.75 -22.08
C GLU F 31 29.24 31.41 -22.60
N ASN F 32 28.25 31.48 -23.48
CA ASN F 32 27.68 30.25 -24.04
C ASN F 32 26.77 29.49 -23.08
N LYS F 33 26.54 30.08 -21.90
CA LYS F 33 25.49 29.67 -20.95
C LYS F 33 24.20 30.46 -21.12
N THR F 34 23.09 29.80 -20.81
CA THR F 34 21.77 30.40 -20.94
C THR F 34 21.02 30.06 -19.67
N TYR F 35 20.48 31.09 -19.04
CA TYR F 35 19.80 30.92 -17.78
C TYR F 35 18.45 31.60 -17.89
N VAL F 36 17.43 30.98 -17.32
CA VAL F 36 16.09 31.54 -17.25
C VAL F 36 15.91 32.17 -15.88
N ILE F 37 15.58 33.47 -15.86
CA ILE F 37 15.40 34.13 -14.58
C ILE F 37 13.92 34.44 -14.31
N MET F 38 13.36 33.92 -13.24
CA MET F 38 11.94 34.07 -12.99
C MET F 38 11.73 35.00 -11.83
N GLY F 39 11.04 36.10 -12.08
CA GLY F 39 10.47 36.87 -10.99
C GLY F 39 11.10 38.24 -10.84
N ILE F 40 11.55 38.86 -11.92
CA ILE F 40 11.75 40.32 -11.89
C ILE F 40 10.44 41.11 -12.01
N ALA F 41 10.20 42.02 -11.07
CA ALA F 41 9.10 42.98 -11.17
C ALA F 41 9.60 44.39 -11.45
N ASN F 42 10.82 44.72 -11.02
CA ASN F 42 11.30 46.11 -11.05
C ASN F 42 12.78 46.19 -10.70
N LYS F 43 13.33 47.39 -10.64
CA LYS F 43 14.79 47.50 -10.47
C LYS F 43 15.22 46.95 -9.11
N ARG F 44 14.32 46.86 -8.12
CA ARG F 44 14.68 46.44 -6.77
CA ARG F 44 14.77 46.43 -6.81
C ARG F 44 14.59 44.92 -6.61
N SER F 45 14.02 44.24 -7.61
CA SER F 45 13.88 42.79 -7.44
C SER F 45 15.23 42.13 -7.18
N ILE F 46 15.29 41.26 -6.19
CA ILE F 46 16.44 40.37 -6.02
C ILE F 46 16.85 39.71 -7.34
N ALA F 47 15.88 39.19 -8.09
CA ALA F 47 16.21 38.58 -9.37
C ALA F 47 16.92 39.55 -10.34
N PHE F 48 16.71 40.85 -10.20
CA PHE F 48 17.40 41.77 -11.11
C PHE F 48 18.90 41.89 -10.75
N GLY F 49 19.21 41.86 -9.46
CA GLY F 49 20.55 41.58 -8.95
C GLY F 49 21.24 40.41 -9.60
N VAL F 50 20.52 39.29 -9.74
CA VAL F 50 21.02 38.09 -10.39
C VAL F 50 21.30 38.37 -11.88
N ALA F 51 20.32 38.96 -12.59
CA ALA F 51 20.50 39.23 -13.99
C ALA F 51 21.73 40.14 -14.26
N LYS F 52 21.90 41.21 -13.51
CA LYS F 52 23.08 42.05 -13.64
C LYS F 52 24.35 41.23 -13.45
N VAL F 53 24.41 40.35 -12.44
CA VAL F 53 25.69 39.62 -12.24
C VAL F 53 25.93 38.69 -13.44
N LEU F 54 24.88 38.01 -13.89
CA LEU F 54 24.99 36.94 -14.88
C LEU F 54 25.25 37.60 -16.23
N ASP F 55 24.59 38.73 -16.42
CA ASP F 55 24.75 39.49 -17.65
C ASP F 55 26.18 40.03 -17.71
N GLN F 56 26.70 40.62 -16.64
CA GLN F 56 28.11 41.01 -16.62
C GLN F 56 29.08 39.84 -16.82
N LEU F 57 28.69 38.61 -16.52
CA LEU F 57 29.53 37.42 -16.74
C LEU F 57 29.38 36.77 -18.13
N GLY F 58 28.75 37.46 -19.07
CA GLY F 58 28.58 36.90 -20.41
C GLY F 58 27.44 35.92 -20.62
N ALA F 59 26.64 35.62 -19.61
CA ALA F 59 25.46 34.74 -19.80
C ALA F 59 24.43 35.28 -20.79
N LYS F 60 23.72 34.38 -21.47
CA LYS F 60 22.52 34.78 -22.22
C LYS F 60 21.35 34.59 -21.28
N LEU F 61 20.47 35.58 -21.16
CA LEU F 61 19.39 35.56 -20.17
C LEU F 61 17.99 35.56 -20.78
N VAL F 62 17.10 34.84 -20.14
CA VAL F 62 15.73 34.65 -20.59
C VAL F 62 14.91 35.02 -19.39
N PHE F 63 13.88 35.85 -19.57
CA PHE F 63 13.17 36.37 -18.39
C PHE F 63 11.71 35.91 -18.38
N THR F 64 11.21 35.46 -17.21
CA THR F 64 9.78 35.24 -17.13
C THR F 64 9.09 36.21 -16.15
N TYR F 65 7.82 36.54 -16.37
CA TYR F 65 7.09 37.54 -15.56
C TYR F 65 5.62 37.14 -15.44
N ARG F 66 4.94 37.67 -14.44
CA ARG F 66 3.48 37.47 -14.37
C ARG F 66 2.65 38.67 -14.90
N LYS F 67 2.77 39.83 -14.27
CA LYS F 67 1.95 40.98 -14.64
C LYS F 67 2.48 41.70 -15.86
N GLU F 68 1.58 42.24 -16.68
CA GLU F 68 2.02 43.04 -17.80
CA GLU F 68 1.89 43.16 -17.78
C GLU F 68 2.96 44.16 -17.34
N ARG F 69 2.79 44.68 -16.13
CA ARG F 69 3.64 45.76 -15.65
C ARG F 69 5.08 45.30 -15.38
N SER F 70 5.25 44.06 -14.92
CA SER F 70 6.59 43.46 -14.85
C SER F 70 7.26 43.38 -16.25
N ARG F 71 6.49 43.05 -17.29
CA ARG F 71 7.12 42.96 -18.58
CA ARG F 71 7.07 42.97 -18.62
C ARG F 71 7.67 44.34 -18.94
N LYS F 72 6.88 45.40 -18.75
CA LYS F 72 7.30 46.79 -19.03
C LYS F 72 8.51 47.24 -18.22
N GLU F 73 8.58 46.90 -16.94
CA GLU F 73 9.83 47.08 -16.21
C GLU F 73 11.03 46.35 -16.84
N LEU F 74 10.86 45.07 -17.16
CA LEU F 74 11.85 44.29 -17.89
C LEU F 74 12.37 44.99 -19.16
N GLU F 75 11.46 45.55 -19.96
CA GLU F 75 11.88 46.12 -21.26
C GLU F 75 12.70 47.38 -20.99
N LYS F 76 12.37 48.09 -19.93
CA LYS F 76 13.17 49.24 -19.45
C LYS F 76 14.55 48.74 -18.97
N LEU F 77 14.56 47.82 -18.03
CA LEU F 77 15.80 47.36 -17.42
C LEU F 77 16.79 46.70 -18.39
N LEU F 78 16.27 46.02 -19.41
CA LEU F 78 17.11 45.40 -20.44
C LEU F 78 18.10 46.36 -21.10
N GLU F 79 17.77 47.64 -21.13
CA GLU F 79 18.68 48.63 -21.69
C GLU F 79 19.93 48.82 -20.86
N GLN F 80 19.87 48.61 -19.55
CA GLN F 80 21.10 48.52 -18.75
C GLN F 80 21.84 47.19 -18.87
N LEU F 81 21.40 46.27 -19.71
CA LEU F 81 22.04 44.96 -19.75
C LEU F 81 22.77 44.77 -21.07
N ASN F 82 23.66 43.79 -21.11
CA ASN F 82 24.33 43.50 -22.34
C ASN F 82 23.54 42.60 -23.28
N GLN F 83 22.37 42.13 -22.89
CA GLN F 83 21.60 41.24 -23.78
C GLN F 83 21.31 41.82 -25.17
N PRO F 84 21.86 41.19 -26.22
CA PRO F 84 21.59 41.67 -27.58
C PRO F 84 20.12 41.45 -27.93
N GLU F 85 19.37 40.70 -27.14
CA GLU F 85 18.03 40.26 -27.52
C GLU F 85 17.17 40.12 -26.27
N ALA F 86 15.93 40.59 -26.38
CA ALA F 86 14.98 40.46 -25.28
C ALA F 86 14.17 39.18 -25.45
N HIS F 87 14.31 38.25 -24.52
CA HIS F 87 13.48 37.04 -24.51
C HIS F 87 12.59 36.99 -23.28
N LEU F 88 11.36 37.54 -23.39
CA LEU F 88 10.41 37.75 -22.32
C LEU F 88 9.23 36.80 -22.50
N TYR F 89 8.87 36.07 -21.45
CA TYR F 89 7.80 35.09 -21.53
C TYR F 89 6.90 35.27 -20.31
N GLN F 90 5.60 35.38 -20.57
CA GLN F 90 4.64 35.39 -19.49
C GLN F 90 4.43 33.99 -18.92
N ILE F 91 4.70 33.86 -17.63
CA ILE F 91 4.44 32.61 -16.93
C ILE F 91 3.93 32.94 -15.54
N ASP F 92 2.63 32.73 -15.35
CA ASP F 92 2.00 32.62 -14.05
C ASP F 92 2.12 31.20 -13.51
N VAL F 93 2.90 31.02 -12.43
CA VAL F 93 3.27 29.67 -11.97
C VAL F 93 2.10 28.99 -11.27
N GLN F 94 0.97 29.69 -11.15
CA GLN F 94 -0.29 29.05 -10.75
C GLN F 94 -0.84 28.12 -11.82
N SER F 95 -0.43 28.32 -13.07
CA SER F 95 -1.05 27.56 -14.15
C SER F 95 -0.04 26.57 -14.75
N ASP F 96 -0.38 25.28 -14.71
CA ASP F 96 0.49 24.25 -15.30
C ASP F 96 0.73 24.50 -16.78
N GLU F 97 -0.33 24.85 -17.48
CA GLU F 97 -0.30 25.16 -18.90
C GLU F 97 0.73 26.24 -19.22
N GLU F 98 0.75 27.29 -18.42
CA GLU F 98 1.67 28.39 -18.70
C GLU F 98 3.14 28.01 -18.45
N VAL F 99 3.40 27.28 -17.37
CA VAL F 99 4.74 26.78 -17.13
C VAL F 99 5.14 25.81 -18.25
N ILE F 100 4.24 24.90 -18.61
CA ILE F 100 4.56 23.86 -19.60
C ILE F 100 4.80 24.54 -20.96
N ASN F 101 3.87 25.40 -21.39
CA ASN F 101 3.99 26.02 -22.71
C ASN F 101 5.11 27.06 -22.75
N GLY F 102 5.28 27.76 -21.63
CA GLY F 102 6.34 28.77 -21.49
C GLY F 102 7.72 28.16 -21.61
N PHE F 103 7.98 27.08 -20.88
CA PHE F 103 9.30 26.45 -21.00
C PHE F 103 9.48 25.80 -22.36
N GLU F 104 8.42 25.18 -22.88
CA GLU F 104 8.56 24.61 -24.20
C GLU F 104 8.87 25.68 -25.27
N GLN F 105 8.28 26.88 -25.14
CA GLN F 105 8.49 27.92 -26.16
C GLN F 105 9.91 28.46 -26.00
N ILE F 106 10.38 28.56 -24.77
CA ILE F 106 11.77 28.94 -24.47
C ILE F 106 12.73 27.98 -25.16
N GLY F 107 12.36 26.70 -25.13
CA GLY F 107 13.13 25.64 -25.77
C GLY F 107 13.22 25.83 -27.27
N LYS F 108 12.12 26.16 -27.94
CA LYS F 108 12.13 26.36 -29.38
C LYS F 108 12.83 27.68 -29.71
N ASP F 109 12.67 28.67 -28.85
CA ASP F 109 13.27 29.98 -29.14
C ASP F 109 14.78 30.07 -28.79
N VAL F 110 15.26 29.46 -27.71
CA VAL F 110 16.72 29.50 -27.43
C VAL F 110 17.42 28.15 -27.35
N GLY F 111 16.68 27.06 -27.57
CA GLY F 111 17.29 25.73 -27.47
C GLY F 111 17.52 25.43 -26.01
N ASN F 112 18.46 24.53 -25.71
CA ASN F 112 18.71 24.10 -24.33
C ASN F 112 19.32 25.17 -23.44
N ILE F 113 19.18 24.96 -22.12
CA ILE F 113 19.61 25.94 -21.12
C ILE F 113 20.51 25.32 -20.03
N ASP F 114 20.99 26.13 -19.11
CA ASP F 114 22.01 25.67 -18.21
C ASP F 114 21.48 25.82 -16.79
N GLY F 115 20.40 26.58 -16.58
CA GLY F 115 19.91 26.68 -15.20
C GLY F 115 18.76 27.66 -15.07
N VAL F 116 18.17 27.74 -13.88
CA VAL F 116 16.98 28.53 -13.65
C VAL F 116 17.16 29.19 -12.32
N TYR F 117 16.95 30.51 -12.30
CA TYR F 117 16.88 31.27 -11.07
C TYR F 117 15.39 31.51 -10.76
N HIS F 118 14.95 31.00 -9.61
CA HIS F 118 13.56 31.08 -9.26
C HIS F 118 13.48 32.09 -8.11
N SER F 119 12.75 33.16 -8.38
CA SER F 119 12.70 34.26 -7.42
C SER F 119 11.23 34.69 -7.21
N ILE F 120 10.40 33.71 -6.88
CA ILE F 120 8.95 33.89 -6.87
C ILE F 120 8.37 33.44 -5.53
N ALA F 121 7.59 34.35 -4.97
CA ALA F 121 6.78 34.06 -3.82
C ALA F 121 5.60 35.02 -3.79
N PHE F 122 4.59 34.62 -3.03
CA PHE F 122 3.39 35.43 -2.83
C PHE F 122 2.56 34.92 -1.62
N ALA F 123 2.12 35.85 -0.78
CA ALA F 123 1.06 35.64 0.21
C ALA F 123 0.21 36.90 0.31
N ASN F 124 -1.06 36.74 0.68
CA ASN F 124 -1.93 37.89 0.88
C ASN F 124 -1.40 38.68 2.06
N MET F 125 -1.47 40.00 1.99
CA MET F 125 -1.17 40.82 3.15
C MET F 125 -2.09 40.50 4.31
N GLU F 126 -3.33 40.13 4.01
CA GLU F 126 -4.34 39.76 4.99
C GLU F 126 -3.79 38.64 5.84
N ASP F 127 -3.11 37.69 5.21
CA ASP F 127 -2.61 36.56 5.97
C ASP F 127 -1.30 36.99 6.61
N LEU F 128 -0.40 37.65 5.88
CA LEU F 128 0.87 38.09 6.49
C LEU F 128 0.70 38.92 7.79
N ARG F 129 -0.35 39.71 7.95
CA ARG F 129 -0.48 40.40 9.25
C ARG F 129 -1.84 40.25 9.95
N GLY F 130 -2.11 39.00 10.31
CA GLY F 130 -2.87 38.67 11.51
C GLY F 130 -1.87 37.76 12.21
N ARG F 131 -2.17 37.38 13.45
CA ARG F 131 -1.57 36.24 14.11
C ARG F 131 -1.49 35.05 13.15
N PHE F 132 -0.38 34.34 13.18
CA PHE F 132 -0.24 33.19 12.30
C PHE F 132 -1.38 32.18 12.49
N SER F 133 -1.81 32.01 13.74
CA SER F 133 -2.80 30.99 13.99
C SER F 133 -4.15 31.31 13.32
N GLU F 134 -4.32 32.54 12.83
CA GLU F 134 -5.56 32.96 12.19
C GLU F 134 -5.44 32.83 10.66
N THR F 135 -4.36 32.24 10.14
CA THR F 135 -4.21 32.14 8.70
C THR F 135 -5.40 31.35 8.08
N SER F 136 -5.94 31.80 6.94
CA SER F 136 -7.02 31.09 6.27
C SER F 136 -6.37 29.95 5.49
N ARG F 137 -7.14 28.88 5.26
CA ARG F 137 -6.76 27.77 4.38
C ARG F 137 -6.41 28.26 2.99
N GLU F 138 -7.28 29.08 2.43
CA GLU F 138 -7.11 29.58 1.07
C GLU F 138 -5.77 30.32 0.96
N GLY F 139 -5.36 31.07 1.99
CA GLY F 139 -4.17 31.90 1.87
C GLY F 139 -2.92 31.08 2.16
N PHE F 140 -3.06 30.07 3.03
CA PHE F 140 -1.97 29.17 3.30
C PHE F 140 -1.64 28.37 2.06
N LEU F 141 -2.67 27.84 1.41
CA LEU F 141 -2.42 27.05 0.24
C LEU F 141 -1.97 27.93 -0.93
N LEU F 142 -2.46 29.17 -0.99
CA LEU F 142 -1.99 30.14 -2.01
C LEU F 142 -0.47 30.34 -1.92
N ALA F 143 0.03 30.58 -0.71
CA ALA F 143 1.45 30.76 -0.48
C ALA F 143 2.30 29.49 -0.80
N GLN F 144 1.76 28.30 -0.49
CA GLN F 144 2.46 27.05 -0.85
C GLN F 144 2.52 26.89 -2.35
N ASP F 145 1.39 27.21 -2.98
CA ASP F 145 1.23 26.97 -4.40
C ASP F 145 2.20 27.82 -5.21
N ILE F 146 2.22 29.14 -4.99
CA ILE F 146 3.13 30.05 -5.69
C ILE F 146 4.58 29.96 -5.18
N SER F 147 4.79 29.79 -3.88
CA SER F 147 6.11 30.01 -3.27
C SER F 147 6.87 28.69 -3.13
N SER F 148 6.19 27.56 -3.23
CA SER F 148 6.93 26.32 -3.14
C SER F 148 6.65 25.35 -4.30
N TYR F 149 5.38 25.04 -4.55
CA TYR F 149 5.05 24.07 -5.57
C TYR F 149 5.58 24.51 -6.94
N SER F 150 5.49 25.82 -7.22
CA SER F 150 6.00 26.35 -8.47
C SER F 150 7.42 25.82 -8.80
N LEU F 151 8.23 25.60 -7.78
CA LEU F 151 9.60 25.12 -8.04
C LEU F 151 9.59 23.71 -8.63
N THR F 152 8.67 22.87 -8.18
CA THR F 152 8.59 21.49 -8.61
C THR F 152 8.21 21.39 -10.07
N ILE F 153 7.21 22.19 -10.45
CA ILE F 153 6.80 22.14 -11.84
C ILE F 153 7.79 22.88 -12.73
N VAL F 154 8.32 24.02 -12.28
CA VAL F 154 9.42 24.64 -13.03
C VAL F 154 10.55 23.62 -13.29
N ALA F 155 10.97 22.91 -12.24
CA ALA F 155 12.09 21.96 -12.33
C ALA F 155 11.79 20.83 -13.32
N HIS F 156 10.57 20.32 -13.28
CA HIS F 156 10.15 19.28 -14.22
C HIS F 156 10.14 19.76 -15.66
N GLU F 157 9.73 21.01 -15.85
CA GLU F 157 9.64 21.45 -17.24
C GLU F 157 11.01 21.87 -17.72
N ALA F 158 11.77 22.53 -16.84
CA ALA F 158 13.11 23.01 -17.20
C ALA F 158 14.11 21.87 -17.38
N LYS F 159 13.86 20.73 -16.74
CA LYS F 159 14.69 19.56 -17.02
C LYS F 159 14.69 19.09 -18.51
N LYS F 160 13.56 19.20 -19.21
CA LYS F 160 13.49 18.82 -20.61
C LYS F 160 14.50 19.60 -21.45
N LEU F 161 14.87 20.80 -21.00
CA LEU F 161 15.88 21.65 -21.63
C LEU F 161 17.32 21.50 -21.07
N MET F 162 17.49 20.57 -20.13
CA MET F 162 18.81 20.34 -19.55
C MET F 162 19.26 18.90 -19.75
N PRO F 163 19.33 18.42 -21.02
CA PRO F 163 19.64 17.01 -21.28
C PRO F 163 20.98 16.56 -20.69
N GLU F 164 21.97 17.47 -20.62
CA GLU F 164 23.23 17.18 -19.95
C GLU F 164 23.44 17.70 -18.52
N GLY F 165 22.40 18.19 -17.87
CA GLY F 165 22.56 18.73 -16.51
C GLY F 165 22.47 20.25 -16.51
N GLY F 166 22.49 20.81 -15.31
CA GLY F 166 22.12 22.20 -15.15
C GLY F 166 22.10 22.50 -13.68
N SER F 167 21.71 23.73 -13.36
CA SER F 167 21.63 24.17 -11.98
C SER F 167 20.35 24.96 -11.77
N ILE F 168 19.68 24.69 -10.65
CA ILE F 168 18.46 25.39 -10.32
C ILE F 168 18.59 26.00 -8.95
N VAL F 169 18.24 27.29 -8.89
CA VAL F 169 18.45 28.03 -7.66
C VAL F 169 17.14 28.72 -7.31
N ALA F 170 16.76 28.59 -6.03
CA ALA F 170 15.56 29.26 -5.52
C ALA F 170 15.93 30.21 -4.38
N THR F 171 15.03 31.17 -4.14
CA THR F 171 15.28 32.19 -3.17
C THR F 171 14.46 31.97 -1.91
N THR F 172 15.15 31.81 -0.80
CA THR F 172 14.45 31.63 0.46
C THR F 172 14.87 32.66 1.47
N TYR F 173 14.45 32.44 2.72
CA TYR F 173 14.68 33.39 3.77
C TYR F 173 14.70 32.62 5.12
N LEU F 174 15.54 33.08 6.05
CA LEU F 174 15.73 32.53 7.39
C LEU F 174 14.45 32.16 8.15
N GLY F 175 13.37 32.86 7.81
CA GLY F 175 12.06 32.55 8.34
C GLY F 175 11.50 31.19 7.95
N GLY F 176 12.11 30.48 6.99
CA GLY F 176 11.82 29.07 6.77
C GLY F 176 12.45 28.12 7.76
N GLU F 177 13.39 28.63 8.58
CA GLU F 177 14.17 27.78 9.47
C GLU F 177 13.77 28.06 10.92
N PHE F 178 13.34 29.28 11.23
CA PHE F 178 13.03 29.79 12.57
C PHE F 178 11.73 30.58 12.47
N ALA F 179 10.96 30.64 13.56
CA ALA F 179 9.80 31.50 13.54
C ALA F 179 10.26 32.95 13.71
N VAL F 180 10.10 33.75 12.65
CA VAL F 180 10.38 35.19 12.66
C VAL F 180 9.06 35.97 12.79
N GLN F 181 8.97 36.92 13.73
CA GLN F 181 7.82 37.81 13.89
C GLN F 181 7.29 38.28 12.53
N ASN F 182 5.98 38.15 12.30
CA ASN F 182 5.30 38.77 11.15
C ASN F 182 5.42 38.05 9.82
N TYR F 183 6.39 37.15 9.69
CA TYR F 183 6.64 36.48 8.43
C TYR F 183 5.62 35.37 8.21
N ASN F 184 5.13 34.82 9.30
CA ASN F 184 3.86 34.11 9.32
C ASN F 184 3.72 33.04 8.23
N VAL F 185 2.69 33.14 7.39
CA VAL F 185 2.39 32.12 6.38
C VAL F 185 3.57 31.93 5.40
N MET F 186 4.39 32.95 5.21
CA MET F 186 5.50 32.81 4.27
C MET F 186 6.69 32.03 4.92
N GLY F 187 6.78 32.03 6.25
CA GLY F 187 7.77 31.16 6.88
C GLY F 187 7.49 29.69 6.56
N VAL F 188 6.21 29.31 6.59
CA VAL F 188 5.84 27.90 6.37
C VAL F 188 6.00 27.59 4.88
N ALA F 189 5.75 28.58 4.01
CA ALA F 189 5.94 28.38 2.58
C ALA F 189 7.42 28.23 2.31
N LYS F 190 8.30 28.92 3.06
CA LYS F 190 9.73 28.76 2.83
C LYS F 190 10.27 27.46 3.41
N ALA F 191 9.79 27.02 4.57
CA ALA F 191 10.21 25.72 5.05
C ALA F 191 9.89 24.68 3.99
N SER F 192 8.71 24.83 3.40
CA SER F 192 8.25 23.94 2.34
C SER F 192 9.17 24.07 1.10
N LEU F 193 9.53 25.29 0.74
CA LEU F 193 10.41 25.49 -0.45
C LEU F 193 11.80 24.86 -0.22
N GLU F 194 12.27 24.92 1.01
CA GLU F 194 13.59 24.45 1.35
C GLU F 194 13.66 22.91 1.38
N ALA F 195 12.56 22.26 1.78
CA ALA F 195 12.44 20.81 1.68
C ALA F 195 12.32 20.47 0.21
N ASN F 196 11.56 21.27 -0.53
CA ASN F 196 11.37 21.07 -1.99
C ASN F 196 12.73 21.04 -2.68
N VAL F 197 13.56 22.04 -2.40
CA VAL F 197 14.92 21.99 -2.87
C VAL F 197 15.67 20.68 -2.54
N LYS F 198 15.60 20.17 -1.31
CA LYS F 198 16.30 18.92 -1.03
C LYS F 198 15.73 17.75 -1.80
N TYR F 199 14.39 17.71 -1.99
CA TYR F 199 13.78 16.52 -2.59
C TYR F 199 14.04 16.55 -4.10
N LEU F 200 14.10 17.76 -4.64
CA LEU F 200 14.47 17.90 -6.08
C LEU F 200 15.93 17.55 -6.31
N ALA F 201 16.79 17.93 -5.38
CA ALA F 201 18.23 17.68 -5.48
C ALA F 201 18.44 16.16 -5.53
N LEU F 202 17.74 15.45 -4.65
CA LEU F 202 17.73 13.98 -4.65
C LEU F 202 17.23 13.36 -5.95
N ASP F 203 16.07 13.83 -6.42
CA ASP F 203 15.45 13.24 -7.65
C ASP F 203 16.29 13.51 -8.89
N LEU F 204 16.72 14.75 -9.06
CA LEU F 204 17.36 15.20 -10.30
C LEU F 204 18.90 15.03 -10.33
N GLY F 205 19.49 14.76 -9.17
CA GLY F 205 20.92 14.50 -9.05
C GLY F 205 21.37 13.47 -10.06
N PRO F 206 20.63 12.34 -10.20
CA PRO F 206 21.14 11.38 -11.16
C PRO F 206 21.10 11.92 -12.57
N ASP F 207 20.42 13.04 -12.83
CA ASP F 207 20.38 13.62 -14.21
C ASP F 207 21.43 14.73 -14.30
N ASN F 208 22.27 14.84 -13.27
CA ASN F 208 23.22 15.94 -13.15
C ASN F 208 22.64 17.38 -13.10
N ILE F 209 21.48 17.53 -12.49
CA ILE F 209 20.84 18.82 -12.29
C ILE F 209 20.95 19.11 -10.80
N ARG F 210 21.61 20.21 -10.45
CA ARG F 210 21.81 20.49 -9.03
C ARG F 210 20.71 21.45 -8.62
N VAL F 211 20.30 21.38 -7.35
CA VAL F 211 19.24 22.27 -6.94
C VAL F 211 19.66 22.80 -5.60
N ASN F 212 19.64 24.12 -5.45
CA ASN F 212 20.07 24.73 -4.22
C ASN F 212 19.20 25.94 -3.90
N ALA F 213 19.42 26.48 -2.72
CA ALA F 213 18.74 27.70 -2.32
C ALA F 213 19.78 28.75 -1.87
N ILE F 214 19.45 30.02 -2.08
CA ILE F 214 20.12 31.13 -1.40
C ILE F 214 19.13 31.70 -0.39
N SER F 215 19.55 31.68 0.87
CA SER F 215 18.84 32.33 1.96
C SER F 215 19.27 33.81 2.06
N ALA F 216 18.47 34.69 1.50
CA ALA F 216 18.87 36.07 1.34
C ALA F 216 18.56 36.80 2.66
N GLY F 217 19.40 37.76 3.04
CA GLY F 217 19.06 38.68 4.12
C GLY F 217 18.04 39.70 3.66
N PRO F 218 17.46 40.45 4.60
CA PRO F 218 16.40 41.39 4.23
C PRO F 218 16.87 42.48 3.26
N ILE F 219 16.08 42.74 2.22
CA ILE F 219 16.46 43.69 1.18
C ILE F 219 15.23 44.52 0.79
N ARG F 220 15.30 45.85 0.74
CA ARG F 220 14.07 46.59 0.43
C ARG F 220 13.57 46.32 -1.00
N THR F 221 12.54 45.49 -1.11
CA THR F 221 11.88 45.20 -2.40
C THR F 221 10.39 45.53 -2.41
N LEU F 222 9.75 45.39 -3.57
CA LEU F 222 8.30 45.59 -3.64
C LEU F 222 7.54 44.62 -2.73
N SER F 223 7.87 43.33 -2.77
CA SER F 223 7.32 42.33 -1.87
C SER F 223 7.61 42.58 -0.39
N ALA F 224 8.80 43.06 -0.04
CA ALA F 224 9.11 43.37 1.36
C ALA F 224 8.09 44.33 1.96
N LYS F 225 7.34 45.05 1.13
CA LYS F 225 6.37 45.97 1.69
C LYS F 225 5.19 45.27 2.36
N GLY F 226 5.07 43.96 2.17
CA GLY F 226 3.96 43.22 2.74
C GLY F 226 4.29 42.54 4.06
N VAL F 227 5.54 42.67 4.49
CA VAL F 227 5.95 42.17 5.78
C VAL F 227 5.92 43.25 6.88
N GLY F 228 5.12 43.07 7.92
CA GLY F 228 5.12 44.01 9.04
C GLY F 228 6.52 44.18 9.61
N GLY F 229 6.83 45.40 10.05
CA GLY F 229 8.05 45.70 10.82
C GLY F 229 9.36 45.49 10.10
N PHE F 230 9.33 45.50 8.77
CA PHE F 230 10.53 45.41 7.94
C PHE F 230 11.69 46.31 8.36
N ASN F 231 11.39 47.55 8.71
CA ASN F 231 12.45 48.49 8.99
C ASN F 231 13.21 48.02 10.21
N THR F 232 12.52 47.48 11.20
CA THR F 232 13.24 47.14 12.41
C THR F 232 14.03 45.82 12.26
N ILE F 233 13.78 45.07 11.18
CA ILE F 233 14.49 43.82 10.88
C ILE F 233 15.81 44.15 10.23
N LEU F 234 15.74 44.93 9.16
CA LEU F 234 16.87 45.69 8.64
C LEU F 234 17.83 46.26 9.70
N LYS F 235 17.29 47.06 10.63
CA LYS F 235 18.10 47.61 11.71
C LYS F 235 18.75 46.55 12.59
N GLU F 236 18.05 45.45 12.86
CA GLU F 236 18.60 44.44 13.73
C GLU F 236 19.78 43.76 13.04
N ILE F 237 19.71 43.64 11.72
CA ILE F 237 20.85 43.11 11.00
C ILE F 237 22.10 44.01 11.15
N GLU F 238 21.97 45.32 10.91
CA GLU F 238 23.09 46.22 11.14
C GLU F 238 23.62 46.09 12.57
N GLU F 239 22.75 46.08 13.57
CA GLU F 239 23.24 46.03 14.94
C GLU F 239 23.86 44.70 15.34
N ARG F 240 23.33 43.59 14.82
CA ARG F 240 23.72 42.29 15.39
C ARG F 240 24.48 41.30 14.50
N ALA F 241 24.35 41.42 13.18
CA ALA F 241 24.96 40.44 12.26
C ALA F 241 26.47 40.63 12.29
N PRO F 242 27.23 39.52 12.13
CA PRO F 242 28.67 39.57 12.22
C PRO F 242 29.25 40.71 11.39
N LEU F 243 28.76 40.92 10.17
CA LEU F 243 29.27 42.01 9.33
C LEU F 243 28.67 43.38 9.68
N LYS F 244 27.68 43.41 10.56
CA LYS F 244 27.15 44.71 11.03
C LYS F 244 26.73 45.57 9.85
N ARG F 245 26.29 44.91 8.79
CA ARG F 245 25.66 45.60 7.69
C ARG F 245 24.66 44.68 7.01
N ASN F 246 23.81 45.28 6.19
CA ASN F 246 22.81 44.58 5.43
C ASN F 246 23.43 44.18 4.09
N VAL F 247 22.80 43.24 3.38
CA VAL F 247 23.33 42.82 2.06
C VAL F 247 22.50 43.49 0.98
N ASP F 248 22.80 43.23 -0.28
CA ASP F 248 22.01 43.77 -1.37
C ASP F 248 21.84 42.75 -2.47
N GLN F 249 21.07 43.13 -3.49
CA GLN F 249 20.60 42.19 -4.51
C GLN F 249 21.77 41.62 -5.29
N VAL F 250 22.80 42.44 -5.46
CA VAL F 250 23.98 42.09 -6.24
C VAL F 250 24.78 41.02 -5.49
N GLU F 251 24.77 41.04 -4.16
CA GLU F 251 25.48 40.05 -3.36
C GLU F 251 24.79 38.70 -3.52
N VAL F 252 23.46 38.71 -3.63
CA VAL F 252 22.70 37.50 -3.90
C VAL F 252 23.05 36.98 -5.27
N GLY F 253 23.05 37.89 -6.25
CA GLY F 253 23.47 37.57 -7.60
C GLY F 253 24.86 36.95 -7.70
N LYS F 254 25.83 37.46 -6.96
CA LYS F 254 27.19 36.87 -6.97
C LYS F 254 27.20 35.43 -6.41
N THR F 255 26.48 35.15 -5.33
CA THR F 255 26.31 33.78 -4.91
C THR F 255 25.50 32.94 -5.92
N ALA F 256 24.55 33.55 -6.61
CA ALA F 256 23.81 32.82 -7.61
C ALA F 256 24.70 32.44 -8.81
N ALA F 257 25.64 33.31 -9.15
CA ALA F 257 26.60 33.03 -10.20
C ALA F 257 27.42 31.81 -9.86
N TYR F 258 27.91 31.74 -8.62
CA TYR F 258 28.56 30.54 -8.11
C TYR F 258 27.67 29.29 -8.22
N LEU F 259 26.47 29.36 -7.67
CA LEU F 259 25.55 28.20 -7.70
C LEU F 259 25.16 27.76 -9.10
N LEU F 260 25.01 28.71 -10.01
CA LEU F 260 24.55 28.41 -11.37
C LEU F 260 25.69 27.94 -12.29
N SER F 261 26.92 27.99 -11.76
CA SER F 261 28.07 27.72 -12.59
C SER F 261 28.76 26.47 -12.10
N ASP F 262 29.79 26.06 -12.83
CA ASP F 262 30.55 24.87 -12.50
C ASP F 262 31.43 25.12 -11.29
N LEU F 263 31.41 26.31 -10.70
CA LEU F 263 32.25 26.50 -9.51
C LEU F 263 31.66 25.70 -8.35
N SER F 264 30.39 25.37 -8.46
CA SER F 264 29.68 24.76 -7.37
C SER F 264 29.34 23.31 -7.67
N SER F 265 30.04 22.72 -8.64
N SER F 265 29.96 22.75 -8.72
CA SER F 265 29.70 21.41 -9.20
CA SER F 265 29.91 21.32 -8.93
C SER F 265 29.50 20.26 -8.19
C SER F 265 30.21 20.61 -7.61
N GLY F 266 30.07 20.40 -6.99
N GLY F 266 29.41 19.59 -7.30
CA GLY F 266 29.99 19.37 -5.95
CA GLY F 266 29.54 18.88 -6.04
C GLY F 266 28.88 19.61 -4.94
C GLY F 266 28.61 19.43 -4.97
N VAL F 267 28.04 20.61 -5.21
CA VAL F 267 27.16 21.27 -4.25
C VAL F 267 25.70 21.14 -4.67
N THR F 268 24.90 20.46 -3.88
CA THR F 268 23.48 20.29 -4.20
C THR F 268 22.71 19.98 -2.92
N GLY F 269 21.47 20.43 -2.90
CA GLY F 269 20.64 20.29 -1.72
C GLY F 269 21.04 21.28 -0.65
N GLU F 270 21.83 22.28 -1.02
CA GLU F 270 22.40 23.20 -0.09
C GLU F 270 21.60 24.52 0.02
N ASN F 271 21.73 25.13 1.22
CA ASN F 271 21.11 26.46 1.46
C ASN F 271 22.19 27.49 1.82
N ILE F 272 22.58 28.37 0.90
CA ILE F 272 23.68 29.29 1.26
C ILE F 272 23.12 30.60 1.78
N HIS F 273 23.51 30.99 3.00
CA HIS F 273 22.96 32.22 3.61
C HIS F 273 23.78 33.43 3.18
N VAL F 274 23.12 34.37 2.52
CA VAL F 274 23.79 35.58 2.06
C VAL F 274 23.19 36.72 2.88
N ASP F 275 23.58 36.75 4.14
CA ASP F 275 22.83 37.48 5.14
C ASP F 275 23.76 38.09 6.19
N SER F 276 25.00 38.39 5.77
CA SER F 276 25.98 39.00 6.65
C SER F 276 26.31 38.15 7.89
N GLY F 277 25.91 36.88 7.86
CA GLY F 277 26.22 35.93 8.95
C GLY F 277 25.18 35.91 10.04
N PHE F 278 24.10 36.65 9.86
CA PHE F 278 23.04 36.71 10.84
C PHE F 278 22.46 35.34 11.20
N HIS F 279 22.46 34.40 10.26
CA HIS F 279 21.98 33.03 10.59
C HIS F 279 22.87 32.34 11.61
N ALA F 280 24.12 32.78 11.74
CA ALA F 280 25.07 32.01 12.55
C ALA F 280 24.96 32.44 14.00
N ILE F 281 24.21 33.49 14.32
CA ILE F 281 24.28 34.05 15.66
C ILE F 281 22.93 33.96 16.36
N LYS F 282 22.92 34.01 17.69
CA LYS F 282 21.68 34.21 18.43
C LYS F 282 21.96 35.24 19.49
N VAL G 28 34.99 35.50 -10.61
CA VAL G 28 36.24 35.04 -9.90
C VAL G 28 37.47 35.08 -10.83
N ASN G 29 38.22 36.20 -10.77
CA ASN G 29 39.65 36.27 -11.06
C ASN G 29 40.49 36.86 -9.91
N LEU G 30 41.59 36.22 -9.53
CA LEU G 30 42.25 36.56 -8.29
C LEU G 30 43.69 37.10 -8.47
N GLU G 31 43.97 37.67 -9.63
CA GLU G 31 45.24 38.40 -9.78
C GLU G 31 45.37 39.46 -8.70
N ASN G 32 46.57 39.60 -8.16
CA ASN G 32 46.82 40.60 -7.12
C ASN G 32 46.28 40.27 -5.73
N LYS G 33 45.75 39.07 -5.55
CA LYS G 33 45.43 38.54 -4.24
C LYS G 33 46.49 37.57 -3.76
N THR G 34 46.60 37.42 -2.45
CA THR G 34 47.57 36.52 -1.84
C THR G 34 46.93 35.68 -0.73
N TYR G 35 47.10 34.36 -0.79
CA TYR G 35 46.39 33.45 0.10
C TYR G 35 47.41 32.51 0.74
N VAL G 36 47.32 32.34 2.04
CA VAL G 36 48.17 31.41 2.71
C VAL G 36 47.43 30.08 2.79
N ILE G 37 48.02 29.01 2.27
CA ILE G 37 47.39 27.69 2.26
C ILE G 37 48.15 26.81 3.24
N MET G 38 47.47 26.34 4.29
CA MET G 38 48.10 25.54 5.34
C MET G 38 47.64 24.08 5.27
N GLY G 39 48.57 23.13 5.28
CA GLY G 39 48.21 21.70 5.31
C GLY G 39 48.26 20.94 3.98
N ILE G 40 49.15 21.34 3.10
CA ILE G 40 49.57 20.40 2.07
C ILE G 40 50.63 19.40 2.59
N ALA G 41 50.36 18.10 2.40
CA ALA G 41 51.36 17.06 2.66
C ALA G 41 51.81 16.39 1.35
N ASN G 42 50.90 16.27 0.39
CA ASN G 42 51.23 15.64 -0.88
C ASN G 42 50.21 15.97 -1.97
N LYS G 43 50.37 15.34 -3.14
CA LYS G 43 49.53 15.67 -4.28
C LYS G 43 48.05 15.39 -4.01
N ARG G 44 47.72 14.46 -3.11
CA ARG G 44 46.32 14.16 -2.79
C ARG G 44 45.71 15.04 -1.67
N SER G 45 46.51 15.94 -1.08
CA SER G 45 45.91 16.78 -0.04
C SER G 45 44.75 17.56 -0.62
N ILE G 46 43.69 17.74 0.17
CA ILE G 46 42.64 18.73 -0.16
C ILE G 46 43.27 20.11 -0.42
N ALA G 47 44.26 20.49 0.40
CA ALA G 47 44.83 21.83 0.26
C ALA G 47 45.50 21.99 -1.11
N PHE G 48 45.99 20.91 -1.70
CA PHE G 48 46.59 21.00 -3.03
C PHE G 48 45.55 21.22 -4.16
N GLY G 49 44.39 20.55 -4.09
CA GLY G 49 43.24 20.94 -4.91
C GLY G 49 42.92 22.43 -4.82
N VAL G 50 42.84 22.95 -3.60
CA VAL G 50 42.65 24.36 -3.39
C VAL G 50 43.74 25.19 -4.06
N ALA G 51 44.99 24.76 -3.88
CA ALA G 51 46.14 25.44 -4.42
C ALA G 51 46.11 25.52 -5.96
N LYS G 52 45.75 24.42 -6.62
CA LYS G 52 45.66 24.40 -8.09
C LYS G 52 44.60 25.36 -8.59
N VAL G 53 43.47 25.43 -7.88
CA VAL G 53 42.39 26.28 -8.37
C VAL G 53 42.77 27.75 -8.25
N LEU G 54 43.28 28.16 -7.08
CA LEU G 54 43.70 29.53 -6.82
C LEU G 54 44.83 29.97 -7.70
N ASP G 55 45.76 29.05 -7.97
CA ASP G 55 46.96 29.39 -8.69
C ASP G 55 46.53 29.62 -10.13
N GLN G 56 45.67 28.73 -10.60
CA GLN G 56 45.04 28.83 -11.91
C GLN G 56 44.21 30.12 -12.13
N LEU G 57 43.82 30.75 -11.02
CA LEU G 57 43.02 31.94 -11.06
C LEU G 57 43.88 33.19 -10.87
N GLY G 58 45.19 33.03 -10.84
CA GLY G 58 46.09 34.17 -10.75
C GLY G 58 46.54 34.57 -9.35
N ALA G 59 46.08 33.86 -8.31
CA ALA G 59 46.50 34.19 -6.96
C ALA G 59 48.00 33.98 -6.70
N LYS G 60 48.56 34.80 -5.81
CA LYS G 60 49.83 34.49 -5.18
C LYS G 60 49.63 33.64 -3.91
N LEU G 61 50.45 32.60 -3.75
CA LEU G 61 50.23 31.61 -2.70
C LEU G 61 51.48 31.41 -1.81
N VAL G 62 51.23 31.27 -0.53
CA VAL G 62 52.22 31.07 0.51
C VAL G 62 51.74 29.78 1.14
N PHE G 63 52.67 28.86 1.41
CA PHE G 63 52.35 27.57 1.99
C PHE G 63 53.04 27.37 3.33
N THR G 64 52.30 26.77 4.26
CA THR G 64 52.88 26.38 5.53
C THR G 64 52.83 24.86 5.70
N TYR G 65 53.81 24.29 6.39
CA TYR G 65 53.86 22.83 6.46
C TYR G 65 54.32 22.48 7.88
N ARG G 66 54.12 21.23 8.31
CA ARG G 66 54.71 20.86 9.60
C ARG G 66 55.99 20.04 9.41
N LYS G 67 55.92 18.92 8.69
CA LYS G 67 57.01 17.95 8.54
C LYS G 67 57.94 18.31 7.38
N GLU G 68 59.24 18.13 7.58
CA GLU G 68 60.10 18.46 6.47
CA GLU G 68 60.25 18.25 6.52
C GLU G 68 59.72 17.66 5.23
N ARG G 69 59.22 16.45 5.39
CA ARG G 69 58.77 15.68 4.25
C ARG G 69 57.67 16.43 3.43
N SER G 70 56.80 17.13 4.14
CA SER G 70 55.79 17.95 3.46
C SER G 70 56.41 19.10 2.67
N ARG G 71 57.48 19.71 3.18
CA ARG G 71 58.15 20.76 2.41
C ARG G 71 58.68 20.18 1.12
N LYS G 72 59.32 19.01 1.22
CA LYS G 72 59.91 18.33 0.07
C LYS G 72 58.83 18.04 -0.99
N GLU G 73 57.65 17.66 -0.53
CA GLU G 73 56.52 17.48 -1.44
C GLU G 73 55.99 18.79 -2.04
N LEU G 74 55.91 19.85 -1.25
CA LEU G 74 55.64 21.19 -1.78
C LEU G 74 56.64 21.64 -2.85
N GLU G 75 57.94 21.40 -2.62
CA GLU G 75 58.96 21.86 -3.54
C GLU G 75 58.71 21.24 -4.92
N LYS G 76 58.38 19.95 -4.95
CA LYS G 76 58.07 19.32 -6.23
C LYS G 76 56.68 19.61 -6.81
N LEU G 77 55.69 19.83 -5.95
CA LEU G 77 54.35 20.20 -6.44
C LEU G 77 54.29 21.63 -6.99
N LEU G 78 55.19 22.50 -6.55
CA LEU G 78 55.27 23.84 -7.13
C LEU G 78 55.70 23.88 -8.61
N GLU G 79 56.49 22.92 -9.06
CA GLU G 79 56.79 22.81 -10.49
C GLU G 79 55.53 22.65 -11.33
N GLN G 80 54.48 22.10 -10.72
CA GLN G 80 53.18 21.88 -11.37
C GLN G 80 52.38 23.17 -11.46
N LEU G 81 52.75 24.17 -10.67
CA LEU G 81 51.94 25.36 -10.48
C LEU G 81 52.51 26.54 -11.28
N ASN G 82 51.86 27.69 -11.22
CA ASN G 82 52.37 28.88 -11.89
C ASN G 82 52.96 29.90 -10.95
N GLN G 83 53.39 29.53 -9.75
CA GLN G 83 53.85 30.56 -8.84
C GLN G 83 55.27 31.00 -9.21
N PRO G 84 55.52 32.32 -9.33
CA PRO G 84 56.88 32.68 -9.70
C PRO G 84 57.89 32.29 -8.62
N GLU G 85 57.49 32.27 -7.35
CA GLU G 85 58.41 31.83 -6.31
C GLU G 85 57.77 31.00 -5.19
N ALA G 86 58.65 30.21 -4.57
CA ALA G 86 58.29 29.31 -3.48
C ALA G 86 58.25 30.16 -2.23
N HIS G 87 57.06 30.35 -1.68
CA HIS G 87 56.99 30.90 -0.34
C HIS G 87 56.60 29.77 0.64
N LEU G 88 57.54 29.15 1.34
CA LEU G 88 57.20 28.05 2.25
C LEU G 88 57.62 28.29 3.70
N TYR G 89 56.78 27.89 4.65
CA TYR G 89 57.03 28.15 6.05
C TYR G 89 56.63 26.96 6.90
N GLN G 90 57.50 26.60 7.82
CA GLN G 90 57.28 25.54 8.78
C GLN G 90 56.46 26.18 9.87
N ILE G 91 55.20 25.76 9.99
CA ILE G 91 54.39 26.19 11.11
C ILE G 91 53.74 24.94 11.67
N ASP G 92 54.20 24.55 12.85
CA ASP G 92 53.48 23.56 13.61
C ASP G 92 52.46 24.29 14.51
N VAL G 93 51.17 24.09 14.25
CA VAL G 93 50.13 24.81 14.98
C VAL G 93 49.93 24.39 16.45
N GLN G 94 50.68 23.39 16.90
CA GLN G 94 50.76 23.16 18.34
C GLN G 94 51.57 24.26 19.07
N SER G 95 52.38 25.00 18.33
CA SER G 95 53.30 26.00 18.93
C SER G 95 52.82 27.44 18.65
N ASP G 96 52.42 28.15 19.70
CA ASP G 96 52.16 29.59 19.64
C ASP G 96 53.29 30.37 18.95
N GLU G 97 54.52 30.16 19.41
CA GLU G 97 55.66 30.85 18.81
CA GLU G 97 55.72 30.76 18.82
C GLU G 97 55.78 30.56 17.30
N GLU G 98 55.51 29.33 16.86
CA GLU G 98 55.65 29.07 15.42
C GLU G 98 54.55 29.73 14.58
N VAL G 99 53.31 29.74 15.08
CA VAL G 99 52.19 30.42 14.40
C VAL G 99 52.45 31.92 14.37
N ILE G 100 52.79 32.47 15.53
CA ILE G 100 53.08 33.91 15.67
C ILE G 100 54.25 34.35 14.77
N ASN G 101 55.40 33.70 14.91
CA ASN G 101 56.57 34.05 14.10
C ASN G 101 56.46 33.64 12.63
N GLY G 102 55.79 32.53 12.36
CA GLY G 102 55.39 32.19 10.99
C GLY G 102 54.64 33.28 10.24
N PHE G 103 53.47 33.69 10.74
CA PHE G 103 52.71 34.75 10.08
C PHE G 103 53.45 36.09 10.03
N GLU G 104 54.12 36.45 11.11
CA GLU G 104 54.84 37.73 11.15
C GLU G 104 55.93 37.74 10.08
N GLN G 105 56.64 36.63 9.95
CA GLN G 105 57.53 36.39 8.80
C GLN G 105 56.85 36.43 7.41
N ILE G 106 55.68 35.81 7.27
CA ILE G 106 54.92 35.84 6.03
C ILE G 106 54.65 37.30 5.65
N GLY G 107 54.30 38.10 6.65
CA GLY G 107 54.00 39.50 6.45
C GLY G 107 55.20 40.31 5.97
N LYS G 108 56.40 39.99 6.45
CA LYS G 108 57.60 40.69 5.98
C LYS G 108 58.02 40.31 4.56
N ASP G 109 57.73 39.07 4.17
CA ASP G 109 58.07 38.54 2.85
C ASP G 109 57.10 38.92 1.74
N VAL G 110 55.79 38.84 2.01
CA VAL G 110 54.79 39.11 0.97
C VAL G 110 53.91 40.33 1.28
N GLY G 111 54.07 40.92 2.46
CA GLY G 111 53.14 41.97 2.92
C GLY G 111 51.77 41.43 3.30
N ASN G 112 50.76 42.27 3.17
CA ASN G 112 49.37 41.92 3.51
C ASN G 112 48.79 40.81 2.64
N ILE G 113 47.96 39.97 3.24
CA ILE G 113 47.33 38.86 2.54
C ILE G 113 45.81 39.06 2.45
N ASP G 114 45.17 38.24 1.62
CA ASP G 114 43.71 38.31 1.45
C ASP G 114 42.94 37.21 2.17
N GLY G 115 43.60 36.16 2.63
CA GLY G 115 42.84 35.11 3.31
C GLY G 115 43.71 33.93 3.63
N VAL G 116 43.14 32.94 4.30
CA VAL G 116 43.90 31.80 4.74
C VAL G 116 43.01 30.60 4.52
N TYR G 117 43.53 29.57 3.87
CA TYR G 117 42.86 28.31 3.76
C TYR G 117 43.40 27.36 4.82
N HIS G 118 42.56 26.87 5.73
CA HIS G 118 43.08 26.03 6.80
C HIS G 118 42.61 24.61 6.49
N SER G 119 43.58 23.70 6.35
CA SER G 119 43.32 22.32 5.95
C SER G 119 44.17 21.41 6.84
N ILE G 120 43.98 21.55 8.16
CA ILE G 120 44.83 20.92 9.13
C ILE G 120 44.01 20.19 10.17
N ALA G 121 44.34 18.93 10.42
CA ALA G 121 43.69 18.17 11.45
C ALA G 121 44.60 17.01 11.84
N PHE G 122 44.37 16.43 13.00
CA PHE G 122 45.18 15.31 13.41
C PHE G 122 44.49 14.61 14.56
N ALA G 123 44.67 13.30 14.63
CA ALA G 123 44.22 12.53 15.82
C ALA G 123 45.04 11.27 15.79
N ASN G 124 45.27 10.63 16.92
CA ASN G 124 46.01 9.38 16.87
C ASN G 124 45.15 8.29 16.23
N MET G 125 45.78 7.32 15.58
N MET G 125 45.83 7.33 15.59
CA MET G 125 45.00 6.31 14.87
CA MET G 125 45.27 6.01 15.32
C MET G 125 44.06 5.54 15.79
C MET G 125 44.80 5.36 16.61
N GLU G 126 44.56 5.14 16.97
N GLU G 126 45.59 5.56 17.66
CA GLU G 126 43.73 4.33 17.89
CA GLU G 126 45.32 5.01 18.99
C GLU G 126 42.35 4.96 18.14
C GLU G 126 43.90 5.26 19.48
N ASP G 127 42.30 6.29 18.03
N ASP G 127 43.40 6.48 19.34
CA ASP G 127 41.12 7.14 18.20
CA ASP G 127 42.00 6.73 19.65
C ASP G 127 40.24 7.33 16.91
C ASP G 127 41.09 6.76 18.41
N LEU G 128 40.38 6.49 15.87
N LEU G 128 41.63 6.90 17.20
CA LEU G 128 39.61 6.61 14.60
CA LEU G 128 40.71 7.00 16.06
C LEU G 128 39.01 5.29 14.07
C LEU G 128 40.05 5.64 15.89
N ARG G 129 38.64 4.45 15.06
N ARG G 129 40.79 4.60 16.27
CA ARG G 129 38.10 3.12 14.86
CA ARG G 129 40.41 3.24 15.96
C ARG G 129 37.72 2.70 16.26
C ARG G 129 39.95 2.48 17.20
N GLY G 130 36.95 1.62 16.38
N GLY G 130 39.66 3.20 18.27
CA GLY G 130 36.45 1.19 17.68
CA GLY G 130 38.99 2.69 19.46
C GLY G 130 35.54 2.16 18.43
C GLY G 130 37.53 3.09 19.56
N ARG G 131 35.69 2.16 19.76
N ARG G 131 36.79 2.49 20.50
CA ARG G 131 34.76 2.74 20.73
CA ARG G 131 35.41 2.86 20.79
C ARG G 131 35.17 4.13 21.21
C ARG G 131 35.39 4.33 21.21
N PHE G 132 34.40 5.11 20.77
CA PHE G 132 34.55 6.52 21.11
C PHE G 132 34.64 6.71 22.62
N SER G 133 33.80 5.98 23.35
CA SER G 133 33.80 6.15 24.82
C SER G 133 35.15 5.79 25.48
N GLU G 134 36.03 5.10 24.74
CA GLU G 134 37.37 4.76 25.28
C GLU G 134 38.45 5.81 25.01
N THR G 135 38.12 6.86 24.27
CA THR G 135 39.08 7.91 23.92
C THR G 135 39.83 8.45 25.16
N SER G 136 41.13 8.70 25.00
CA SER G 136 41.96 9.14 26.11
C SER G 136 41.87 10.66 26.19
N ARG G 137 41.96 11.21 27.39
CA ARG G 137 42.05 12.67 27.52
C ARG G 137 43.10 13.27 26.59
N GLU G 138 44.27 12.65 26.55
CA GLU G 138 45.38 13.31 25.88
C GLU G 138 45.11 13.28 24.37
N GLY G 139 44.54 12.18 23.86
CA GLY G 139 44.10 12.10 22.47
C GLY G 139 42.93 13.00 22.10
N PHE G 140 41.97 13.16 23.00
CA PHE G 140 40.88 14.10 22.75
C PHE G 140 41.43 15.53 22.67
N LEU G 141 42.32 15.89 23.61
CA LEU G 141 42.84 17.26 23.66
C LEU G 141 43.80 17.54 22.51
N LEU G 142 44.63 16.54 22.15
CA LEU G 142 45.41 16.56 20.90
C LEU G 142 44.60 16.99 19.69
N ALA G 143 43.51 16.25 19.46
CA ALA G 143 42.66 16.48 18.32
C ALA G 143 42.05 17.89 18.32
N GLN G 144 41.62 18.37 19.49
CA GLN G 144 41.04 19.73 19.62
C GLN G 144 42.10 20.81 19.38
N ASP G 145 43.28 20.58 19.95
CA ASP G 145 44.38 21.47 19.85
C ASP G 145 44.74 21.73 18.37
N ILE G 146 45.03 20.68 17.60
CA ILE G 146 45.50 20.78 16.24
C ILE G 146 44.37 21.08 15.28
N SER G 147 43.19 20.50 15.51
CA SER G 147 42.12 20.53 14.54
C SER G 147 41.13 21.67 14.73
N SER G 148 41.12 22.33 15.89
CA SER G 148 40.14 23.39 16.17
C SER G 148 40.82 24.66 16.73
N TYR G 149 41.49 24.53 17.87
CA TYR G 149 42.20 25.68 18.45
C TYR G 149 43.07 26.34 17.40
N SER G 150 43.84 25.53 16.68
CA SER G 150 44.75 26.10 15.69
C SER G 150 44.08 27.15 14.78
N LEU G 151 42.82 26.95 14.41
CA LEU G 151 42.10 28.00 13.66
C LEU G 151 42.01 29.35 14.39
N THR G 152 41.67 29.31 15.67
CA THR G 152 41.58 30.52 16.50
C THR G 152 42.87 31.33 16.54
N ILE G 153 43.98 30.66 16.86
CA ILE G 153 45.26 31.35 16.88
C ILE G 153 45.74 31.80 15.49
N VAL G 154 45.43 31.02 14.46
CA VAL G 154 45.84 31.37 13.10
C VAL G 154 45.11 32.62 12.64
N ALA G 155 43.83 32.70 12.96
CA ALA G 155 43.02 33.88 12.70
C ALA G 155 43.48 35.12 13.47
N HIS G 156 43.83 34.94 14.74
CA HIS G 156 44.32 36.06 15.54
C HIS G 156 45.55 36.63 14.87
N GLU G 157 46.44 35.76 14.39
CA GLU G 157 47.72 36.20 13.84
C GLU G 157 47.57 36.66 12.40
N ALA G 158 46.81 35.91 11.61
CA ALA G 158 46.53 36.24 10.22
C ALA G 158 45.84 37.60 10.09
N LYS G 159 45.01 37.93 11.06
CA LYS G 159 44.26 39.19 11.01
C LYS G 159 45.18 40.43 10.98
N LYS G 160 46.34 40.34 11.63
CA LYS G 160 47.36 41.39 11.60
C LYS G 160 47.79 41.71 10.17
N LEU G 161 47.52 40.80 9.23
CA LEU G 161 47.94 40.96 7.84
C LEU G 161 46.77 41.28 6.92
N MET G 162 45.62 41.57 7.51
CA MET G 162 44.43 41.79 6.71
C MET G 162 43.74 43.02 7.27
N PRO G 163 44.45 44.18 7.26
CA PRO G 163 43.89 45.39 7.86
C PRO G 163 42.68 45.93 7.11
N GLU G 164 42.52 45.51 5.85
CA GLU G 164 41.44 45.90 4.97
C GLU G 164 40.32 44.85 4.96
N GLY G 165 40.47 43.80 5.78
CA GLY G 165 39.54 42.66 5.71
C GLY G 165 40.08 41.54 4.82
N GLY G 166 39.45 40.36 4.91
CA GLY G 166 39.75 39.23 4.07
C GLY G 166 38.88 38.02 4.36
N SER G 167 39.43 36.84 4.15
CA SER G 167 38.61 35.62 4.20
C SER G 167 39.37 34.42 4.74
N ILE G 168 38.84 33.77 5.77
CA ILE G 168 39.43 32.55 6.31
C ILE G 168 38.47 31.37 6.07
N VAL G 169 38.97 30.26 5.52
CA VAL G 169 38.14 29.09 5.23
C VAL G 169 38.82 27.89 5.90
N ALA G 170 38.06 27.01 6.53
CA ALA G 170 38.59 25.83 7.20
C ALA G 170 37.83 24.63 6.63
N THR G 171 38.41 23.45 6.85
CA THR G 171 37.89 22.26 6.20
C THR G 171 37.30 21.36 7.26
N THR G 172 36.04 20.98 7.06
CA THR G 172 35.41 20.12 8.03
C THR G 172 34.72 18.99 7.28
N TYR G 173 34.04 18.17 8.07
CA TYR G 173 33.43 16.94 7.61
C TYR G 173 32.11 16.80 8.32
N LEU G 174 31.13 16.20 7.64
CA LEU G 174 29.80 15.94 8.14
C LEU G 174 29.83 15.31 9.53
N GLY G 175 30.89 14.55 9.83
CA GLY G 175 31.04 13.90 11.15
C GLY G 175 30.99 14.89 12.30
N GLY G 176 31.16 16.17 11.95
CA GLY G 176 31.01 17.29 12.87
C GLY G 176 29.55 17.58 13.21
N GLU G 177 28.64 17.13 12.37
CA GLU G 177 27.23 17.44 12.59
C GLU G 177 26.44 16.23 13.00
N PHE G 178 26.93 15.02 12.69
CA PHE G 178 26.21 13.78 12.99
C PHE G 178 27.25 12.79 13.47
N ALA G 179 26.86 11.78 14.24
CA ALA G 179 27.82 10.77 14.66
C ALA G 179 28.05 9.82 13.51
N VAL G 180 29.23 9.88 12.91
CA VAL G 180 29.56 8.96 11.79
C VAL G 180 30.42 7.85 12.37
N GLN G 181 30.13 6.59 12.04
CA GLN G 181 30.85 5.45 12.58
C GLN G 181 32.36 5.58 12.37
N ASN G 182 33.16 5.30 13.40
CA ASN G 182 34.63 5.35 13.39
C ASN G 182 35.28 6.72 13.40
N TYR G 183 34.58 7.79 13.02
CA TYR G 183 35.19 9.09 12.98
C TYR G 183 35.46 9.62 14.40
N ASN G 184 34.66 9.22 15.38
CA ASN G 184 35.00 9.36 16.80
C ASN G 184 35.63 10.68 17.21
N VAL G 185 36.84 10.63 17.77
CA VAL G 185 37.38 11.81 18.41
C VAL G 185 37.41 12.95 17.39
N MET G 186 37.62 12.65 16.10
CA MET G 186 37.64 13.71 15.15
C MET G 186 36.26 14.40 14.91
N GLY G 187 35.15 13.67 14.99
CA GLY G 187 33.86 14.34 14.84
C GLY G 187 33.62 15.37 15.95
N VAL G 188 34.08 15.07 17.16
CA VAL G 188 33.96 16.08 18.23
C VAL G 188 34.92 17.23 17.91
N ALA G 189 36.10 16.94 17.39
CA ALA G 189 37.01 18.04 17.06
C ALA G 189 36.40 18.90 15.95
N LYS G 190 35.67 18.29 15.01
CA LYS G 190 35.06 19.07 13.91
C LYS G 190 33.87 19.92 14.37
N ALA G 191 33.11 19.38 15.32
CA ALA G 191 31.99 20.09 15.92
C ALA G 191 32.57 21.39 16.51
N SER G 192 33.64 21.20 17.29
CA SER G 192 34.43 22.29 17.89
C SER G 192 34.88 23.30 16.84
N LEU G 193 35.44 22.80 15.74
CA LEU G 193 35.84 23.63 14.59
C LEU G 193 34.69 24.45 13.99
N GLU G 194 33.59 23.78 13.69
CA GLU G 194 32.47 24.45 13.05
C GLU G 194 31.96 25.57 13.97
N ALA G 195 31.93 25.35 15.30
CA ALA G 195 31.57 26.41 16.26
C ALA G 195 32.64 27.51 16.31
N ASN G 196 33.91 27.11 16.26
CA ASN G 196 35.04 28.06 16.20
C ASN G 196 34.85 29.01 15.00
N VAL G 197 34.45 28.45 13.85
CA VAL G 197 34.19 29.25 12.67
C VAL G 197 33.07 30.30 12.94
N LYS G 198 32.00 29.88 13.61
CA LYS G 198 30.91 30.84 13.88
C LYS G 198 31.37 31.93 14.87
N TYR G 199 32.14 31.56 15.90
CA TYR G 199 32.56 32.53 16.91
C TYR G 199 33.59 33.50 16.35
N LEU G 200 34.42 32.98 15.43
CA LEU G 200 35.39 33.82 14.70
C LEU G 200 34.69 34.77 13.75
N ALA G 201 33.63 34.31 13.08
CA ALA G 201 32.91 35.14 12.12
C ALA G 201 32.29 36.34 12.85
N LEU G 202 31.68 36.08 14.00
CA LEU G 202 31.08 37.13 14.82
C LEU G 202 32.17 38.10 15.33
N ASP G 203 33.25 37.56 15.84
CA ASP G 203 34.32 38.38 16.44
C ASP G 203 34.95 39.25 15.37
N LEU G 204 35.12 38.69 14.16
CA LEU G 204 36.00 39.31 13.17
C LEU G 204 35.23 40.03 12.07
N GLY G 205 33.94 39.73 11.89
CA GLY G 205 32.99 40.53 11.08
C GLY G 205 33.19 42.05 11.03
N PRO G 206 33.26 42.72 12.19
CA PRO G 206 33.44 44.18 12.19
C PRO G 206 34.73 44.61 11.51
N ASP G 207 35.70 43.70 11.42
CA ASP G 207 36.97 44.04 10.75
C ASP G 207 36.88 43.64 9.28
N ASN G 208 35.67 43.30 8.87
CA ASN G 208 35.50 42.79 7.52
C ASN G 208 36.32 41.52 7.24
N ILE G 209 36.50 40.67 8.24
CA ILE G 209 37.12 39.38 7.92
C ILE G 209 36.01 38.34 7.94
N ARG G 210 35.82 37.67 6.81
CA ARG G 210 34.81 36.59 6.75
C ARG G 210 35.46 35.26 7.15
N VAL G 211 34.67 34.39 7.79
CA VAL G 211 35.19 33.09 8.24
C VAL G 211 34.11 32.04 7.93
N ASN G 212 34.47 30.98 7.21
CA ASN G 212 33.50 30.00 6.71
C ASN G 212 34.17 28.66 6.67
N ALA G 213 33.38 27.62 6.47
CA ALA G 213 33.88 26.25 6.44
C ALA G 213 33.39 25.64 5.14
N ILE G 214 34.20 24.74 4.59
CA ILE G 214 33.76 23.77 3.61
C ILE G 214 33.66 22.38 4.25
N SER G 215 32.54 21.71 4.04
CA SER G 215 32.32 20.33 4.47
C SER G 215 32.54 19.43 3.27
N ALA G 216 33.73 18.88 3.16
CA ALA G 216 34.01 18.10 1.97
C ALA G 216 33.52 16.68 2.17
N GLY G 217 33.11 16.06 1.08
CA GLY G 217 32.80 14.65 1.10
C GLY G 217 34.09 13.85 1.26
N PRO G 218 33.98 12.54 1.43
CA PRO G 218 35.21 11.73 1.61
C PRO G 218 36.14 11.75 0.38
N ILE G 219 37.45 11.85 0.58
CA ILE G 219 38.38 11.91 -0.53
C ILE G 219 39.62 11.13 -0.10
N ARG G 220 40.16 10.30 -1.00
CA ARG G 220 41.34 9.51 -0.65
C ARG G 220 42.54 10.40 -0.46
N THR G 221 42.92 10.61 0.80
CA THR G 221 44.13 11.33 1.11
C THR G 221 44.96 10.56 2.16
N LEU G 222 46.13 11.08 2.53
CA LEU G 222 46.97 10.41 3.50
C LEU G 222 46.24 10.33 4.85
N SER G 223 45.61 11.42 5.27
CA SER G 223 44.88 11.39 6.53
C SER G 223 43.71 10.40 6.53
N ALA G 224 43.03 10.23 5.40
CA ALA G 224 41.90 9.31 5.35
C ALA G 224 42.31 7.88 5.63
N LYS G 225 43.59 7.59 5.39
CA LYS G 225 44.10 6.24 5.61
C LYS G 225 43.95 5.89 7.09
N GLY G 226 43.76 6.89 7.93
CA GLY G 226 43.66 6.58 9.35
C GLY G 226 42.27 6.23 9.86
N VAL G 227 41.27 6.55 9.05
CA VAL G 227 39.88 6.39 9.44
C VAL G 227 39.35 5.00 9.08
N GLY G 228 38.95 4.22 10.06
CA GLY G 228 38.50 2.87 9.74
C GLY G 228 37.30 2.97 8.84
N GLY G 229 37.09 1.95 8.00
CA GLY G 229 35.82 1.81 7.26
C GLY G 229 35.75 2.85 6.14
N PHE G 230 36.84 3.58 5.93
CA PHE G 230 36.87 4.62 4.88
C PHE G 230 36.34 4.20 3.51
N ASN G 231 36.71 3.03 2.99
CA ASN G 231 36.22 2.61 1.68
C ASN G 231 34.74 2.38 1.65
N THR G 232 34.18 1.83 2.73
CA THR G 232 32.74 1.67 2.73
C THR G 232 32.04 3.04 2.76
N ILE G 233 32.64 4.05 3.40
CA ILE G 233 32.13 5.43 3.31
C ILE G 233 32.05 5.95 1.87
N LEU G 234 33.13 5.83 1.12
CA LEU G 234 33.16 6.27 -0.28
C LEU G 234 32.05 5.62 -1.11
N LYS G 235 31.81 4.35 -0.87
CA LYS G 235 30.87 3.60 -1.67
C LYS G 235 29.43 4.06 -1.40
N GLU G 236 29.16 4.36 -0.12
CA GLU G 236 27.82 4.73 0.27
C GLU G 236 27.48 6.05 -0.45
N ILE G 237 28.46 6.94 -0.56
CA ILE G 237 28.27 8.15 -1.33
C ILE G 237 27.81 7.89 -2.75
N GLU G 238 28.46 6.99 -3.48
CA GLU G 238 28.13 6.71 -4.87
C GLU G 238 26.73 6.17 -4.96
N GLU G 239 26.42 5.27 -4.03
CA GLU G 239 25.10 4.66 -3.98
C GLU G 239 23.95 5.57 -3.56
N ARG G 240 24.21 6.58 -2.71
CA ARG G 240 23.14 7.26 -2.00
C ARG G 240 23.14 8.78 -2.17
N ALA G 241 24.28 9.40 -2.42
CA ALA G 241 24.29 10.83 -2.52
C ALA G 241 23.46 11.17 -3.75
N PRO G 242 22.75 12.32 -3.75
CA PRO G 242 22.08 12.88 -4.88
C PRO G 242 22.85 12.79 -6.21
N LEU G 243 24.10 13.24 -6.31
CA LEU G 243 24.82 13.14 -7.59
C LEU G 243 25.35 11.74 -7.88
N LYS G 244 25.27 10.81 -6.94
CA LYS G 244 25.67 9.43 -7.21
C LYS G 244 27.12 9.28 -7.66
N ARG G 245 28.02 10.11 -7.14
CA ARG G 245 29.44 10.04 -7.40
C ARG G 245 30.11 10.75 -6.23
N ASN G 246 31.40 10.46 -6.06
CA ASN G 246 32.24 11.15 -5.10
C ASN G 246 32.78 12.49 -5.62
N VAL G 247 33.23 13.34 -4.71
CA VAL G 247 33.74 14.65 -5.10
C VAL G 247 35.26 14.50 -5.10
N ASP G 248 35.98 15.45 -5.70
CA ASP G 248 37.43 15.49 -5.59
C ASP G 248 37.96 16.81 -5.07
N GLN G 249 39.26 16.82 -4.79
CA GLN G 249 39.94 17.97 -4.19
C GLN G 249 39.71 19.26 -4.99
N VAL G 250 39.70 19.15 -6.31
CA VAL G 250 39.55 20.32 -7.17
C VAL G 250 38.14 20.90 -6.98
N GLU G 251 37.14 20.04 -6.76
CA GLU G 251 35.81 20.53 -6.44
C GLU G 251 35.78 21.29 -5.10
N VAL G 252 36.55 20.85 -4.09
CA VAL G 252 36.67 21.61 -2.85
C VAL G 252 37.36 22.95 -3.16
N GLY G 253 38.38 22.93 -4.02
CA GLY G 253 39.12 24.16 -4.34
C GLY G 253 38.26 25.23 -5.04
N LYS G 254 37.43 24.79 -5.98
CA LYS G 254 36.45 25.69 -6.64
C LYS G 254 35.53 26.39 -5.63
N THR G 255 35.09 25.69 -4.58
CA THR G 255 34.23 26.34 -3.63
C THR G 255 35.04 27.26 -2.75
N ALA G 256 36.29 26.89 -2.52
CA ALA G 256 37.23 27.69 -1.75
C ALA G 256 37.52 29.00 -2.47
N ALA G 257 37.71 28.92 -3.79
CA ALA G 257 37.83 30.12 -4.60
C ALA G 257 36.65 31.08 -4.39
N TYR G 258 35.43 30.54 -4.37
CA TYR G 258 34.25 31.33 -4.14
C TYR G 258 34.33 31.91 -2.71
N LEU G 259 34.57 31.08 -1.69
CA LEU G 259 34.60 31.62 -0.32
C LEU G 259 35.74 32.62 -0.10
N LEU G 260 36.83 32.51 -0.86
CA LEU G 260 38.01 33.36 -0.62
C LEU G 260 37.91 34.63 -1.47
N SER G 261 37.00 34.67 -2.42
CA SER G 261 36.88 35.81 -3.30
C SER G 261 35.71 36.75 -2.95
N ASP G 262 35.66 37.87 -3.65
CA ASP G 262 34.54 38.79 -3.48
C ASP G 262 33.20 38.16 -3.90
N LEU G 263 33.21 36.99 -4.54
CA LEU G 263 31.93 36.42 -4.95
C LEU G 263 31.05 36.10 -3.75
N SER G 264 31.67 35.94 -2.60
CA SER G 264 30.92 35.46 -1.44
C SER G 264 30.89 36.55 -0.39
N SER G 265 31.03 37.81 -0.80
N SER G 265 30.91 37.82 -0.82
CA SER G 265 30.70 38.93 0.09
CA SER G 265 31.05 38.95 0.11
C SER G 265 29.25 38.77 0.54
C SER G 265 30.02 39.04 1.24
N GLY G 266 28.97 39.06 1.81
N GLY G 266 28.82 38.48 1.05
CA GLY G 266 27.69 38.70 2.38
CA GLY G 266 27.76 38.59 2.03
C GLY G 266 27.66 37.38 3.12
C GLY G 266 27.61 37.37 2.91
N VAL G 267 28.61 36.49 2.84
CA VAL G 267 28.56 35.14 3.39
C VAL G 267 29.59 34.94 4.48
N THR G 268 29.18 34.74 5.72
CA THR G 268 30.16 34.46 6.76
C THR G 268 29.51 33.59 7.83
N GLY G 269 30.29 32.81 8.56
CA GLY G 269 29.70 31.89 9.55
C GLY G 269 29.00 30.70 8.91
N GLU G 270 29.25 30.47 7.62
CA GLU G 270 28.54 29.48 6.85
C GLU G 270 29.37 28.20 6.70
N ASN G 271 28.69 27.06 6.49
CA ASN G 271 29.32 25.78 6.22
C ASN G 271 28.78 25.28 4.87
N ILE G 272 29.57 25.36 3.80
CA ILE G 272 29.12 24.81 2.52
C ILE G 272 29.57 23.38 2.31
N HIS G 273 28.60 22.48 2.15
CA HIS G 273 28.86 21.07 1.89
C HIS G 273 29.19 20.82 0.43
N VAL G 274 30.40 20.32 0.19
CA VAL G 274 30.85 19.94 -1.15
C VAL G 274 30.98 18.42 -1.17
N ASP G 275 29.87 17.74 -1.40
CA ASP G 275 29.74 16.36 -0.98
C ASP G 275 28.64 15.67 -1.75
N SER G 276 28.34 16.15 -2.96
CA SER G 276 27.40 15.44 -3.78
C SER G 276 25.98 15.41 -3.29
N GLY G 277 25.66 16.34 -2.38
CA GLY G 277 24.35 16.36 -1.73
C GLY G 277 24.14 15.49 -0.51
N PHE G 278 25.16 14.74 -0.08
CA PHE G 278 24.95 13.67 0.89
C PHE G 278 24.39 14.24 2.19
N HIS G 279 24.80 15.45 2.54
CA HIS G 279 24.35 16.02 3.80
C HIS G 279 22.83 16.23 3.77
N ALA G 280 22.23 16.32 2.58
CA ALA G 280 20.82 16.74 2.50
C ALA G 280 19.88 15.54 2.55
N ILE G 281 20.40 14.33 2.58
CA ILE G 281 19.56 13.11 2.54
C ILE G 281 19.75 12.30 3.83
N LYS G 282 18.74 11.49 4.14
CA LYS G 282 18.84 10.53 5.20
C LYS G 282 18.26 9.21 4.68
N ASN H 29 7.76 7.96 37.98
CA ASN H 29 8.12 7.39 39.32
C ASN H 29 9.46 6.66 39.34
N LEU H 30 10.39 7.17 40.14
CA LEU H 30 11.78 6.73 40.07
C LEU H 30 12.19 6.02 41.35
N GLU H 31 11.27 5.34 42.01
CA GLU H 31 11.66 4.54 43.16
C GLU H 31 12.50 3.34 42.70
N ASN H 32 13.51 2.98 43.48
CA ASN H 32 14.42 1.96 42.99
C ASN H 32 15.17 2.34 41.71
N LYS H 33 15.25 3.64 41.41
CA LYS H 33 16.27 4.14 40.50
C LYS H 33 17.33 4.85 41.32
N THR H 34 18.57 4.81 40.85
CA THR H 34 19.68 5.54 41.44
C THR H 34 20.35 6.39 40.39
N TYR H 35 20.48 7.67 40.66
CA TYR H 35 21.17 8.57 39.75
C TYR H 35 22.30 9.29 40.47
N VAL H 36 23.39 9.53 39.76
CA VAL H 36 24.55 10.26 40.26
C VAL H 36 24.47 11.64 39.60
N ILE H 37 24.47 12.68 40.43
CA ILE H 37 24.35 14.04 39.95
C ILE H 37 25.69 14.73 40.18
N MET H 38 26.21 15.27 39.08
CA MET H 38 27.53 15.88 39.16
C MET H 38 27.42 17.40 39.03
N GLY H 39 27.97 18.17 40.00
CA GLY H 39 28.11 19.59 39.75
C GLY H 39 27.15 20.52 40.46
N ILE H 40 26.68 20.12 41.65
CA ILE H 40 26.13 21.05 42.63
C ILE H 40 27.20 21.92 43.33
N ALA H 41 27.12 23.24 43.13
CA ALA H 41 27.89 24.23 43.90
C ALA H 41 27.15 24.85 45.09
N ASN H 42 25.88 25.17 44.91
CA ASN H 42 25.08 25.86 45.95
C ASN H 42 23.59 25.67 45.61
N LYS H 43 22.69 26.39 46.31
CA LYS H 43 21.25 26.23 46.09
C LYS H 43 20.77 26.60 44.68
N ARG H 44 21.59 27.34 43.93
CA ARG H 44 21.22 27.86 42.62
C ARG H 44 21.65 26.99 41.43
N SER H 45 22.48 26.01 41.70
CA SER H 45 23.01 25.18 40.65
C SER H 45 21.89 24.48 39.89
N ILE H 46 22.02 24.44 38.58
CA ILE H 46 21.01 23.73 37.80
C ILE H 46 20.85 22.31 38.34
N ALA H 47 21.96 21.74 38.84
CA ALA H 47 21.96 20.34 39.21
C ALA H 47 21.14 20.12 40.49
N PHE H 48 21.04 21.16 41.32
CA PHE H 48 20.19 21.06 42.51
C PHE H 48 18.70 21.09 42.17
N GLY H 49 18.36 21.75 41.07
CA GLY H 49 17.05 21.66 40.42
C GLY H 49 16.70 20.27 39.92
N VAL H 50 17.65 19.63 39.24
CA VAL H 50 17.55 18.23 38.95
C VAL H 50 17.37 17.40 40.26
N ALA H 51 18.24 17.62 41.26
CA ALA H 51 18.17 16.84 42.51
C ALA H 51 16.77 16.88 43.16
N LYS H 52 16.24 18.06 43.38
CA LYS H 52 14.90 18.23 43.94
C LYS H 52 13.89 17.48 43.11
N VAL H 53 13.94 17.61 41.79
CA VAL H 53 12.91 16.91 41.01
C VAL H 53 13.00 15.38 41.15
N LEU H 54 14.20 14.82 41.03
CA LEU H 54 14.38 13.37 41.05
C LEU H 54 14.08 12.87 42.47
N ASP H 55 14.37 13.72 43.44
CA ASP H 55 14.17 13.34 44.85
C ASP H 55 12.67 13.22 45.11
N GLN H 56 11.94 14.27 44.79
CA GLN H 56 10.50 14.22 44.84
C GLN H 56 9.94 12.95 44.19
N LEU H 57 10.50 12.51 43.07
CA LEU H 57 10.00 11.31 42.40
C LEU H 57 10.48 9.98 43.01
N GLY H 58 11.20 10.02 44.14
CA GLY H 58 11.56 8.80 44.86
C GLY H 58 12.83 8.09 44.38
N ALA H 59 13.69 8.81 43.65
CA ALA H 59 15.04 8.35 43.29
C ALA H 59 16.00 8.31 44.49
N LYS H 60 16.94 7.37 44.47
CA LYS H 60 18.10 7.48 45.36
C LYS H 60 19.18 8.28 44.60
N LEU H 61 19.77 9.30 45.24
CA LEU H 61 20.74 10.13 44.53
C LEU H 61 22.12 10.08 45.19
N VAL H 62 23.16 10.08 44.36
CA VAL H 62 24.53 10.23 44.83
C VAL H 62 25.04 11.53 44.23
N PHE H 63 25.91 12.22 44.96
CA PHE H 63 26.35 13.55 44.50
C PHE H 63 27.84 13.60 44.24
N THR H 64 28.29 14.39 43.27
CA THR H 64 29.74 14.64 43.22
C THR H 64 30.11 16.13 43.20
N TYR H 65 31.21 16.45 43.88
CA TYR H 65 31.69 17.84 43.95
C TYR H 65 33.18 17.90 43.63
N ARG H 66 33.65 19.09 43.25
CA ARG H 66 35.08 19.32 43.08
C ARG H 66 35.77 19.67 44.40
N LYS H 67 35.46 20.82 44.97
CA LYS H 67 36.31 21.41 45.98
C LYS H 67 35.67 21.22 47.39
N GLU H 68 36.38 21.52 48.48
CA GLU H 68 35.78 21.26 49.80
C GLU H 68 34.58 22.16 50.11
N ARG H 69 34.62 23.41 49.60
CA ARG H 69 33.59 24.43 49.82
C ARG H 69 32.27 23.95 49.23
N SER H 70 32.34 23.24 48.12
CA SER H 70 31.12 22.65 47.60
C SER H 70 30.62 21.49 48.48
N ARG H 71 31.53 20.84 49.21
CA ARG H 71 31.13 19.72 50.08
C ARG H 71 30.23 20.22 51.17
N LYS H 72 30.77 21.12 51.97
CA LYS H 72 30.10 21.82 53.08
C LYS H 72 28.67 22.22 52.75
N GLU H 73 28.58 23.14 51.80
CA GLU H 73 27.41 23.37 50.95
C GLU H 73 26.44 22.22 50.71
N LEU H 74 26.96 21.13 50.16
CA LEU H 74 26.16 19.96 49.84
C LEU H 74 25.57 19.34 51.10
N GLU H 75 26.44 19.06 52.08
CA GLU H 75 26.03 18.53 53.37
C GLU H 75 24.79 19.32 53.84
N LYS H 76 24.87 20.65 53.78
CA LYS H 76 23.75 21.52 54.19
C LYS H 76 22.51 21.40 53.32
N LEU H 77 22.69 21.54 52.01
CA LEU H 77 21.60 21.46 51.05
C LEU H 77 20.72 20.21 51.20
N LEU H 78 21.31 19.03 51.35
CA LEU H 78 20.52 17.78 51.39
C LEU H 78 19.60 17.55 52.59
N GLU H 79 19.50 18.49 53.52
CA GLU H 79 18.42 18.36 54.50
C GLU H 79 17.12 18.78 53.86
N GLN H 80 17.23 19.50 52.76
CA GLN H 80 16.06 19.91 51.99
C GLN H 80 15.44 18.77 51.19
N LEU H 81 16.23 17.72 50.91
CA LEU H 81 15.81 16.58 50.08
C LEU H 81 15.39 15.49 51.03
N ASN H 82 14.84 14.39 50.54
CA ASN H 82 14.50 13.34 51.50
C ASN H 82 15.42 12.19 51.27
N GLN H 83 16.66 12.48 50.88
CA GLN H 83 17.65 11.43 50.89
C GLN H 83 17.92 11.08 52.34
N PRO H 84 17.78 9.79 52.73
CA PRO H 84 18.19 9.38 54.08
C PRO H 84 19.69 9.11 54.13
N GLU H 85 20.37 9.11 52.98
CA GLU H 85 21.81 8.89 53.00
C GLU H 85 22.54 9.98 52.25
N ALA H 86 23.49 10.60 52.94
CA ALA H 86 24.42 11.53 52.31
C ALA H 86 25.49 10.77 51.50
N HIS H 87 25.20 10.49 50.24
CA HIS H 87 26.17 9.74 49.44
C HIS H 87 26.92 10.81 48.66
N LEU H 88 28.07 11.23 49.19
CA LEU H 88 28.86 12.30 48.58
C LEU H 88 30.29 11.88 48.22
N TYR H 89 30.75 12.20 47.01
CA TYR H 89 32.05 11.76 46.52
C TYR H 89 32.78 12.93 45.87
N GLN H 90 34.03 13.11 46.26
CA GLN H 90 34.86 14.09 45.58
C GLN H 90 35.36 13.60 44.23
N ILE H 91 35.13 14.39 43.18
CA ILE H 91 35.59 14.07 41.85
C ILE H 91 35.83 15.38 41.09
N ASP H 92 37.10 15.70 40.88
CA ASP H 92 37.53 16.71 39.93
C ASP H 92 37.71 15.98 38.59
N VAL H 93 36.90 16.35 37.60
CA VAL H 93 36.87 15.62 36.32
C VAL H 93 38.11 15.88 35.47
N GLN H 94 39.00 16.73 35.96
CA GLN H 94 40.29 16.90 35.32
C GLN H 94 41.22 15.73 35.60
N SER H 95 40.82 14.87 36.53
CA SER H 95 41.69 13.76 36.88
C SER H 95 41.04 12.41 36.56
N ASP H 96 41.66 11.65 35.66
CA ASP H 96 41.22 10.28 35.40
C ASP H 96 41.08 9.49 36.70
N GLU H 97 42.08 9.54 37.60
CA GLU H 97 42.05 8.67 38.77
C GLU H 97 40.81 8.98 39.61
N GLU H 98 40.53 10.27 39.78
CA GLU H 98 39.39 10.64 40.58
C GLU H 98 38.07 10.16 39.95
N VAL H 99 37.93 10.25 38.62
CA VAL H 99 36.71 9.75 37.99
C VAL H 99 36.65 8.24 38.12
N ILE H 100 37.78 7.56 37.88
CA ILE H 100 37.84 6.11 37.92
C ILE H 100 37.51 5.59 39.33
N ASN H 101 38.24 6.08 40.32
CA ASN H 101 38.06 5.66 41.73
C ASN H 101 36.75 6.11 42.31
N GLY H 102 36.34 7.32 41.92
CA GLY H 102 35.06 7.91 42.30
C GLY H 102 33.87 7.03 41.93
N PHE H 103 33.76 6.68 40.65
CA PHE H 103 32.71 5.78 40.22
C PHE H 103 32.86 4.36 40.75
N GLU H 104 34.11 3.95 40.96
CA GLU H 104 34.34 2.65 41.56
C GLU H 104 33.79 2.57 42.99
N GLN H 105 34.02 3.62 43.78
CA GLN H 105 33.48 3.66 45.15
C GLN H 105 31.95 3.75 45.13
N ILE H 106 31.40 4.55 44.23
CA ILE H 106 29.95 4.64 44.08
C ILE H 106 29.34 3.25 43.88
N GLY H 107 29.99 2.42 43.08
CA GLY H 107 29.56 1.05 42.87
C GLY H 107 29.68 0.20 44.11
N LYS H 108 30.80 0.26 44.81
CA LYS H 108 30.93 -0.49 46.05
C LYS H 108 29.91 0.00 47.07
N ASP H 109 29.61 1.31 47.07
CA ASP H 109 28.71 1.85 48.10
C ASP H 109 27.22 1.74 47.78
N VAL H 110 26.81 1.85 46.52
CA VAL H 110 25.39 1.74 46.26
C VAL H 110 24.97 0.69 45.22
N GLY H 111 25.90 0.01 44.55
CA GLY H 111 25.49 -0.95 43.54
C GLY H 111 25.34 -0.25 42.20
N ASN H 112 24.65 -0.89 41.25
CA ASN H 112 24.42 -0.37 39.91
C ASN H 112 23.51 0.85 39.92
N ILE H 113 23.77 1.76 39.00
CA ILE H 113 23.06 3.03 38.92
C ILE H 113 22.21 3.03 37.63
N ASP H 114 21.24 3.94 37.55
CA ASP H 114 20.35 4.00 36.43
C ASP H 114 20.65 5.15 35.50
N GLY H 115 21.47 6.09 35.93
CA GLY H 115 21.89 7.15 34.99
C GLY H 115 22.77 8.13 35.71
N VAL H 116 23.19 9.13 34.97
CA VAL H 116 24.08 10.19 35.45
C VAL H 116 23.60 11.49 34.87
N TYR H 117 23.46 12.50 35.72
CA TYR H 117 23.20 13.85 35.22
C TYR H 117 24.53 14.62 35.32
N HIS H 118 24.99 15.16 34.19
CA HIS H 118 26.26 15.82 34.17
C HIS H 118 26.06 17.33 34.12
N SER H 119 26.50 18.05 35.16
CA SER H 119 26.22 19.47 35.20
C SER H 119 27.50 20.26 35.45
N ILE H 120 28.52 19.99 34.64
CA ILE H 120 29.88 20.46 34.97
C ILE H 120 30.42 21.25 33.77
N ALA H 121 31.04 22.42 34.01
CA ALA H 121 31.68 23.21 32.97
C ALA H 121 32.58 24.24 33.63
N PHE H 122 33.62 24.70 32.93
CA PHE H 122 34.51 25.74 33.46
C PHE H 122 35.17 26.46 32.31
N ALA H 123 35.42 27.76 32.48
CA ALA H 123 36.40 28.46 31.63
C ALA H 123 36.96 29.61 32.43
N ASN H 124 38.16 30.07 32.07
CA ASN H 124 38.72 31.24 32.76
C ASN H 124 37.91 32.47 32.38
N MET H 125 37.66 33.27 33.41
CA MET H 125 36.80 34.43 33.29
C MET H 125 37.19 35.39 32.15
N GLU H 126 38.49 35.57 31.88
CA GLU H 126 38.91 36.49 30.81
C GLU H 126 38.54 35.99 29.41
N ASP H 127 38.14 34.72 29.36
CA ASP H 127 37.76 34.09 28.11
C ASP H 127 36.24 34.14 27.89
N LEU H 128 35.50 34.84 28.76
CA LEU H 128 34.04 34.84 28.67
C LEU H 128 33.52 36.24 28.44
N ARG H 129 34.40 37.01 27.81
CA ARG H 129 34.15 38.43 27.56
C ARG H 129 35.18 38.82 26.53
N GLY H 130 35.01 40.02 25.99
CA GLY H 130 35.93 40.56 24.99
C GLY H 130 35.97 39.66 23.77
N ARG H 131 37.17 39.55 23.20
CA ARG H 131 37.31 39.01 21.84
C ARG H 131 37.66 37.54 21.91
N PHE H 132 36.80 36.71 21.29
CA PHE H 132 37.04 35.29 21.17
C PHE H 132 38.38 34.99 20.47
N SER H 133 38.78 35.86 19.53
CA SER H 133 39.96 35.54 18.72
C SER H 133 41.21 35.68 19.59
N GLU H 134 41.06 36.25 20.77
CA GLU H 134 42.21 36.38 21.66
C GLU H 134 42.33 35.25 22.71
N THR H 135 41.44 34.26 22.69
CA THR H 135 41.53 33.09 23.57
C THR H 135 42.92 32.40 23.54
N SER H 136 43.51 32.19 24.72
CA SER H 136 44.74 31.39 24.83
C SER H 136 44.48 29.90 24.66
N ARG H 137 45.53 29.19 24.28
CA ARG H 137 45.44 27.80 23.97
C ARG H 137 45.10 27.09 25.29
N GLU H 138 45.75 27.56 26.34
CA GLU H 138 45.50 27.03 27.68
C GLU H 138 44.02 27.14 28.06
N GLY H 139 43.45 28.34 27.93
CA GLY H 139 42.06 28.55 28.29
C GLY H 139 41.13 27.75 27.41
N PHE H 140 41.46 27.67 26.11
CA PHE H 140 40.67 26.91 25.21
C PHE H 140 40.67 25.41 25.56
N LEU H 141 41.83 24.85 25.90
CA LEU H 141 41.92 23.43 26.19
C LEU H 141 41.30 23.14 27.57
N LEU H 142 41.47 24.05 28.53
CA LEU H 142 40.84 23.86 29.85
C LEU H 142 39.31 23.71 29.74
N ALA H 143 38.70 24.47 28.84
CA ALA H 143 37.28 24.47 28.80
C ALA H 143 36.81 23.19 28.09
N GLN H 144 37.44 22.80 26.99
CA GLN H 144 37.24 21.48 26.38
C GLN H 144 37.38 20.32 27.38
N ASP H 145 38.46 20.37 28.13
CA ASP H 145 38.80 19.34 29.13
C ASP H 145 37.68 19.15 30.15
N ILE H 146 37.31 20.23 30.84
CA ILE H 146 36.33 20.16 31.90
C ILE H 146 34.88 20.06 31.37
N SER H 147 34.61 20.70 30.23
CA SER H 147 33.21 20.91 29.79
C SER H 147 32.72 19.88 28.75
N SER H 148 33.67 19.16 28.16
CA SER H 148 33.33 18.22 27.12
C SER H 148 33.95 16.85 27.40
N TYR H 149 35.27 16.76 27.57
CA TYR H 149 35.90 15.43 27.65
C TYR H 149 35.39 14.72 28.90
N SER H 150 35.08 15.51 29.93
CA SER H 150 34.69 14.92 31.21
C SER H 150 33.48 14.03 31.05
N LEU H 151 32.60 14.33 30.09
CA LEU H 151 31.45 13.45 29.78
C LEU H 151 31.87 12.12 29.18
N THR H 152 32.84 12.13 28.28
CA THR H 152 33.39 10.88 27.71
C THR H 152 33.87 9.89 28.76
N ILE H 153 34.69 10.37 29.70
CA ILE H 153 35.26 9.51 30.72
C ILE H 153 34.23 9.16 31.81
N VAL H 154 33.41 10.12 32.20
CA VAL H 154 32.32 9.80 33.11
C VAL H 154 31.43 8.69 32.54
N ALA H 155 31.13 8.80 31.26
CA ALA H 155 30.33 7.80 30.53
C ALA H 155 31.03 6.44 30.51
N HIS H 156 32.32 6.42 30.21
CA HIS H 156 33.10 5.18 30.21
C HIS H 156 33.03 4.52 31.60
N GLU H 157 33.12 5.33 32.63
CA GLU H 157 33.21 4.77 33.98
C GLU H 157 31.84 4.41 34.51
N ALA H 158 30.85 5.28 34.28
CA ALA H 158 29.44 5.06 34.67
C ALA H 158 28.86 3.79 34.05
N LYS H 159 29.25 3.53 32.80
CA LYS H 159 28.78 2.39 32.05
C LYS H 159 29.03 1.08 32.80
N LYS H 160 30.13 1.00 33.55
CA LYS H 160 30.43 -0.19 34.33
C LYS H 160 29.35 -0.46 35.38
N LEU H 161 28.61 0.57 35.76
CA LEU H 161 27.59 0.44 36.81
C LEU H 161 26.19 0.36 36.21
N MET H 162 26.13 0.19 34.88
CA MET H 162 24.88 0.09 34.17
C MET H 162 24.82 -1.18 33.28
N PRO H 163 25.00 -2.37 33.88
CA PRO H 163 25.03 -3.52 33.00
C PRO H 163 23.72 -3.70 32.23
N GLU H 164 22.58 -3.29 32.78
CA GLU H 164 21.38 -3.41 31.96
C GLU H 164 20.95 -2.19 31.18
N GLY H 165 21.78 -1.19 30.98
CA GLY H 165 21.31 0.03 30.29
C GLY H 165 21.09 1.16 31.28
N GLY H 166 20.78 2.34 30.77
CA GLY H 166 20.74 3.47 31.68
C GLY H 166 20.68 4.72 30.83
N SER H 167 20.79 5.88 31.44
CA SER H 167 20.56 7.11 30.70
C SER H 167 21.53 8.18 31.19
N ILE H 168 22.16 8.90 30.27
CA ILE H 168 23.13 9.93 30.65
C ILE H 168 22.73 11.27 30.03
N VAL H 169 22.71 12.32 30.85
CA VAL H 169 22.23 13.62 30.41
C VAL H 169 23.25 14.68 30.73
N ALA H 170 23.67 15.47 29.75
CA ALA H 170 24.54 16.61 30.02
C ALA H 170 23.78 17.93 29.82
N THR H 171 24.37 19.03 30.27
CA THR H 171 23.70 20.35 30.25
C THR H 171 24.43 21.25 29.29
N THR H 172 23.75 21.66 28.23
CA THR H 172 24.39 22.53 27.27
C THR H 172 23.66 23.88 27.09
N TYR H 173 24.17 24.72 26.20
CA TYR H 173 23.53 25.99 26.01
C TYR H 173 23.51 26.27 24.50
N LEU H 174 22.50 27.02 24.08
CA LEU H 174 22.31 27.40 22.70
C LEU H 174 23.58 28.01 22.11
N GLY H 175 24.45 28.59 22.95
CA GLY H 175 25.75 29.05 22.50
C GLY H 175 26.61 27.99 21.81
N GLY H 176 26.28 26.71 21.93
CA GLY H 176 27.08 25.71 21.23
C GLY H 176 26.58 25.50 19.81
N GLU H 177 25.44 26.12 19.47
CA GLU H 177 24.78 25.92 18.19
C GLU H 177 24.86 27.20 17.38
N PHE H 178 24.92 28.34 18.06
CA PHE H 178 25.01 29.64 17.41
C PHE H 178 26.09 30.42 18.13
N ALA H 179 26.73 31.36 17.43
CA ALA H 179 27.61 32.30 18.14
C ALA H 179 26.82 33.35 18.94
N VAL H 180 27.11 33.45 20.23
CA VAL H 180 26.36 34.27 21.16
C VAL H 180 27.45 35.15 21.78
N GLN H 181 27.25 36.46 21.81
CA GLN H 181 28.13 37.43 22.43
C GLN H 181 28.75 36.94 23.74
N ASN H 182 30.05 37.15 23.91
CA ASN H 182 30.78 36.86 25.16
C ASN H 182 30.91 35.40 25.55
N TYR H 183 30.04 34.54 25.08
CA TYR H 183 30.08 33.17 25.55
C TYR H 183 31.33 32.41 25.06
N ASN H 184 31.83 32.82 23.90
CA ASN H 184 33.21 32.59 23.46
C ASN H 184 33.71 31.16 23.62
N VAL H 185 34.73 30.93 24.43
CA VAL H 185 35.36 29.62 24.54
C VAL H 185 34.37 28.54 24.98
N MET H 186 33.36 28.95 25.72
CA MET H 186 32.41 28.01 26.26
C MET H 186 31.43 27.60 25.17
N GLY H 187 31.19 28.49 24.20
CA GLY H 187 30.41 28.10 23.04
C GLY H 187 31.06 27.00 22.20
N VAL H 188 32.37 27.11 21.98
CA VAL H 188 33.09 26.06 21.26
C VAL H 188 33.15 24.78 22.13
N ALA H 189 33.27 24.95 23.44
CA ALA H 189 33.21 23.79 24.33
C ALA H 189 31.82 23.13 24.33
N LYS H 190 30.73 23.90 24.29
CA LYS H 190 29.40 23.30 24.20
C LYS H 190 29.15 22.62 22.86
N ALA H 191 29.70 23.16 21.77
CA ALA H 191 29.46 22.53 20.48
C ALA H 191 30.13 21.17 20.54
N SER H 192 31.37 21.18 21.03
CA SER H 192 32.11 19.97 21.30
C SER H 192 31.33 18.99 22.18
N LEU H 193 30.67 19.48 23.23
CA LEU H 193 29.94 18.61 24.18
C LEU H 193 28.70 18.01 23.53
N GLU H 194 28.08 18.78 22.63
CA GLU H 194 26.88 18.34 21.99
C GLU H 194 27.18 17.21 20.94
N ALA H 195 28.26 17.36 20.16
CA ALA H 195 28.79 16.22 19.40
C ALA H 195 29.17 15.01 20.27
N ASN H 196 29.74 15.25 21.44
CA ASN H 196 30.22 14.19 22.32
C ASN H 196 29.03 13.29 22.71
N VAL H 197 27.91 13.96 22.96
CA VAL H 197 26.62 13.35 23.13
C VAL H 197 26.18 12.47 21.95
N LYS H 198 26.24 13.01 20.72
CA LYS H 198 25.91 12.21 19.57
C LYS H 198 26.84 10.98 19.45
N TYR H 199 28.13 11.16 19.75
CA TYR H 199 29.05 10.04 19.59
C TYR H 199 28.90 8.99 20.68
N LEU H 200 28.71 9.40 21.94
CA LEU H 200 28.39 8.45 22.97
C LEU H 200 27.05 7.73 22.71
N ALA H 201 26.10 8.40 22.05
CA ALA H 201 24.79 7.79 21.90
C ALA H 201 24.98 6.64 20.95
N LEU H 202 25.79 6.89 19.91
CA LEU H 202 25.99 5.94 18.83
C LEU H 202 26.77 4.73 19.39
N ASP H 203 27.84 5.01 20.13
CA ASP H 203 28.71 4.01 20.75
C ASP H 203 27.97 3.21 21.86
N LEU H 204 27.27 3.89 22.76
CA LEU H 204 26.70 3.21 23.92
C LEU H 204 25.30 2.66 23.63
N GLY H 205 24.70 3.09 22.51
CA GLY H 205 23.35 2.64 22.19
C GLY H 205 23.13 1.12 22.28
N PRO H 206 24.05 0.32 21.69
CA PRO H 206 23.95 -1.14 21.73
C PRO H 206 23.97 -1.72 23.14
N ASP H 207 24.48 -0.97 24.12
CA ASP H 207 24.46 -1.36 25.52
C ASP H 207 23.21 -0.81 26.21
N ASN H 208 22.35 -0.17 25.42
CA ASN H 208 21.10 0.37 25.92
C ASN H 208 21.34 1.46 26.93
N ILE H 209 22.34 2.30 26.65
CA ILE H 209 22.59 3.44 27.50
C ILE H 209 22.24 4.58 26.56
N ARG H 210 21.28 5.41 26.98
CA ARG H 210 20.89 6.54 26.11
C ARG H 210 21.72 7.75 26.51
N VAL H 211 22.10 8.61 25.56
CA VAL H 211 22.86 9.77 25.98
C VAL H 211 22.20 10.97 25.32
N ASN H 212 21.87 11.97 26.13
CA ASN H 212 21.14 13.15 25.67
C ASN H 212 21.66 14.44 26.34
N ALA H 213 21.26 15.59 25.81
CA ALA H 213 21.57 16.91 26.37
C ALA H 213 20.28 17.65 26.67
N ILE H 214 20.33 18.54 27.67
CA ILE H 214 19.29 19.56 27.83
C ILE H 214 20.03 20.84 27.63
N SER H 215 19.49 21.64 26.70
CA SER H 215 19.96 22.98 26.40
C SER H 215 19.16 23.98 27.22
N ALA H 216 19.68 24.34 28.40
CA ALA H 216 18.92 25.18 29.29
C ALA H 216 18.97 26.61 28.79
N GLY H 217 17.88 27.35 29.02
CA GLY H 217 17.90 28.79 28.82
C GLY H 217 18.70 29.45 29.93
N PRO H 218 18.83 30.78 29.89
CA PRO H 218 19.67 31.40 30.93
C PRO H 218 19.03 31.40 32.34
N ILE H 219 19.86 31.10 33.33
CA ILE H 219 19.47 30.90 34.70
C ILE H 219 20.57 31.49 35.55
N ARG H 220 20.17 32.31 36.52
CA ARG H 220 21.11 32.92 37.46
C ARG H 220 21.76 31.86 38.38
N THR H 221 23.04 31.60 38.15
CA THR H 221 23.84 30.66 38.93
C THR H 221 25.20 31.28 39.17
N LEU H 222 25.98 30.64 40.03
CA LEU H 222 27.32 31.09 40.37
C LEU H 222 28.22 31.08 39.15
N SER H 223 28.04 30.12 38.24
CA SER H 223 28.79 30.13 36.99
C SER H 223 28.32 31.24 36.06
N ALA H 224 27.01 31.44 36.02
CA ALA H 224 26.42 32.51 35.20
C ALA H 224 27.03 33.89 35.48
N LYS H 225 27.49 34.10 36.71
CA LYS H 225 28.02 35.39 37.17
C LYS H 225 29.27 35.72 36.37
N GLY H 226 30.03 34.69 36.02
CA GLY H 226 31.25 34.88 35.25
C GLY H 226 31.13 35.14 33.76
N VAL H 227 29.93 35.04 33.19
CA VAL H 227 29.72 35.28 31.75
C VAL H 227 29.45 36.75 31.49
N GLY H 228 30.20 37.36 30.57
CA GLY H 228 29.97 38.76 30.26
C GLY H 228 28.54 38.98 29.76
N GLY H 229 27.88 40.02 30.26
CA GLY H 229 26.57 40.45 29.73
C GLY H 229 25.38 39.53 30.00
N PHE H 230 25.54 38.62 30.95
CA PHE H 230 24.46 37.71 31.34
C PHE H 230 23.09 38.35 31.62
N ASN H 231 23.04 39.48 32.33
CA ASN H 231 21.74 40.08 32.58
C ASN H 231 21.04 40.50 31.29
N THR H 232 21.81 40.85 30.26
CA THR H 232 21.18 41.27 29.02
C THR H 232 20.64 40.05 28.29
N ILE H 233 21.34 38.92 28.40
CA ILE H 233 20.83 37.68 27.83
C ILE H 233 19.49 37.30 28.50
N LEU H 234 19.42 37.44 29.83
CA LEU H 234 18.21 37.21 30.62
C LEU H 234 16.99 37.99 30.12
N LYS H 235 17.15 39.30 30.00
CA LYS H 235 16.10 40.18 29.57
C LYS H 235 15.64 39.89 28.14
N GLU H 236 16.58 39.53 27.27
CA GLU H 236 16.21 39.20 25.91
C GLU H 236 15.24 38.00 25.83
N ILE H 237 15.50 36.92 26.57
CA ILE H 237 14.50 35.85 26.69
C ILE H 237 13.10 36.35 27.04
N GLU H 238 12.95 37.16 28.10
CA GLU H 238 11.62 37.58 28.50
C GLU H 238 10.96 38.30 27.37
N GLU H 239 11.73 39.05 26.59
CA GLU H 239 11.07 39.93 25.64
C GLU H 239 10.77 39.22 24.31
N ARG H 240 11.60 38.23 23.96
CA ARG H 240 11.59 37.65 22.61
CA ARG H 240 11.56 37.66 22.62
C ARG H 240 11.18 36.18 22.56
N ALA H 241 11.45 35.37 23.58
CA ALA H 241 11.11 33.95 23.48
C ALA H 241 9.59 33.74 23.37
N PRO H 242 9.12 32.63 22.73
CA PRO H 242 7.67 32.37 22.72
C PRO H 242 6.92 32.46 24.07
N LEU H 243 7.44 31.88 25.15
CA LEU H 243 6.70 31.92 26.41
C LEU H 243 6.87 33.23 27.13
N LYS H 244 7.68 34.12 26.56
CA LYS H 244 7.85 35.45 27.13
C LYS H 244 8.24 35.38 28.60
N ARG H 245 9.08 34.41 29.00
CA ARG H 245 9.50 34.36 30.40
C ARG H 245 10.77 33.55 30.46
N ASN H 246 11.46 33.61 31.60
CA ASN H 246 12.64 32.80 31.77
C ASN H 246 12.30 31.42 32.32
N VAL H 247 13.23 30.47 32.19
CA VAL H 247 13.07 29.16 32.81
C VAL H 247 13.76 29.10 34.19
N ASP H 248 13.52 28.04 34.96
CA ASP H 248 14.33 27.83 36.16
C ASP H 248 14.86 26.40 36.27
N GLN H 249 15.65 26.19 37.31
CA GLN H 249 16.36 24.95 37.55
C GLN H 249 15.39 23.75 37.59
N VAL H 250 14.21 23.99 38.17
CA VAL H 250 13.24 22.93 38.34
C VAL H 250 12.67 22.51 36.96
N GLU H 251 12.50 23.47 36.04
CA GLU H 251 12.05 23.11 34.70
C GLU H 251 13.08 22.23 34.01
N VAL H 252 14.37 22.53 34.17
CA VAL H 252 15.44 21.61 33.76
C VAL H 252 15.28 20.22 34.43
N GLY H 253 15.15 20.19 35.74
CA GLY H 253 15.01 18.94 36.49
C GLY H 253 13.85 18.07 36.05
N LYS H 254 12.78 18.72 35.58
CA LYS H 254 11.59 18.03 35.06
C LYS H 254 11.85 17.36 33.74
N THR H 255 12.51 18.06 32.82
CA THR H 255 12.94 17.48 31.58
C THR H 255 14.09 16.45 31.84
N ALA H 256 14.98 16.73 32.80
CA ALA H 256 15.95 15.71 33.21
C ALA H 256 15.25 14.42 33.62
N ALA H 257 14.14 14.52 34.35
CA ALA H 257 13.48 13.33 34.86
C ALA H 257 12.83 12.55 33.71
N TYR H 258 12.22 13.27 32.76
CA TYR H 258 11.83 12.65 31.47
C TYR H 258 12.98 11.85 30.87
N LEU H 259 14.09 12.54 30.63
CA LEU H 259 15.27 11.97 29.96
C LEU H 259 15.93 10.80 30.72
N LEU H 260 15.84 10.82 32.04
CA LEU H 260 16.49 9.80 32.85
C LEU H 260 15.62 8.56 33.08
N SER H 261 14.37 8.62 32.61
CA SER H 261 13.43 7.56 32.88
C SER H 261 13.04 6.88 31.57
N ASP H 262 12.29 5.82 31.77
CA ASP H 262 11.73 5.03 30.68
C ASP H 262 10.71 5.84 29.88
N LEU H 263 10.29 7.02 30.35
CA LEU H 263 9.40 7.82 29.49
C LEU H 263 10.06 8.16 28.17
N SER H 264 11.37 8.34 28.20
CA SER H 264 12.08 8.70 26.98
C SER H 264 12.79 7.52 26.34
N SER H 265 12.32 6.30 26.61
N SER H 265 12.27 6.30 26.52
CA SER H 265 12.85 5.20 25.82
CA SER H 265 13.02 5.10 26.12
C SER H 265 12.61 5.59 24.35
C SER H 265 13.54 5.04 24.67
N GLY H 266 13.49 5.14 23.48
N GLY H 266 12.84 5.67 23.72
CA GLY H 266 13.46 5.55 22.07
CA GLY H 266 13.21 5.65 22.29
C GLY H 266 14.22 6.84 21.79
C GLY H 266 14.04 6.85 21.86
N VAL H 267 14.51 7.60 22.86
CA VAL H 267 15.11 8.92 22.65
C VAL H 267 16.59 8.89 23.02
N THR H 268 17.46 9.05 22.02
CA THR H 268 18.87 9.12 22.33
C THR H 268 19.60 10.01 21.32
N GLY H 269 20.72 10.59 21.73
CA GLY H 269 21.44 11.46 20.80
C GLY H 269 20.65 12.74 20.63
N GLU H 270 19.74 13.05 21.55
CA GLU H 270 18.87 14.21 21.37
C GLU H 270 19.35 15.40 22.20
N ASN H 271 19.02 16.60 21.71
CA ASN H 271 19.20 17.85 22.44
C ASN H 271 17.85 18.57 22.64
N ILE H 272 17.35 18.61 23.88
CA ILE H 272 16.04 19.15 24.18
C ILE H 272 16.23 20.52 24.79
N HIS H 273 15.63 21.51 24.14
CA HIS H 273 15.77 22.89 24.60
C HIS H 273 14.73 23.18 25.64
N VAL H 274 15.17 23.52 26.84
CA VAL H 274 14.25 23.99 27.86
C VAL H 274 14.53 25.49 28.05
N ASP H 275 13.99 26.30 27.15
CA ASP H 275 14.41 27.70 27.03
C ASP H 275 13.27 28.63 26.61
N SER H 276 12.04 28.25 26.88
CA SER H 276 10.91 29.09 26.51
C SER H 276 10.68 29.25 25.01
N GLY H 277 11.26 28.34 24.23
CA GLY H 277 11.10 28.35 22.76
C GLY H 277 12.07 29.26 22.02
N PHE H 278 13.05 29.79 22.73
CA PHE H 278 13.94 30.78 22.16
C PHE H 278 14.76 30.20 21.03
N HIS H 279 15.12 28.92 21.12
CA HIS H 279 15.88 28.27 20.05
C HIS H 279 15.12 28.30 18.73
N ALA H 280 13.80 28.43 18.79
CA ALA H 280 12.96 28.17 17.61
C ALA H 280 12.73 29.45 16.83
N ILE H 281 13.20 30.55 17.39
CA ILE H 281 12.89 31.85 16.84
C ILE H 281 14.18 32.56 16.46
N LYS H 282 14.05 33.52 15.55
CA LYS H 282 15.12 34.41 15.16
C LYS H 282 14.57 35.80 14.84
#